data_1G25
#
_entry.id   1G25
#
_cell.length_a   1.000
_cell.length_b   1.000
_cell.length_c   1.000
_cell.angle_alpha   90.00
_cell.angle_beta   90.00
_cell.angle_gamma   90.00
#
_symmetry.space_group_name_H-M   'P 1'
#
loop_
_entity.id
_entity.type
_entity.pdbx_description
1 polymer 'CDK-ACTIVATING KINASE ASSEMBLY FACTOR MAT1'
2 non-polymer 'ZINC ION'
#
_entity_poly.entity_id   1
_entity_poly.type   'polypeptide(L)'
_entity_poly.pdbx_seq_one_letter_code
;MDDQGCPRCKTTKYRNPSLKLMVNVCGHTLCESCVDLLFVRGAGNCPECGTPLRKSNFRVQLFED
;
_entity_poly.pdbx_strand_id   A
#
loop_
_chem_comp.id
_chem_comp.type
_chem_comp.name
_chem_comp.formula
ZN non-polymer 'ZINC ION' 'Zn 2'
#
# COMPACT_ATOMS: atom_id res chain seq x y z
N MET A 1 1.87 -4.36 -13.90
CA MET A 1 1.14 -4.85 -12.69
C MET A 1 2.13 -5.39 -11.65
N ASP A 2 3.39 -5.09 -11.82
CA ASP A 2 4.41 -5.58 -10.85
C ASP A 2 5.27 -4.42 -10.34
N ASP A 3 6.00 -3.79 -11.21
CA ASP A 3 6.86 -2.64 -10.79
C ASP A 3 7.88 -3.10 -9.74
N GLN A 4 8.23 -2.25 -8.83
CA GLN A 4 9.22 -2.62 -7.78
C GLN A 4 8.61 -3.67 -6.83
N GLY A 5 7.35 -3.94 -6.94
CA GLY A 5 6.72 -4.93 -6.04
C GLY A 5 6.35 -4.25 -4.71
N CYS A 6 5.19 -4.54 -4.18
CA CYS A 6 4.77 -3.91 -2.90
C CYS A 6 5.95 -3.65 -1.95
N PRO A 7 5.71 -2.76 -1.01
CA PRO A 7 6.72 -2.42 0.01
C PRO A 7 6.60 -3.36 1.23
N ARG A 8 5.51 -3.28 1.95
CA ARG A 8 5.34 -4.16 3.16
C ARG A 8 5.37 -5.63 2.76
N CYS A 9 4.35 -6.10 2.10
CA CYS A 9 4.34 -7.54 1.65
C CYS A 9 4.88 -7.65 0.23
N LYS A 10 6.00 -7.01 -0.06
CA LYS A 10 6.54 -7.02 -1.46
C LYS A 10 6.29 -8.38 -2.13
N THR A 11 5.20 -8.49 -2.86
CA THR A 11 4.92 -9.80 -3.52
C THR A 11 3.68 -9.73 -4.41
N THR A 12 2.64 -9.11 -3.95
CA THR A 12 1.38 -9.08 -4.73
C THR A 12 1.57 -8.72 -6.22
N LYS A 13 1.13 -7.55 -6.64
CA LYS A 13 1.22 -7.17 -8.10
C LYS A 13 2.35 -7.88 -8.85
N TYR A 14 3.49 -8.08 -8.26
CA TYR A 14 4.57 -8.79 -9.00
C TYR A 14 4.15 -10.25 -9.17
N ARG A 15 3.66 -10.85 -8.11
CA ARG A 15 3.16 -12.25 -8.20
C ARG A 15 1.68 -12.20 -8.60
N ASN A 16 0.91 -11.47 -7.84
CA ASN A 16 -0.54 -11.34 -8.13
C ASN A 16 -0.77 -10.39 -9.32
N PRO A 17 -1.40 -10.88 -10.33
CA PRO A 17 -1.68 -10.06 -11.52
C PRO A 17 -3.11 -9.49 -11.48
N SER A 18 -3.57 -9.08 -10.33
CA SER A 18 -4.96 -8.52 -10.26
C SER A 18 -5.18 -7.75 -8.95
N LEU A 19 -4.37 -6.76 -8.69
CA LEU A 19 -4.56 -5.97 -7.42
C LEU A 19 -4.38 -4.46 -7.67
N LYS A 20 -3.81 -3.77 -6.71
CA LYS A 20 -3.57 -2.31 -6.89
C LYS A 20 -2.93 -1.75 -5.62
N LEU A 21 -2.28 -0.62 -5.73
CA LEU A 21 -1.60 -0.04 -4.53
C LEU A 21 -2.32 1.25 -4.09
N MET A 22 -2.53 1.43 -2.81
CA MET A 22 -3.22 2.67 -2.36
C MET A 22 -2.23 3.64 -1.71
N VAL A 23 -2.31 4.89 -2.05
CA VAL A 23 -1.39 5.90 -1.47
C VAL A 23 -2.01 6.49 -0.20
N ASN A 24 -1.25 7.20 0.58
CA ASN A 24 -1.81 7.78 1.83
C ASN A 24 -1.50 9.28 1.93
N VAL A 25 -2.00 9.92 2.96
CA VAL A 25 -1.78 11.38 3.15
C VAL A 25 -0.39 11.83 2.65
N CYS A 26 0.67 11.52 3.35
CA CYS A 26 2.02 11.95 2.87
C CYS A 26 2.16 11.69 1.38
N GLY A 27 1.40 10.75 0.85
CA GLY A 27 1.47 10.44 -0.60
C GLY A 27 2.64 9.48 -0.85
N HIS A 28 2.45 8.22 -0.57
CA HIS A 28 3.56 7.25 -0.80
C HIS A 28 3.05 6.04 -1.57
N THR A 29 2.75 4.95 -0.91
CA THR A 29 2.27 3.75 -1.65
C THR A 29 1.97 2.59 -0.69
N LEU A 30 0.85 1.95 -0.87
CA LEU A 30 0.47 0.79 -0.01
C LEU A 30 -0.21 -0.27 -0.86
N CYS A 31 0.52 -1.23 -1.32
CA CYS A 31 -0.09 -2.27 -2.19
C CYS A 31 -1.43 -2.73 -1.63
N GLU A 32 -2.12 -3.52 -2.38
CA GLU A 32 -3.43 -4.04 -1.89
C GLU A 32 -3.20 -4.92 -0.66
N SER A 33 -2.17 -5.74 -0.71
CA SER A 33 -1.86 -6.63 0.45
C SER A 33 -1.29 -5.82 1.62
N CYS A 34 -1.00 -4.55 1.47
CA CYS A 34 -0.47 -3.78 2.63
C CYS A 34 -1.63 -3.31 3.49
N VAL A 35 -2.51 -2.54 2.93
CA VAL A 35 -3.68 -2.06 3.72
C VAL A 35 -4.24 -3.21 4.56
N ASP A 36 -4.04 -4.42 4.13
CA ASP A 36 -4.54 -5.58 4.92
C ASP A 36 -3.63 -5.89 6.12
N LEU A 37 -2.35 -5.99 5.91
CA LEU A 37 -1.43 -6.30 7.05
C LEU A 37 -0.98 -5.02 7.77
N LEU A 38 -1.01 -3.91 7.10
CA LEU A 38 -0.57 -2.63 7.73
C LEU A 38 -1.53 -2.24 8.87
N PHE A 39 -2.80 -2.37 8.64
CA PHE A 39 -3.80 -1.96 9.68
C PHE A 39 -4.12 -3.09 10.64
N VAL A 40 -4.31 -4.28 10.14
CA VAL A 40 -4.64 -5.42 11.04
C VAL A 40 -3.56 -5.56 12.11
N ARG A 41 -2.42 -4.95 11.90
CA ARG A 41 -1.32 -5.06 12.90
C ARG A 41 -1.02 -3.69 13.54
N GLY A 42 -1.74 -2.66 13.16
CA GLY A 42 -1.46 -1.33 13.77
C GLY A 42 -2.38 -0.26 13.19
N ALA A 43 -2.37 -0.07 11.90
CA ALA A 43 -3.25 0.99 11.28
C ALA A 43 -2.80 2.37 11.75
N GLY A 44 -2.19 3.13 10.88
CA GLY A 44 -1.74 4.50 11.28
C GLY A 44 -0.22 4.59 11.12
N ASN A 45 0.33 3.89 10.16
CA ASN A 45 1.81 3.94 9.96
C ASN A 45 2.15 3.73 8.47
N CYS A 46 2.49 4.78 7.79
CA CYS A 46 2.84 4.64 6.34
C CYS A 46 3.72 3.41 6.12
N PRO A 47 3.50 2.77 5.01
CA PRO A 47 4.29 1.56 4.66
C PRO A 47 5.76 1.91 4.45
N GLU A 48 6.10 3.16 4.48
CA GLU A 48 7.54 3.53 4.26
C GLU A 48 7.99 4.70 5.16
N CYS A 49 7.35 5.84 5.11
CA CYS A 49 7.81 6.97 6.00
C CYS A 49 7.06 6.93 7.34
N GLY A 50 6.45 5.82 7.64
CA GLY A 50 5.73 5.66 8.93
C GLY A 50 5.01 6.95 9.35
N THR A 51 4.66 7.81 8.41
CA THR A 51 3.95 9.05 8.82
C THR A 51 2.75 8.67 9.69
N PRO A 52 2.48 9.50 10.67
CA PRO A 52 1.35 9.24 11.59
C PRO A 52 0.02 9.44 10.86
N LEU A 53 -0.40 8.50 10.06
CA LEU A 53 -1.68 8.64 9.34
C LEU A 53 -2.78 9.09 10.31
N ARG A 54 -3.29 10.27 10.12
CA ARG A 54 -4.37 10.77 11.04
C ARG A 54 -5.39 9.66 11.31
N LYS A 55 -5.51 8.72 10.42
CA LYS A 55 -6.50 7.61 10.62
C LYS A 55 -6.61 6.79 9.34
N SER A 56 -5.77 5.80 9.20
CA SER A 56 -5.80 4.96 7.99
C SER A 56 -5.57 5.81 6.72
N ASN A 57 -6.50 5.83 5.80
CA ASN A 57 -6.34 6.63 4.54
C ASN A 57 -5.43 5.90 3.54
N PHE A 58 -6.02 5.29 2.55
CA PHE A 58 -5.22 4.57 1.50
C PHE A 58 -6.04 4.53 0.21
N ARG A 59 -5.71 5.40 -0.71
CA ARG A 59 -6.49 5.44 -2.00
C ARG A 59 -5.87 4.49 -3.02
N VAL A 60 -6.49 3.36 -3.23
CA VAL A 60 -5.95 2.35 -4.18
C VAL A 60 -6.45 2.59 -5.61
N GLN A 61 -5.69 2.12 -6.56
CA GLN A 61 -6.06 2.28 -7.99
C GLN A 61 -4.99 1.63 -8.88
N LEU A 62 -5.25 1.51 -10.15
CA LEU A 62 -4.24 0.88 -11.05
C LEU A 62 -4.71 0.95 -12.51
N PHE A 63 -5.97 0.74 -12.75
CA PHE A 63 -6.49 0.80 -14.14
C PHE A 63 -6.03 2.10 -14.82
N GLU A 64 -6.46 3.22 -14.31
CA GLU A 64 -6.05 4.52 -14.92
C GLU A 64 -6.50 4.58 -16.38
N ASP A 65 -7.69 5.08 -16.64
CA ASP A 65 -8.18 5.17 -18.04
C ASP A 65 -9.39 6.10 -18.12
ZN ZN B . 2.04 -4.91 0.51
ZN ZN C . 4.55 8.14 3.77
N MET A 1 2.58 0.63 -12.45
CA MET A 1 1.67 -0.06 -11.49
C MET A 1 2.49 -0.91 -10.51
N ASP A 2 2.83 -2.11 -10.88
CA ASP A 2 3.64 -2.98 -9.97
C ASP A 2 5.09 -2.49 -9.94
N ASP A 3 5.40 -1.46 -10.68
CA ASP A 3 6.79 -0.93 -10.72
C ASP A 3 7.44 -1.00 -9.33
N GLN A 4 7.37 0.05 -8.56
CA GLN A 4 7.98 0.03 -7.20
C GLN A 4 7.74 -1.33 -6.54
N GLY A 5 6.65 -1.97 -6.89
CA GLY A 5 6.34 -3.30 -6.32
C GLY A 5 6.24 -3.23 -4.80
N CYS A 6 5.20 -3.82 -4.25
CA CYS A 6 4.99 -3.81 -2.78
C CYS A 6 6.32 -3.79 -2.00
N PRO A 7 6.39 -2.90 -1.05
CA PRO A 7 7.58 -2.79 -0.17
C PRO A 7 7.42 -3.67 1.08
N ARG A 8 6.22 -3.79 1.61
CA ARG A 8 6.03 -4.61 2.86
C ARG A 8 5.91 -6.11 2.53
N CYS A 9 4.87 -6.50 1.85
CA CYS A 9 4.70 -7.96 1.51
C CYS A 9 5.12 -8.23 0.06
N LYS A 10 6.28 -7.77 -0.33
CA LYS A 10 6.74 -7.95 -1.75
C LYS A 10 6.20 -9.26 -2.36
N THR A 11 5.07 -9.19 -3.03
CA THR A 11 4.49 -10.43 -3.62
C THR A 11 3.20 -10.13 -4.40
N THR A 12 2.39 -9.25 -3.88
CA THR A 12 1.07 -8.93 -4.52
C THR A 12 1.15 -8.67 -6.03
N LYS A 13 1.14 -7.42 -6.44
CA LYS A 13 1.15 -7.10 -7.90
C LYS A 13 2.02 -8.09 -8.69
N TYR A 14 3.01 -8.68 -8.09
CA TYR A 14 3.81 -9.66 -8.85
C TYR A 14 2.98 -10.95 -8.97
N ARG A 15 2.42 -11.39 -7.88
CA ARG A 15 1.54 -12.60 -7.92
C ARG A 15 0.12 -12.14 -8.20
N ASN A 16 -0.42 -11.36 -7.31
CA ASN A 16 -1.80 -10.83 -7.49
C ASN A 16 -1.83 -9.88 -8.68
N PRO A 17 -2.46 -10.29 -9.74
CA PRO A 17 -2.55 -9.44 -10.93
C PRO A 17 -3.77 -8.51 -10.84
N SER A 18 -4.56 -8.67 -9.82
CA SER A 18 -5.78 -7.81 -9.67
C SER A 18 -5.53 -6.73 -8.61
N LEU A 19 -4.70 -7.01 -7.64
CA LEU A 19 -4.44 -6.00 -6.58
C LEU A 19 -3.55 -4.87 -7.10
N LYS A 20 -3.45 -3.81 -6.36
CA LYS A 20 -2.59 -2.68 -6.78
C LYS A 20 -1.96 -2.02 -5.56
N LEU A 21 -1.63 -0.77 -5.66
CA LEU A 21 -0.99 -0.06 -4.51
C LEU A 21 -1.83 1.17 -4.12
N MET A 22 -1.98 1.43 -2.85
CA MET A 22 -2.78 2.61 -2.44
C MET A 22 -1.86 3.70 -1.90
N VAL A 23 -2.07 4.92 -2.31
CA VAL A 23 -1.20 6.03 -1.85
C VAL A 23 -1.94 6.90 -0.84
N ASN A 24 -1.28 7.88 -0.26
CA ASN A 24 -1.98 8.74 0.73
C ASN A 24 -1.08 9.87 1.25
N VAL A 25 -1.69 10.79 1.94
CA VAL A 25 -0.94 11.94 2.55
C VAL A 25 0.39 12.22 1.82
N CYS A 26 1.50 11.77 2.35
CA CYS A 26 2.80 12.02 1.67
C CYS A 26 2.71 11.70 0.18
N GLY A 27 2.08 10.62 -0.16
CA GLY A 27 1.96 10.25 -1.61
C GLY A 27 3.00 9.18 -1.94
N HIS A 28 2.99 8.09 -1.23
CA HIS A 28 4.00 7.03 -1.51
C HIS A 28 3.36 5.88 -2.31
N THR A 29 3.00 4.78 -1.67
CA THR A 29 2.37 3.66 -2.44
C THR A 29 2.23 2.42 -1.54
N LEU A 30 1.05 1.86 -1.47
CA LEU A 30 0.86 0.65 -0.61
C LEU A 30 0.19 -0.48 -1.36
N CYS A 31 0.90 -1.49 -1.69
CA CYS A 31 0.25 -2.63 -2.38
C CYS A 31 -1.02 -3.00 -1.60
N GLU A 32 -1.84 -3.86 -2.13
CA GLU A 32 -3.08 -4.22 -1.35
C GLU A 32 -2.68 -5.00 -0.09
N SER A 33 -1.75 -5.90 -0.21
CA SER A 33 -1.32 -6.68 0.97
C SER A 33 -0.61 -5.78 2.00
N CYS A 34 -0.22 -4.58 1.62
CA CYS A 34 0.45 -3.71 2.64
C CYS A 34 -0.61 -3.06 3.50
N VAL A 35 -1.34 -2.13 2.93
CA VAL A 35 -2.41 -1.44 3.68
C VAL A 35 -3.11 -2.44 4.61
N ASP A 36 -3.35 -3.64 4.16
CA ASP A 36 -4.01 -4.64 5.03
C ASP A 36 -3.12 -4.95 6.23
N LEU A 37 -1.96 -5.56 6.03
CA LEU A 37 -1.08 -5.83 7.20
C LEU A 37 -0.77 -4.53 7.93
N LEU A 38 -0.48 -3.51 7.20
CA LEU A 38 -0.20 -2.20 7.82
C LEU A 38 -1.29 -1.87 8.86
N PHE A 39 -2.53 -1.93 8.47
CA PHE A 39 -3.63 -1.56 9.42
C PHE A 39 -4.17 -2.72 10.25
N VAL A 40 -4.12 -3.93 9.76
CA VAL A 40 -4.68 -5.05 10.60
C VAL A 40 -4.14 -4.93 12.02
N ARG A 41 -2.99 -4.33 12.17
CA ARG A 41 -2.40 -4.17 13.53
C ARG A 41 -2.92 -2.88 14.15
N GLY A 42 -3.98 -2.34 13.62
CA GLY A 42 -4.54 -1.07 14.15
C GLY A 42 -4.00 0.09 13.33
N ALA A 43 -4.02 -0.01 12.02
CA ALA A 43 -3.49 1.10 11.17
C ALA A 43 -1.97 1.19 11.37
N GLY A 44 -1.39 2.35 11.34
CA GLY A 44 0.08 2.43 11.53
C GLY A 44 0.68 3.48 10.60
N ASN A 45 -0.12 3.97 9.68
CA ASN A 45 0.39 5.02 8.74
C ASN A 45 1.36 4.41 7.73
N CYS A 46 1.87 5.22 6.86
CA CYS A 46 2.81 4.73 5.82
C CYS A 46 3.79 3.70 6.38
N PRO A 47 4.05 2.70 5.59
CA PRO A 47 4.99 1.62 5.95
C PRO A 47 6.42 2.01 5.57
N GLU A 48 6.58 3.05 4.79
CA GLU A 48 7.94 3.46 4.36
C GLU A 48 8.37 4.79 5.00
N CYS A 49 7.45 5.69 5.25
CA CYS A 49 7.86 6.99 5.86
C CYS A 49 7.07 7.23 7.16
N GLY A 50 6.37 6.24 7.62
CA GLY A 50 5.59 6.37 8.89
C GLY A 50 4.99 7.76 9.01
N THR A 51 3.76 7.94 8.60
CA THR A 51 3.12 9.28 8.72
C THR A 51 2.22 9.31 9.95
N PRO A 52 1.79 10.48 10.32
CA PRO A 52 0.91 10.63 11.50
C PRO A 52 -0.55 10.36 11.12
N LEU A 53 -0.89 9.15 10.75
CA LEU A 53 -2.30 8.86 10.38
C LEU A 53 -2.85 7.78 11.31
N ARG A 54 -4.08 7.36 11.13
CA ARG A 54 -4.64 6.31 12.04
C ARG A 54 -6.07 5.93 11.64
N LYS A 55 -6.26 5.40 10.46
CA LYS A 55 -7.62 4.98 10.03
C LYS A 55 -7.60 4.54 8.56
N SER A 56 -6.69 3.67 8.21
CA SER A 56 -6.61 3.20 6.80
C SER A 56 -6.74 4.40 5.84
N ASN A 57 -5.81 5.32 5.93
CA ASN A 57 -5.84 6.52 5.05
C ASN A 57 -5.10 6.25 3.73
N PHE A 58 -5.45 5.20 3.03
CA PHE A 58 -4.71 4.90 1.77
C PHE A 58 -5.69 4.72 0.60
N ARG A 59 -5.47 5.43 -0.47
CA ARG A 59 -6.36 5.31 -1.66
C ARG A 59 -5.74 4.31 -2.64
N VAL A 60 -6.38 3.19 -2.80
CA VAL A 60 -5.82 2.14 -3.71
C VAL A 60 -6.30 2.31 -5.16
N GLN A 61 -5.39 2.16 -6.09
CA GLN A 61 -5.74 2.30 -7.54
C GLN A 61 -4.54 1.86 -8.39
N LEU A 62 -4.69 1.83 -9.68
CA LEU A 62 -3.55 1.40 -10.56
C LEU A 62 -3.93 1.58 -12.03
N PHE A 63 -3.28 2.48 -12.71
CA PHE A 63 -3.61 2.70 -14.16
C PHE A 63 -2.62 3.69 -14.78
N GLU A 64 -2.53 3.69 -16.08
CA GLU A 64 -1.59 4.64 -16.76
C GLU A 64 -2.32 5.92 -17.16
N ASP A 65 -2.88 6.62 -16.21
CA ASP A 65 -3.61 7.87 -16.53
C ASP A 65 -3.03 9.05 -15.72
ZN ZN B . 2.57 -5.23 0.32
ZN ZN C . 4.74 7.95 3.05
N MET A 1 3.85 -0.87 -13.22
CA MET A 1 4.19 -2.14 -13.91
C MET A 1 4.62 -3.21 -12.89
N ASP A 2 3.74 -3.58 -12.01
CA ASP A 2 4.09 -4.60 -10.98
C ASP A 2 5.50 -4.32 -10.42
N ASP A 3 6.50 -4.97 -10.96
CA ASP A 3 7.89 -4.75 -10.45
C ASP A 3 7.89 -4.59 -8.93
N GLN A 4 8.85 -3.90 -8.39
CA GLN A 4 8.88 -3.71 -6.90
C GLN A 4 7.47 -3.36 -6.41
N GLY A 5 6.84 -2.42 -7.04
CA GLY A 5 5.46 -2.02 -6.64
C GLY A 5 5.34 -1.99 -5.12
N CYS A 6 4.71 -2.99 -4.55
CA CYS A 6 4.53 -3.02 -3.08
C CYS A 6 5.85 -2.72 -2.33
N PRO A 7 5.75 -1.85 -1.36
CA PRO A 7 6.90 -1.50 -0.50
C PRO A 7 6.94 -2.40 0.74
N ARG A 8 5.79 -2.70 1.32
CA ARG A 8 5.74 -3.55 2.57
C ARG A 8 5.86 -5.04 2.23
N CYS A 9 4.85 -5.59 1.62
CA CYS A 9 4.88 -7.06 1.27
C CYS A 9 5.27 -7.28 -0.19
N LYS A 10 6.35 -6.69 -0.66
CA LYS A 10 6.76 -6.85 -2.10
C LYS A 10 6.27 -8.18 -2.66
N THR A 11 5.06 -8.22 -3.16
CA THR A 11 4.57 -9.53 -3.67
C THR A 11 3.20 -9.43 -4.33
N THR A 12 2.24 -8.87 -3.67
CA THR A 12 0.85 -8.83 -4.22
C THR A 12 0.85 -8.68 -5.76
N LYS A 13 1.28 -7.61 -6.34
CA LYS A 13 1.26 -7.54 -7.82
C LYS A 13 2.15 -8.66 -8.39
N TYR A 14 3.16 -9.06 -7.66
CA TYR A 14 4.02 -10.19 -8.12
C TYR A 14 3.23 -11.49 -7.95
N ARG A 15 2.53 -11.58 -6.86
CA ARG A 15 1.67 -12.76 -6.57
C ARG A 15 0.30 -12.50 -7.17
N ASN A 16 -0.47 -11.71 -6.48
CA ASN A 16 -1.80 -11.32 -6.98
C ASN A 16 -1.58 -10.70 -8.37
N PRO A 17 -2.29 -11.16 -9.35
CA PRO A 17 -2.14 -10.62 -10.70
C PRO A 17 -3.23 -9.58 -11.02
N SER A 18 -4.22 -9.45 -10.19
CA SER A 18 -5.30 -8.47 -10.49
C SER A 18 -5.37 -7.39 -9.39
N LEU A 19 -4.38 -6.56 -9.30
CA LEU A 19 -4.42 -5.50 -8.25
C LEU A 19 -3.59 -4.28 -8.66
N LYS A 20 -3.21 -3.46 -7.72
CA LYS A 20 -2.32 -2.31 -8.05
C LYS A 20 -1.71 -1.74 -6.78
N LEU A 21 -1.64 -0.44 -6.65
CA LEU A 21 -1.01 0.13 -5.43
C LEU A 21 -1.72 1.42 -4.98
N MET A 22 -2.00 1.54 -3.71
CA MET A 22 -2.67 2.78 -3.23
C MET A 22 -1.63 3.68 -2.56
N VAL A 23 -1.97 4.89 -2.25
CA VAL A 23 -0.99 5.81 -1.61
C VAL A 23 -1.57 6.37 -0.31
N ASN A 24 -0.73 6.91 0.53
CA ASN A 24 -1.23 7.47 1.83
C ASN A 24 -1.13 9.00 1.81
N VAL A 25 -1.62 9.63 2.85
CA VAL A 25 -1.57 11.11 2.90
C VAL A 25 -0.17 11.62 2.50
N CYS A 26 0.84 11.34 3.28
CA CYS A 26 2.21 11.80 2.91
C CYS A 26 2.46 11.56 1.43
N GLY A 27 1.81 10.57 0.87
CA GLY A 27 2.00 10.27 -0.58
C GLY A 27 3.19 9.33 -0.76
N HIS A 28 2.98 8.06 -0.56
CA HIS A 28 4.11 7.10 -0.73
C HIS A 28 3.68 5.87 -1.54
N THR A 29 3.41 4.75 -0.90
CA THR A 29 2.99 3.55 -1.69
C THR A 29 2.44 2.47 -0.76
N LEU A 30 1.31 1.91 -1.10
CA LEU A 30 0.69 0.83 -0.28
C LEU A 30 0.01 -0.16 -1.21
N CYS A 31 0.68 -1.22 -1.59
CA CYS A 31 0.04 -2.19 -2.53
C CYS A 31 -1.29 -2.66 -1.98
N GLU A 32 -1.85 -3.62 -2.62
CA GLU A 32 -3.15 -4.18 -2.13
C GLU A 32 -2.86 -4.93 -0.84
N SER A 33 -1.85 -5.76 -0.87
CA SER A 33 -1.46 -6.55 0.32
C SER A 33 -0.80 -5.67 1.40
N CYS A 34 -0.68 -4.37 1.22
CA CYS A 34 -0.08 -3.55 2.32
C CYS A 34 -1.21 -3.11 3.25
N VAL A 35 -2.18 -2.42 2.71
CA VAL A 35 -3.34 -1.95 3.53
C VAL A 35 -3.77 -3.05 4.51
N ASP A 36 -3.92 -4.25 4.02
CA ASP A 36 -4.37 -5.38 4.90
C ASP A 36 -3.46 -5.55 6.14
N LEU A 37 -2.17 -5.69 5.99
CA LEU A 37 -1.30 -5.89 7.20
C LEU A 37 -0.83 -4.56 7.80
N LEU A 38 -0.48 -3.63 6.97
CA LEU A 38 0.02 -2.31 7.45
C LEU A 38 -0.84 -1.75 8.59
N PHE A 39 -2.10 -1.56 8.34
CA PHE A 39 -2.98 -0.94 9.37
C PHE A 39 -3.62 -1.94 10.33
N VAL A 40 -3.79 -3.18 9.96
CA VAL A 40 -4.42 -4.12 10.94
C VAL A 40 -3.55 -4.21 12.18
N ARG A 41 -2.29 -3.88 12.06
CA ARG A 41 -1.39 -3.94 13.24
C ARG A 41 -1.75 -2.81 14.20
N GLY A 42 -1.53 -1.60 13.79
CA GLY A 42 -1.86 -0.43 14.64
C GLY A 42 -2.60 0.63 13.82
N ALA A 43 -2.92 0.33 12.59
CA ALA A 43 -3.64 1.33 11.75
C ALA A 43 -3.02 2.72 11.94
N GLY A 44 -1.75 2.87 11.68
CA GLY A 44 -1.10 4.19 11.86
C GLY A 44 0.41 4.05 11.65
N ASN A 45 0.82 3.78 10.43
CA ASN A 45 2.29 3.65 10.16
C ASN A 45 2.53 3.43 8.67
N CYS A 46 2.64 4.50 7.93
CA CYS A 46 2.90 4.40 6.46
C CYS A 46 3.85 3.24 6.17
N PRO A 47 3.63 2.61 5.07
CA PRO A 47 4.47 1.46 4.64
C PRO A 47 5.93 1.90 4.42
N GLU A 48 6.21 3.17 4.49
CA GLU A 48 7.63 3.61 4.28
C GLU A 48 8.05 4.76 5.23
N CYS A 49 7.17 5.66 5.62
CA CYS A 49 7.61 6.76 6.53
C CYS A 49 6.78 6.76 7.83
N GLY A 50 6.06 5.70 8.09
CA GLY A 50 5.24 5.62 9.34
C GLY A 50 4.68 6.99 9.70
N THR A 51 3.85 7.55 8.87
CA THR A 51 3.26 8.88 9.18
C THR A 51 2.03 8.70 10.08
N PRO A 52 1.47 9.80 10.51
CA PRO A 52 0.28 9.74 11.40
C PRO A 52 -0.95 9.25 10.63
N LEU A 53 -1.11 7.96 10.52
CA LEU A 53 -2.29 7.40 9.78
C LEU A 53 -3.27 6.76 10.77
N ARG A 54 -3.85 7.54 11.63
CA ARG A 54 -4.83 6.97 12.61
C ARG A 54 -6.22 6.86 11.98
N LYS A 55 -6.30 6.46 10.75
CA LYS A 55 -7.62 6.34 10.09
C LYS A 55 -7.50 5.48 8.82
N SER A 56 -6.51 4.64 8.74
CA SER A 56 -6.34 3.78 7.54
C SER A 56 -6.62 4.58 6.27
N ASN A 57 -5.61 5.17 5.67
CA ASN A 57 -5.83 5.96 4.43
C ASN A 57 -5.05 5.38 3.26
N PHE A 58 -5.72 5.04 2.19
CA PHE A 58 -4.99 4.47 1.01
C PHE A 58 -5.68 4.89 -0.29
N ARG A 59 -5.03 5.65 -1.10
CA ARG A 59 -5.65 6.05 -2.41
C ARG A 59 -5.26 4.99 -3.43
N VAL A 60 -6.10 4.01 -3.62
CA VAL A 60 -5.77 2.90 -4.57
C VAL A 60 -6.19 3.20 -6.00
N GLN A 61 -5.32 2.88 -6.92
CA GLN A 61 -5.62 3.07 -8.35
C GLN A 61 -5.40 1.74 -9.05
N LEU A 62 -6.35 1.27 -9.81
CA LEU A 62 -6.19 -0.05 -10.49
C LEU A 62 -6.26 0.14 -12.01
N PHE A 63 -5.94 1.30 -12.50
CA PHE A 63 -5.99 1.53 -13.97
C PHE A 63 -4.82 2.42 -14.41
N GLU A 64 -3.67 1.84 -14.63
CA GLU A 64 -2.50 2.64 -15.06
C GLU A 64 -2.48 2.78 -16.59
N ASP A 65 -3.55 2.40 -17.24
CA ASP A 65 -3.60 2.50 -18.73
C ASP A 65 -2.25 2.10 -19.34
ZN ZN B . 2.38 -4.63 0.12
ZN ZN C . 4.64 7.94 3.93
N MET A 1 4.13 -0.80 -13.01
CA MET A 1 3.40 -2.02 -12.56
C MET A 1 4.38 -3.00 -11.89
N ASP A 2 4.07 -3.43 -10.70
CA ASP A 2 4.98 -4.39 -10.00
C ASP A 2 6.39 -3.80 -9.91
N ASP A 3 7.37 -4.61 -9.64
CA ASP A 3 8.77 -4.09 -9.54
C ASP A 3 8.84 -2.97 -8.50
N GLN A 4 9.46 -3.21 -7.38
CA GLN A 4 9.56 -2.15 -6.34
C GLN A 4 8.17 -1.79 -5.81
N GLY A 5 7.18 -2.57 -6.16
CA GLY A 5 5.81 -2.29 -5.69
C GLY A 5 5.71 -2.58 -4.19
N CYS A 6 4.78 -3.41 -3.80
CA CYS A 6 4.61 -3.73 -2.35
C CYS A 6 5.95 -3.81 -1.62
N PRO A 7 6.08 -2.99 -0.60
CA PRO A 7 7.30 -2.98 0.23
C PRO A 7 7.17 -3.96 1.41
N ARG A 8 5.96 -4.22 1.86
CA ARG A 8 5.76 -5.15 3.02
C ARG A 8 5.61 -6.61 2.55
N CYS A 9 4.54 -6.93 1.89
CA CYS A 9 4.35 -8.36 1.40
C CYS A 9 4.81 -8.50 -0.05
N LYS A 10 5.97 -7.97 -0.38
CA LYS A 10 6.47 -8.02 -1.79
C LYS A 10 6.00 -9.27 -2.54
N THR A 11 4.83 -9.22 -3.13
CA THR A 11 4.34 -10.42 -3.86
C THR A 11 3.10 -10.10 -4.70
N THR A 12 2.21 -9.37 -4.13
CA THR A 12 0.93 -9.02 -4.81
C THR A 12 1.09 -8.52 -6.25
N LYS A 13 1.05 -7.23 -6.45
CA LYS A 13 1.15 -6.67 -7.83
C LYS A 13 2.15 -7.48 -8.66
N TYR A 14 3.13 -8.09 -8.03
CA TYR A 14 4.09 -8.92 -8.80
C TYR A 14 3.40 -10.23 -9.17
N ARG A 15 2.75 -10.86 -8.22
CA ARG A 15 2.02 -12.13 -8.53
C ARG A 15 0.59 -11.79 -8.94
N ASN A 16 -0.12 -11.11 -8.08
CA ASN A 16 -1.52 -10.73 -8.38
C ASN A 16 -1.54 -9.53 -9.34
N PRO A 17 -2.05 -9.75 -10.51
CA PRO A 17 -2.12 -8.68 -11.52
C PRO A 17 -3.45 -7.92 -11.45
N SER A 18 -4.43 -8.48 -10.80
CA SER A 18 -5.75 -7.80 -10.71
C SER A 18 -5.77 -6.79 -9.54
N LEU A 19 -5.08 -7.08 -8.49
CA LEU A 19 -5.07 -6.15 -7.31
C LEU A 19 -4.24 -4.91 -7.62
N LYS A 20 -3.89 -4.13 -6.64
CA LYS A 20 -3.08 -2.90 -6.93
C LYS A 20 -2.55 -2.27 -5.64
N LEU A 21 -1.83 -1.19 -5.76
CA LEU A 21 -1.27 -0.54 -4.55
C LEU A 21 -2.00 0.76 -4.25
N MET A 22 -2.07 1.13 -2.99
CA MET A 22 -2.79 2.38 -2.62
C MET A 22 -1.81 3.42 -2.06
N VAL A 23 -2.05 4.66 -2.37
CA VAL A 23 -1.16 5.75 -1.85
C VAL A 23 -1.84 6.46 -0.68
N ASN A 24 -1.16 7.38 -0.05
CA ASN A 24 -1.78 8.08 1.11
C ASN A 24 -1.49 9.58 1.07
N VAL A 25 -2.05 10.31 2.01
CA VAL A 25 -1.83 11.79 2.06
C VAL A 25 -0.41 12.17 1.64
N CYS A 26 0.59 11.87 2.43
CA CYS A 26 1.99 12.22 2.05
C CYS A 26 2.27 11.79 0.61
N GLY A 27 1.51 10.85 0.11
CA GLY A 27 1.72 10.38 -1.29
C GLY A 27 2.84 9.36 -1.33
N HIS A 28 2.53 8.11 -1.09
CA HIS A 28 3.60 7.08 -1.12
C HIS A 28 3.10 5.81 -1.81
N THR A 29 2.92 4.72 -1.11
CA THR A 29 2.45 3.49 -1.79
C THR A 29 2.35 2.31 -0.81
N LEU A 30 1.20 1.71 -0.72
CA LEU A 30 1.01 0.54 0.19
C LEU A 30 0.20 -0.52 -0.55
N CYS A 31 0.85 -1.47 -1.15
CA CYS A 31 0.11 -2.50 -1.94
C CYS A 31 -1.19 -2.93 -1.24
N GLU A 32 -2.14 -3.35 -2.02
CA GLU A 32 -3.42 -3.84 -1.43
C GLU A 32 -3.15 -4.77 -0.25
N SER A 33 -2.18 -5.67 -0.38
CA SER A 33 -1.87 -6.61 0.72
C SER A 33 -1.13 -5.90 1.87
N CYS A 34 -0.65 -4.69 1.67
CA CYS A 34 0.03 -4.00 2.80
C CYS A 34 -1.05 -3.32 3.64
N VAL A 35 -1.91 -2.56 3.02
CA VAL A 35 -3.00 -1.90 3.77
C VAL A 35 -3.61 -2.91 4.76
N ASP A 36 -3.51 -4.18 4.47
CA ASP A 36 -4.07 -5.20 5.40
C ASP A 36 -3.09 -5.43 6.57
N LEU A 37 -1.89 -5.86 6.30
CA LEU A 37 -0.93 -6.09 7.41
C LEU A 37 -0.59 -4.76 8.08
N LEU A 38 -0.46 -3.73 7.30
CA LEU A 38 -0.13 -2.39 7.85
C LEU A 38 -1.13 -1.98 8.94
N PHE A 39 -2.40 -2.10 8.66
CA PHE A 39 -3.42 -1.66 9.67
C PHE A 39 -3.82 -2.78 10.63
N VAL A 40 -3.85 -4.01 10.21
CA VAL A 40 -4.26 -5.07 11.17
C VAL A 40 -3.45 -4.91 12.45
N ARG A 41 -2.32 -4.27 12.38
CA ARG A 41 -1.50 -4.06 13.62
C ARG A 41 -1.99 -2.82 14.35
N GLY A 42 -1.77 -1.66 13.79
CA GLY A 42 -2.22 -0.40 14.47
C GLY A 42 -2.81 0.61 13.48
N ALA A 43 -2.69 0.38 12.19
CA ALA A 43 -3.27 1.37 11.22
C ALA A 43 -2.59 2.73 11.40
N GLY A 44 -2.31 3.41 10.32
CA GLY A 44 -1.66 4.75 10.44
C GLY A 44 -0.14 4.58 10.44
N ASN A 45 0.40 3.85 9.51
CA ASN A 45 1.88 3.66 9.47
C ASN A 45 2.35 3.44 8.03
N CYS A 46 2.45 4.51 7.27
CA CYS A 46 2.92 4.40 5.86
C CYS A 46 4.01 3.33 5.72
N PRO A 47 4.07 2.73 4.57
CA PRO A 47 5.07 1.66 4.30
C PRO A 47 6.45 2.27 4.01
N GLU A 48 6.53 3.56 3.84
CA GLU A 48 7.86 4.20 3.54
C GLU A 48 8.15 5.41 4.44
N CYS A 49 7.16 6.01 5.05
CA CYS A 49 7.43 7.20 5.91
C CYS A 49 6.63 7.12 7.23
N GLY A 50 5.99 6.01 7.48
CA GLY A 50 5.20 5.89 8.74
C GLY A 50 4.12 6.97 8.77
N THR A 51 4.48 8.17 9.14
CA THR A 51 3.47 9.28 9.20
C THR A 51 2.32 8.87 10.13
N PRO A 52 2.17 9.63 11.19
CA PRO A 52 1.11 9.34 12.18
C PRO A 52 -0.28 9.60 11.58
N LEU A 53 -0.89 8.57 11.04
CA LEU A 53 -2.24 8.73 10.44
C LEU A 53 -3.30 8.10 11.36
N ARG A 54 -4.27 8.87 11.77
CA ARG A 54 -5.32 8.31 12.68
C ARG A 54 -6.43 7.63 11.87
N LYS A 55 -6.09 7.00 10.77
CA LYS A 55 -7.13 6.32 9.96
C LYS A 55 -6.49 5.66 8.73
N SER A 56 -6.90 4.47 8.41
CA SER A 56 -6.33 3.78 7.21
C SER A 56 -6.61 4.62 5.96
N ASN A 57 -5.82 5.65 5.73
CA ASN A 57 -6.05 6.52 4.54
C ASN A 57 -5.16 6.09 3.36
N PHE A 58 -5.54 5.05 2.66
CA PHE A 58 -4.73 4.60 1.49
C PHE A 58 -5.63 4.44 0.28
N ARG A 59 -5.44 5.26 -0.72
CA ARG A 59 -6.29 5.18 -1.94
C ARG A 59 -5.65 4.19 -2.93
N VAL A 60 -6.31 3.08 -3.13
CA VAL A 60 -5.75 2.03 -4.02
C VAL A 60 -6.14 2.22 -5.49
N GLN A 61 -5.23 1.89 -6.36
CA GLN A 61 -5.48 2.04 -7.82
C GLN A 61 -4.25 1.56 -8.61
N LEU A 62 -4.33 1.55 -9.92
CA LEU A 62 -3.16 1.11 -10.73
C LEU A 62 -3.52 1.10 -12.22
N PHE A 63 -4.34 0.16 -12.64
CA PHE A 63 -4.73 0.10 -14.07
C PHE A 63 -5.65 1.27 -14.42
N GLU A 64 -5.12 2.32 -14.99
CA GLU A 64 -5.98 3.48 -15.35
C GLU A 64 -6.89 3.85 -14.17
N ASP A 65 -7.91 4.62 -14.42
CA ASP A 65 -8.84 5.00 -13.33
C ASP A 65 -10.23 5.32 -13.90
ZN ZN B . 2.26 -5.48 0.48
ZN ZN C . 3.98 8.35 3.54
N MET A 1 2.29 -0.57 -12.11
CA MET A 1 3.75 -0.63 -12.41
C MET A 1 4.35 -1.95 -11.89
N ASP A 2 3.64 -2.63 -11.02
CA ASP A 2 4.16 -3.91 -10.49
C ASP A 2 5.64 -3.77 -10.11
N ASP A 3 6.44 -4.78 -10.35
CA ASP A 3 7.88 -4.71 -10.00
C ASP A 3 8.07 -4.39 -8.52
N GLN A 4 8.39 -3.17 -8.17
CA GLN A 4 8.57 -2.83 -6.74
C GLN A 4 7.22 -2.78 -6.03
N GLY A 5 6.47 -1.72 -6.23
CA GLY A 5 5.14 -1.60 -5.58
C GLY A 5 5.17 -2.17 -4.17
N CYS A 6 4.35 -3.16 -3.90
CA CYS A 6 4.30 -3.76 -2.54
C CYS A 6 5.68 -3.75 -1.85
N PRO A 7 5.88 -2.75 -1.02
CA PRO A 7 7.14 -2.62 -0.26
C PRO A 7 7.08 -3.44 1.04
N ARG A 8 5.97 -4.06 1.34
CA ARG A 8 5.87 -4.86 2.61
C ARG A 8 5.78 -6.36 2.31
N CYS A 9 4.78 -6.79 1.58
CA CYS A 9 4.66 -8.26 1.26
C CYS A 9 5.14 -8.54 -0.17
N LYS A 10 6.21 -7.89 -0.58
CA LYS A 10 6.75 -8.05 -1.98
C LYS A 10 6.17 -9.27 -2.70
N THR A 11 5.00 -9.15 -3.25
CA THR A 11 4.41 -10.32 -3.97
C THR A 11 3.13 -9.93 -4.71
N THR A 12 2.26 -9.24 -4.05
CA THR A 12 0.96 -8.85 -4.66
C THR A 12 1.07 -8.43 -6.13
N LYS A 13 0.99 -7.15 -6.41
CA LYS A 13 1.03 -6.71 -7.83
C LYS A 13 2.08 -7.50 -8.62
N TYR A 14 3.08 -8.02 -7.97
CA TYR A 14 4.08 -8.82 -8.72
C TYR A 14 3.43 -10.15 -9.11
N ARG A 15 2.76 -10.77 -8.18
CA ARG A 15 2.04 -12.05 -8.47
C ARG A 15 0.62 -11.71 -8.94
N ASN A 16 -0.18 -11.22 -8.04
CA ASN A 16 -1.58 -10.83 -8.38
C ASN A 16 -1.54 -9.65 -9.37
N PRO A 17 -2.27 -9.79 -10.45
CA PRO A 17 -2.29 -8.73 -11.49
C PRO A 17 -3.45 -7.74 -11.31
N SER A 18 -4.67 -8.21 -11.36
CA SER A 18 -5.85 -7.29 -11.24
C SER A 18 -5.75 -6.39 -9.99
N LEU A 19 -5.21 -6.91 -8.93
CA LEU A 19 -5.08 -6.09 -7.66
C LEU A 19 -4.42 -4.73 -7.93
N LYS A 20 -4.01 -4.05 -6.91
CA LYS A 20 -3.32 -2.74 -7.11
C LYS A 20 -2.76 -2.24 -5.78
N LEU A 21 -2.07 -1.15 -5.80
CA LEU A 21 -1.48 -0.61 -4.54
C LEU A 21 -2.21 0.67 -4.12
N MET A 22 -2.36 0.88 -2.84
CA MET A 22 -3.06 2.10 -2.39
C MET A 22 -2.08 3.04 -1.67
N VAL A 23 -1.99 4.26 -2.12
CA VAL A 23 -1.06 5.24 -1.51
C VAL A 23 -1.79 6.02 -0.40
N ASN A 24 -1.06 6.66 0.48
CA ASN A 24 -1.72 7.42 1.58
C ASN A 24 -1.40 8.90 1.52
N VAL A 25 -1.99 9.67 2.40
CA VAL A 25 -1.77 11.14 2.43
C VAL A 25 -0.34 11.53 1.99
N CYS A 26 0.65 11.30 2.82
CA CYS A 26 2.04 11.68 2.41
C CYS A 26 2.29 11.28 0.96
N GLY A 27 1.59 10.30 0.47
CA GLY A 27 1.76 9.87 -0.95
C GLY A 27 2.93 8.90 -1.06
N HIS A 28 2.75 7.68 -0.67
CA HIS A 28 3.86 6.70 -0.78
C HIS A 28 3.39 5.43 -1.50
N THR A 29 3.13 4.36 -0.79
CA THR A 29 2.68 3.12 -1.50
C THR A 29 2.30 2.04 -0.49
N LEU A 30 1.32 1.24 -0.83
CA LEU A 30 0.89 0.13 0.08
C LEU A 30 0.02 -0.84 -0.71
N CYS A 31 0.61 -1.88 -1.23
CA CYS A 31 -0.18 -2.85 -2.03
C CYS A 31 -1.38 -3.38 -1.25
N GLU A 32 -2.24 -4.07 -1.93
CA GLU A 32 -3.41 -4.66 -1.25
C GLU A 32 -2.92 -5.37 0.02
N SER A 33 -1.98 -6.26 -0.15
CA SER A 33 -1.41 -7.01 1.00
C SER A 33 -0.65 -6.08 1.96
N CYS A 34 -0.34 -4.87 1.55
CA CYS A 34 0.38 -3.97 2.49
C CYS A 34 -0.67 -3.25 3.34
N VAL A 35 -1.55 -2.53 2.70
CA VAL A 35 -2.62 -1.83 3.47
C VAL A 35 -3.21 -2.83 4.48
N ASP A 36 -3.16 -4.10 4.18
CA ASP A 36 -3.69 -5.10 5.15
C ASP A 36 -2.71 -5.25 6.32
N LEU A 37 -1.50 -5.64 6.07
CA LEU A 37 -0.52 -5.79 7.18
C LEU A 37 -0.32 -4.44 7.87
N LEU A 38 -0.28 -3.40 7.11
CA LEU A 38 -0.10 -2.04 7.72
C LEU A 38 -1.15 -1.78 8.79
N PHE A 39 -2.40 -1.98 8.48
CA PHE A 39 -3.49 -1.69 9.47
C PHE A 39 -3.81 -2.88 10.37
N VAL A 40 -3.72 -4.09 9.89
CA VAL A 40 -4.07 -5.25 10.79
C VAL A 40 -3.36 -5.07 12.13
N ARG A 41 -2.25 -4.38 12.15
CA ARG A 41 -1.54 -4.16 13.43
C ARG A 41 -2.26 -3.07 14.24
N GLY A 42 -2.23 -1.86 13.76
CA GLY A 42 -2.92 -0.76 14.48
C GLY A 42 -3.11 0.44 13.54
N ALA A 43 -3.16 0.20 12.25
CA ALA A 43 -3.35 1.34 11.29
C ALA A 43 -2.26 2.38 11.51
N GLY A 44 -2.29 3.46 10.76
CA GLY A 44 -1.25 4.50 10.94
C GLY A 44 0.13 3.91 10.68
N ASN A 45 1.15 4.73 10.73
CA ASN A 45 2.55 4.23 10.52
C ASN A 45 2.80 3.92 9.04
N CYS A 46 2.96 4.93 8.23
CA CYS A 46 3.22 4.71 6.77
C CYS A 46 4.18 3.54 6.60
N PRO A 47 3.98 2.81 5.55
CA PRO A 47 4.86 1.64 5.24
C PRO A 47 6.31 2.07 5.06
N GLU A 48 6.57 3.35 5.00
CA GLU A 48 7.98 3.80 4.82
C GLU A 48 8.30 5.08 5.60
N CYS A 49 7.47 6.10 5.53
CA CYS A 49 7.79 7.36 6.27
C CYS A 49 6.92 7.51 7.52
N GLY A 50 6.49 6.43 8.10
CA GLY A 50 5.62 6.52 9.31
C GLY A 50 4.49 7.53 9.09
N THR A 51 4.72 8.78 9.38
CA THR A 51 3.66 9.81 9.19
C THR A 51 2.42 9.43 10.00
N PRO A 52 2.03 10.32 10.87
CA PRO A 52 0.84 10.06 11.73
C PRO A 52 -0.42 10.07 10.86
N LEU A 53 -0.71 8.98 10.20
CA LEU A 53 -1.93 8.94 9.34
C LEU A 53 -3.16 9.31 10.18
N ARG A 54 -4.34 9.11 9.66
CA ARG A 54 -5.56 9.48 10.44
C ARG A 54 -6.44 8.25 10.68
N LYS A 55 -6.74 7.51 9.65
CA LYS A 55 -7.60 6.30 9.84
C LYS A 55 -7.51 5.39 8.61
N SER A 56 -6.41 4.69 8.46
CA SER A 56 -6.27 3.80 7.28
C SER A 56 -6.69 4.55 6.01
N ASN A 57 -6.04 5.66 5.72
CA ASN A 57 -6.41 6.44 4.50
C ASN A 57 -5.46 6.10 3.34
N PHE A 58 -5.76 5.07 2.60
CA PHE A 58 -4.88 4.69 1.45
C PHE A 58 -5.72 4.59 0.18
N ARG A 59 -5.37 5.35 -0.82
CA ARG A 59 -6.16 5.32 -2.09
C ARG A 59 -5.61 4.23 -3.01
N VAL A 60 -6.36 3.19 -3.18
CA VAL A 60 -5.92 2.05 -4.03
C VAL A 60 -6.30 2.25 -5.50
N GLN A 61 -5.40 1.91 -6.38
CA GLN A 61 -5.65 2.06 -7.84
C GLN A 61 -4.40 1.62 -8.61
N LEU A 62 -4.47 1.59 -9.92
CA LEU A 62 -3.28 1.16 -10.71
C LEU A 62 -3.56 1.30 -12.21
N PHE A 63 -2.70 1.97 -12.92
CA PHE A 63 -2.93 2.14 -14.39
C PHE A 63 -1.59 2.46 -15.09
N GLU A 64 -1.56 2.38 -16.40
CA GLU A 64 -0.30 2.68 -17.12
C GLU A 64 0.30 4.00 -16.64
N ASP A 65 1.36 3.93 -15.88
CA ASP A 65 1.99 5.18 -15.37
C ASP A 65 2.06 6.22 -16.49
ZN ZN B . 2.35 -5.66 0.08
ZN ZN C . 4.62 8.04 3.73
N MET A 1 9.68 -9.71 -8.64
CA MET A 1 8.31 -10.15 -8.25
C MET A 1 7.61 -9.05 -7.46
N ASP A 2 7.79 -7.81 -7.84
CA ASP A 2 7.15 -6.66 -7.12
C ASP A 2 7.84 -5.37 -7.55
N ASP A 3 8.17 -5.25 -8.81
CA ASP A 3 8.86 -4.02 -9.32
C ASP A 3 8.39 -2.79 -8.56
N GLN A 4 9.08 -2.43 -7.51
CA GLN A 4 8.67 -1.23 -6.72
C GLN A 4 7.32 -1.48 -6.07
N GLY A 5 6.28 -1.56 -6.87
CA GLY A 5 4.88 -1.82 -6.38
C GLY A 5 4.82 -1.96 -4.85
N CYS A 6 4.41 -3.09 -4.36
CA CYS A 6 4.32 -3.28 -2.90
C CYS A 6 5.68 -3.06 -2.22
N PRO A 7 5.70 -2.18 -1.26
CA PRO A 7 6.93 -1.89 -0.49
C PRO A 7 7.06 -2.84 0.73
N ARG A 8 5.95 -3.27 1.30
CA ARG A 8 6.01 -4.17 2.50
C ARG A 8 6.12 -5.65 2.08
N CYS A 9 5.07 -6.17 1.51
CA CYS A 9 5.09 -7.62 1.07
C CYS A 9 5.46 -7.73 -0.41
N LYS A 10 6.49 -7.01 -0.81
CA LYS A 10 6.90 -6.99 -2.26
C LYS A 10 6.42 -8.23 -3.03
N THR A 11 5.22 -8.20 -3.57
CA THR A 11 4.75 -9.37 -4.34
C THR A 11 3.37 -9.13 -4.95
N THR A 12 2.42 -8.78 -4.15
CA THR A 12 1.03 -8.59 -4.63
C THR A 12 0.91 -8.21 -6.08
N LYS A 13 0.92 -6.95 -6.37
CA LYS A 13 0.77 -6.51 -7.78
C LYS A 13 1.57 -7.42 -8.72
N TYR A 14 2.62 -8.04 -8.23
CA TYR A 14 3.40 -8.95 -9.11
C TYR A 14 2.82 -10.38 -9.03
N ARG A 15 2.65 -10.90 -7.84
CA ARG A 15 2.05 -12.25 -7.70
C ARG A 15 0.63 -12.20 -8.23
N ASN A 16 -0.14 -11.37 -7.60
CA ASN A 16 -1.55 -11.16 -7.99
C ASN A 16 -1.62 -10.07 -9.05
N PRO A 17 -2.46 -10.25 -10.02
CA PRO A 17 -2.61 -9.24 -11.08
C PRO A 17 -3.84 -8.34 -10.84
N SER A 18 -5.00 -8.94 -10.78
CA SER A 18 -6.25 -8.15 -10.57
C SER A 18 -6.10 -7.10 -9.47
N LEU A 19 -5.45 -7.45 -8.38
CA LEU A 19 -5.28 -6.46 -7.27
C LEU A 19 -4.53 -5.22 -7.78
N LYS A 20 -3.98 -4.45 -6.89
CA LYS A 20 -3.21 -3.26 -7.33
C LYS A 20 -2.59 -2.56 -6.12
N LEU A 21 -2.16 -1.34 -6.27
CA LEU A 21 -1.53 -0.64 -5.13
C LEU A 21 -2.24 0.68 -4.85
N MET A 22 -2.06 1.21 -3.67
CA MET A 22 -2.75 2.47 -3.30
C MET A 22 -1.74 3.49 -2.79
N VAL A 23 -2.18 4.68 -2.51
CA VAL A 23 -1.26 5.74 -2.00
C VAL A 23 -1.89 6.46 -0.82
N ASN A 24 -1.10 6.98 0.07
CA ASN A 24 -1.66 7.70 1.24
C ASN A 24 -1.28 9.17 1.22
N VAL A 25 -1.81 9.93 2.13
CA VAL A 25 -1.49 11.38 2.20
C VAL A 25 0.01 11.62 1.95
N CYS A 26 0.86 10.97 2.70
CA CYS A 26 2.33 11.17 2.49
C CYS A 26 2.71 10.80 1.06
N GLY A 27 1.89 10.03 0.41
CA GLY A 27 2.19 9.62 -0.98
C GLY A 27 2.67 8.17 -0.99
N HIS A 28 3.94 7.95 -1.18
CA HIS A 28 4.48 6.56 -1.19
C HIS A 28 3.51 5.62 -1.92
N THR A 29 3.22 4.47 -1.38
CA THR A 29 2.29 3.53 -2.07
C THR A 29 2.10 2.27 -1.25
N LEU A 30 0.90 1.75 -1.22
CA LEU A 30 0.64 0.51 -0.45
C LEU A 30 -0.03 -0.53 -1.33
N CYS A 31 0.33 -1.75 -1.19
CA CYS A 31 -0.33 -2.76 -2.03
C CYS A 31 -1.53 -3.36 -1.31
N GLU A 32 -2.10 -4.35 -1.88
CA GLU A 32 -3.27 -5.00 -1.19
C GLU A 32 -2.74 -5.65 0.08
N SER A 33 -1.72 -6.45 -0.05
CA SER A 33 -1.11 -7.14 1.12
C SER A 33 -0.50 -6.13 2.11
N CYS A 34 -0.34 -4.89 1.74
CA CYS A 34 0.23 -3.92 2.73
C CYS A 34 -0.91 -3.37 3.55
N VAL A 35 -1.70 -2.54 2.93
CA VAL A 35 -2.86 -1.94 3.61
C VAL A 35 -3.53 -2.99 4.52
N ASP A 36 -3.43 -4.24 4.15
CA ASP A 36 -4.06 -5.31 4.98
C ASP A 36 -3.26 -5.55 6.26
N LEU A 37 -1.97 -5.77 6.18
CA LEU A 37 -1.19 -6.01 7.42
C LEU A 37 -0.71 -4.68 8.00
N LEU A 38 -0.27 -3.80 7.16
CA LEU A 38 0.24 -2.47 7.62
C LEU A 38 -0.65 -1.85 8.70
N PHE A 39 -1.90 -1.63 8.39
CA PHE A 39 -2.81 -0.95 9.38
C PHE A 39 -3.52 -1.91 10.34
N VAL A 40 -3.65 -3.17 10.02
CA VAL A 40 -4.36 -4.06 10.98
C VAL A 40 -3.56 -4.18 12.28
N ARG A 41 -2.31 -3.81 12.25
CA ARG A 41 -1.48 -3.88 13.49
C ARG A 41 -1.65 -2.59 14.29
N GLY A 42 -2.43 -1.67 13.79
CA GLY A 42 -2.64 -0.39 14.52
C GLY A 42 -3.23 0.66 13.57
N ALA A 43 -2.99 0.52 12.28
CA ALA A 43 -3.55 1.52 11.32
C ALA A 43 -3.11 2.93 11.71
N GLY A 44 -2.23 3.52 10.94
CA GLY A 44 -1.77 4.90 11.26
C GLY A 44 -0.24 4.95 11.22
N ASN A 45 0.38 4.16 10.38
CA ASN A 45 1.87 4.18 10.30
C ASN A 45 2.34 3.67 8.94
N CYS A 46 2.57 4.55 8.02
CA CYS A 46 3.06 4.14 6.67
C CYS A 46 4.12 3.04 6.82
N PRO A 47 4.07 2.09 5.95
CA PRO A 47 5.04 0.96 5.97
C PRO A 47 6.45 1.47 5.70
N GLU A 48 6.58 2.71 5.32
CA GLU A 48 7.94 3.25 5.04
C GLU A 48 8.18 4.59 5.78
N CYS A 49 7.15 5.35 6.05
CA CYS A 49 7.38 6.64 6.77
C CYS A 49 6.34 6.83 7.88
N GLY A 50 6.00 5.75 8.55
CA GLY A 50 4.99 5.76 9.67
C GLY A 50 4.50 7.18 9.98
N THR A 51 3.68 7.72 9.12
CA THR A 51 3.15 9.09 9.36
C THR A 51 2.01 9.03 10.38
N PRO A 52 1.80 10.12 11.08
CA PRO A 52 0.73 10.17 12.09
C PRO A 52 -0.64 10.14 11.40
N LEU A 53 -1.04 8.99 10.94
CA LEU A 53 -2.36 8.88 10.25
C LEU A 53 -3.47 8.71 11.29
N ARG A 54 -3.53 7.58 11.95
CA ARG A 54 -4.59 7.36 12.98
C ARG A 54 -5.96 7.19 12.31
N LYS A 55 -6.01 7.21 11.00
CA LYS A 55 -7.32 7.07 10.31
C LYS A 55 -7.21 6.12 9.11
N SER A 56 -6.03 5.59 8.86
CA SER A 56 -5.87 4.67 7.70
C SER A 56 -6.20 5.40 6.40
N ASN A 57 -5.37 5.30 5.40
CA ASN A 57 -5.64 5.99 4.11
C ASN A 57 -4.89 5.29 2.97
N PHE A 58 -5.59 4.88 1.95
CA PHE A 58 -4.89 4.19 0.82
C PHE A 58 -5.75 4.27 -0.45
N ARG A 59 -5.39 5.13 -1.36
CA ARG A 59 -6.16 5.23 -2.64
C ARG A 59 -5.56 4.25 -3.64
N VAL A 60 -6.21 3.14 -3.84
CA VAL A 60 -5.67 2.07 -4.74
C VAL A 60 -6.02 2.28 -6.21
N GLN A 61 -5.13 1.84 -7.06
CA GLN A 61 -5.33 1.96 -8.53
C GLN A 61 -4.09 1.38 -9.23
N LEU A 62 -4.23 0.86 -10.42
CA LEU A 62 -3.04 0.29 -11.13
C LEU A 62 -3.13 0.59 -12.62
N PHE A 63 -2.21 1.36 -13.14
CA PHE A 63 -2.25 1.69 -14.59
C PHE A 63 -0.82 1.69 -15.17
N GLU A 64 0.07 0.96 -14.55
CA GLU A 64 1.47 0.91 -15.06
C GLU A 64 2.26 -0.18 -14.32
N ASP A 65 2.95 -1.02 -15.06
CA ASP A 65 3.73 -2.10 -14.40
C ASP A 65 5.19 -1.68 -14.27
ZN ZN B . 2.46 -5.18 0.24
ZN ZN C . 4.67 7.33 3.63
N MET A 1 3.57 0.98 -9.77
CA MET A 1 3.44 0.02 -10.91
C MET A 1 2.95 -1.33 -10.39
N ASP A 2 3.34 -2.40 -11.04
CA ASP A 2 2.89 -3.75 -10.59
C ASP A 2 4.09 -4.71 -10.54
N ASP A 3 5.20 -4.27 -10.01
CA ASP A 3 6.38 -5.17 -9.93
C ASP A 3 7.17 -4.88 -8.65
N GLN A 4 7.85 -3.77 -8.59
CA GLN A 4 8.63 -3.43 -7.36
C GLN A 4 7.83 -2.45 -6.49
N GLY A 5 6.56 -2.67 -6.35
CA GLY A 5 5.73 -1.75 -5.51
C GLY A 5 5.58 -2.32 -4.11
N CYS A 6 4.65 -3.22 -3.93
CA CYS A 6 4.42 -3.82 -2.58
C CYS A 6 5.73 -3.98 -1.78
N PRO A 7 5.96 -3.05 -0.89
CA PRO A 7 7.16 -3.13 -0.01
C PRO A 7 6.93 -4.12 1.14
N ARG A 8 5.84 -3.97 1.86
CA ARG A 8 5.54 -4.88 3.02
C ARG A 8 5.58 -6.37 2.61
N CYS A 9 4.79 -6.77 1.64
CA CYS A 9 4.78 -8.22 1.24
C CYS A 9 5.27 -8.40 -0.20
N LYS A 10 6.28 -7.67 -0.61
CA LYS A 10 6.77 -7.73 -2.03
C LYS A 10 6.30 -9.00 -2.78
N THR A 11 5.15 -8.92 -3.41
CA THR A 11 4.66 -10.11 -4.16
C THR A 11 3.37 -9.80 -4.93
N THR A 12 2.42 -9.20 -4.27
CA THR A 12 1.10 -8.89 -4.89
C THR A 12 1.17 -8.37 -6.33
N LYS A 13 0.80 -7.13 -6.55
CA LYS A 13 0.79 -6.56 -7.95
C LYS A 13 1.79 -7.28 -8.88
N TYR A 14 2.96 -7.64 -8.40
CA TYR A 14 3.91 -8.36 -9.28
C TYR A 14 3.35 -9.74 -9.62
N ARG A 15 2.88 -10.45 -8.62
CA ARG A 15 2.28 -11.79 -8.84
C ARG A 15 0.79 -11.65 -9.16
N ASN A 16 0.09 -10.90 -8.35
CA ASN A 16 -1.36 -10.70 -8.57
C ASN A 16 -1.60 -9.46 -9.46
N PRO A 17 -2.46 -9.62 -10.42
CA PRO A 17 -2.78 -8.51 -11.34
C PRO A 17 -4.01 -7.73 -10.84
N SER A 18 -5.17 -8.33 -10.93
CA SER A 18 -6.42 -7.64 -10.50
C SER A 18 -6.19 -6.78 -9.26
N LEU A 19 -5.46 -7.26 -8.30
CA LEU A 19 -5.22 -6.44 -7.07
C LEU A 19 -4.38 -5.20 -7.43
N LYS A 20 -4.19 -4.29 -6.51
CA LYS A 20 -3.40 -3.07 -6.87
C LYS A 20 -2.79 -2.42 -5.63
N LEU A 21 -2.05 -1.37 -5.80
CA LEU A 21 -1.41 -0.73 -4.63
C LEU A 21 -2.09 0.59 -4.27
N MET A 22 -2.20 0.86 -3.00
CA MET A 22 -2.86 2.13 -2.56
C MET A 22 -1.85 3.02 -1.84
N VAL A 23 -1.73 4.24 -2.30
CA VAL A 23 -0.76 5.18 -1.66
C VAL A 23 -1.46 5.94 -0.53
N ASN A 24 -0.74 6.74 0.22
CA ASN A 24 -1.40 7.48 1.34
C ASN A 24 -1.21 8.99 1.21
N VAL A 25 -1.82 9.73 2.09
CA VAL A 25 -1.72 11.21 2.06
C VAL A 25 -0.29 11.68 1.71
N CYS A 26 0.70 11.32 2.48
CA CYS A 26 2.09 11.78 2.14
C CYS A 26 2.43 11.35 0.72
N GLY A 27 1.70 10.41 0.17
CA GLY A 27 1.98 9.97 -1.22
C GLY A 27 3.13 8.96 -1.26
N HIS A 28 2.97 7.82 -0.65
CA HIS A 28 4.07 6.82 -0.68
C HIS A 28 3.59 5.54 -1.38
N THR A 29 3.32 4.47 -0.67
CA THR A 29 2.86 3.24 -1.37
C THR A 29 2.50 2.13 -0.36
N LEU A 30 1.56 1.29 -0.72
CA LEU A 30 1.15 0.17 0.17
C LEU A 30 0.23 -0.76 -0.60
N CYS A 31 0.78 -1.77 -1.20
CA CYS A 31 -0.05 -2.73 -1.99
C CYS A 31 -1.24 -3.24 -1.19
N GLU A 32 -2.16 -3.84 -1.88
CA GLU A 32 -3.32 -4.45 -1.15
C GLU A 32 -2.78 -5.19 0.08
N SER A 33 -1.92 -6.16 -0.13
CA SER A 33 -1.32 -6.94 0.99
C SER A 33 -0.49 -6.02 1.91
N CYS A 34 -0.21 -4.81 1.51
CA CYS A 34 0.55 -3.90 2.42
C CYS A 34 -0.46 -3.12 3.26
N VAL A 35 -1.47 -2.58 2.63
CA VAL A 35 -2.51 -1.80 3.37
C VAL A 35 -3.16 -2.68 4.44
N ASP A 36 -3.58 -3.87 4.10
CA ASP A 36 -4.22 -4.75 5.12
C ASP A 36 -3.31 -4.94 6.35
N LEU A 37 -2.12 -5.46 6.19
CA LEU A 37 -1.27 -5.65 7.41
C LEU A 37 -1.01 -4.30 8.08
N LEU A 38 -0.56 -3.34 7.33
CA LEU A 38 -0.28 -1.99 7.90
C LEU A 38 -1.37 -1.60 8.91
N PHE A 39 -2.60 -1.83 8.57
CA PHE A 39 -3.73 -1.45 9.47
C PHE A 39 -4.09 -2.56 10.46
N VAL A 40 -3.98 -3.81 10.07
CA VAL A 40 -4.35 -4.89 11.04
C VAL A 40 -3.30 -4.95 12.15
N ARG A 41 -2.17 -4.36 11.93
CA ARG A 41 -1.09 -4.38 12.97
C ARG A 41 -1.23 -3.15 13.88
N GLY A 42 -1.71 -2.06 13.35
CA GLY A 42 -1.86 -0.84 14.19
C GLY A 42 -2.70 0.20 13.44
N ALA A 43 -2.45 0.37 12.17
CA ALA A 43 -3.22 1.38 11.38
C ALA A 43 -2.87 2.79 11.84
N GLY A 44 -2.18 3.54 11.02
CA GLY A 44 -1.80 4.92 11.42
C GLY A 44 -0.28 5.08 11.33
N ASN A 45 0.35 4.37 10.43
CA ASN A 45 1.83 4.49 10.31
C ASN A 45 2.30 4.10 8.90
N CYS A 46 2.48 5.06 8.05
CA CYS A 46 2.96 4.77 6.65
C CYS A 46 3.98 3.64 6.66
N PRO A 47 3.92 2.83 5.65
CA PRO A 47 4.84 1.66 5.50
C PRO A 47 6.29 2.12 5.34
N GLU A 48 6.52 3.40 5.22
CA GLU A 48 7.92 3.87 5.03
C GLU A 48 8.22 5.18 5.80
N CYS A 49 7.31 6.12 5.84
CA CYS A 49 7.60 7.39 6.59
C CYS A 49 6.72 7.47 7.84
N GLY A 50 6.12 6.36 8.21
CA GLY A 50 5.25 6.31 9.42
C GLY A 50 4.56 7.65 9.67
N THR A 51 3.99 8.25 8.67
CA THR A 51 3.29 9.55 8.88
C THR A 51 2.09 9.34 9.80
N PRO A 52 1.75 10.37 10.52
CA PRO A 52 0.60 10.29 11.45
C PRO A 52 -0.72 10.23 10.66
N LEU A 53 -1.00 9.11 10.05
CA LEU A 53 -2.27 8.99 9.28
C LEU A 53 -3.47 9.19 10.21
N ARG A 54 -4.27 8.19 10.45
CA ARG A 54 -5.44 8.40 11.36
C ARG A 54 -6.37 7.18 11.35
N LYS A 55 -6.71 6.68 10.20
CA LYS A 55 -7.63 5.50 10.15
C LYS A 55 -7.40 4.68 8.88
N SER A 56 -6.16 4.57 8.45
CA SER A 56 -5.87 3.78 7.23
C SER A 56 -6.37 4.52 5.98
N ASN A 57 -5.78 5.64 5.67
CA ASN A 57 -6.23 6.42 4.46
C ASN A 57 -5.30 6.13 3.28
N PHE A 58 -5.56 5.10 2.54
CA PHE A 58 -4.69 4.77 1.38
C PHE A 58 -5.52 4.71 0.09
N ARG A 59 -5.12 5.45 -0.91
CA ARG A 59 -5.88 5.46 -2.18
C ARG A 59 -5.38 4.35 -3.09
N VAL A 60 -6.18 3.34 -3.27
CA VAL A 60 -5.77 2.18 -4.11
C VAL A 60 -6.14 2.37 -5.58
N GLN A 61 -5.26 1.95 -6.45
CA GLN A 61 -5.52 2.08 -7.92
C GLN A 61 -4.38 1.39 -8.68
N LEU A 62 -4.48 1.32 -9.98
CA LEU A 62 -3.41 0.64 -10.77
C LEU A 62 -3.57 0.93 -12.26
N PHE A 63 -4.77 0.85 -12.76
CA PHE A 63 -4.99 1.11 -14.22
C PHE A 63 -5.95 2.30 -14.40
N GLU A 64 -5.58 3.26 -15.20
CA GLU A 64 -6.47 4.43 -15.42
C GLU A 64 -6.28 4.98 -16.84
N ASP A 65 -5.05 5.06 -17.29
CA ASP A 65 -4.80 5.59 -18.66
C ASP A 65 -5.35 4.62 -19.71
ZN ZN B . 2.38 -5.73 -0.05
ZN ZN C . 4.48 8.22 3.84
N MET A 1 5.50 -0.70 -11.03
CA MET A 1 4.35 -1.39 -10.35
C MET A 1 4.88 -2.43 -9.36
N ASP A 2 5.56 -3.43 -9.85
CA ASP A 2 6.10 -4.48 -8.93
C ASP A 2 7.43 -4.03 -8.32
N ASP A 3 8.29 -3.46 -9.12
CA ASP A 3 9.61 -2.99 -8.59
C ASP A 3 9.40 -2.29 -7.24
N GLN A 4 9.21 -1.00 -7.25
CA GLN A 4 8.98 -0.27 -5.98
C GLN A 4 7.52 -0.35 -5.58
N GLY A 5 6.93 -1.52 -5.67
CA GLY A 5 5.49 -1.67 -5.31
C GLY A 5 5.36 -2.14 -3.87
N CYS A 6 4.54 -3.12 -3.63
CA CYS A 6 4.34 -3.63 -2.25
C CYS A 6 5.68 -3.66 -1.48
N PRO A 7 5.76 -2.84 -0.47
CA PRO A 7 6.96 -2.79 0.39
C PRO A 7 6.84 -3.78 1.56
N ARG A 8 5.64 -4.21 1.87
CA ARG A 8 5.46 -5.17 3.01
C ARG A 8 5.37 -6.61 2.51
N CYS A 9 4.32 -6.96 1.82
CA CYS A 9 4.22 -8.38 1.31
C CYS A 9 4.77 -8.48 -0.11
N LYS A 10 5.90 -7.85 -0.37
CA LYS A 10 6.49 -7.84 -1.74
C LYS A 10 6.07 -9.08 -2.56
N THR A 11 4.96 -9.02 -3.23
CA THR A 11 4.52 -10.20 -4.02
C THR A 11 3.24 -9.88 -4.82
N THR A 12 2.34 -9.19 -4.22
CA THR A 12 1.04 -8.86 -4.89
C THR A 12 1.21 -8.40 -6.34
N LYS A 13 1.16 -7.12 -6.57
CA LYS A 13 1.27 -6.61 -7.96
C LYS A 13 2.29 -7.41 -8.77
N TYR A 14 3.24 -8.02 -8.13
CA TYR A 14 4.23 -8.85 -8.89
C TYR A 14 3.53 -10.16 -9.26
N ARG A 15 2.94 -10.81 -8.29
CA ARG A 15 2.20 -12.07 -8.56
C ARG A 15 0.75 -11.74 -8.89
N ASN A 16 0.07 -11.11 -7.97
CA ASN A 16 -1.35 -10.73 -8.19
C ASN A 16 -1.44 -9.61 -9.23
N PRO A 17 -2.02 -9.92 -10.35
CA PRO A 17 -2.17 -8.91 -11.42
C PRO A 17 -3.53 -8.19 -11.26
N SER A 18 -4.35 -8.65 -10.36
CA SER A 18 -5.67 -8.00 -10.15
C SER A 18 -5.56 -6.91 -9.08
N LEU A 19 -4.76 -7.15 -8.08
CA LEU A 19 -4.60 -6.13 -7.00
C LEU A 19 -3.74 -4.96 -7.49
N LYS A 20 -3.71 -3.89 -6.75
CA LYS A 20 -2.87 -2.74 -7.18
C LYS A 20 -2.22 -2.08 -5.95
N LEU A 21 -1.63 -0.94 -6.13
CA LEU A 21 -0.98 -0.25 -4.99
C LEU A 21 -1.73 1.02 -4.65
N MET A 22 -2.20 1.15 -3.44
CA MET A 22 -2.95 2.39 -3.07
C MET A 22 -2.00 3.39 -2.42
N VAL A 23 -2.48 4.56 -2.13
CA VAL A 23 -1.59 5.59 -1.51
C VAL A 23 -2.28 6.16 -0.26
N ASN A 24 -1.52 6.52 0.73
CA ASN A 24 -2.13 7.07 1.97
C ASN A 24 -1.61 8.49 2.26
N VAL A 25 -2.51 9.36 2.65
CA VAL A 25 -2.12 10.76 2.99
C VAL A 25 -0.94 11.27 2.12
N CYS A 26 0.28 11.04 2.53
CA CYS A 26 1.42 11.53 1.71
C CYS A 26 1.33 10.97 0.30
N GLY A 27 2.39 11.02 -0.42
CA GLY A 27 2.39 10.52 -1.82
C GLY A 27 3.10 9.18 -1.89
N HIS A 28 2.99 8.38 -0.86
CA HIS A 28 3.68 7.06 -0.87
C HIS A 28 2.76 6.01 -1.48
N THR A 29 2.70 4.82 -0.95
CA THR A 29 1.81 3.80 -1.57
C THR A 29 1.75 2.54 -0.72
N LEU A 30 0.83 1.66 -1.03
CA LEU A 30 0.72 0.40 -0.26
C LEU A 30 -0.11 -0.61 -1.05
N CYS A 31 0.52 -1.67 -1.46
CA CYS A 31 -0.19 -2.72 -2.24
C CYS A 31 -1.49 -3.12 -1.54
N GLU A 32 -2.31 -3.92 -2.18
CA GLU A 32 -3.57 -4.34 -1.51
C GLU A 32 -3.21 -5.25 -0.32
N SER A 33 -2.28 -6.15 -0.52
CA SER A 33 -1.88 -7.07 0.58
C SER A 33 -1.21 -6.31 1.74
N CYS A 34 -0.87 -5.05 1.59
CA CYS A 34 -0.24 -4.35 2.73
C CYS A 34 -1.33 -3.80 3.65
N VAL A 35 -2.15 -2.92 3.14
CA VAL A 35 -3.23 -2.34 3.97
C VAL A 35 -3.88 -3.42 4.84
N ASP A 36 -3.83 -4.66 4.42
CA ASP A 36 -4.44 -5.75 5.23
C ASP A 36 -3.66 -5.95 6.54
N LEU A 37 -2.39 -6.27 6.47
CA LEU A 37 -1.61 -6.48 7.73
C LEU A 37 -0.98 -5.16 8.19
N LEU A 38 -0.73 -4.27 7.28
CA LEU A 38 -0.11 -2.97 7.62
C LEU A 38 -0.83 -2.30 8.79
N PHE A 39 -2.08 -1.94 8.59
CA PHE A 39 -2.82 -1.22 9.66
C PHE A 39 -3.57 -2.13 10.64
N VAL A 40 -4.02 -3.29 10.23
CA VAL A 40 -4.76 -4.14 11.21
C VAL A 40 -3.95 -4.26 12.50
N ARG A 41 -2.67 -4.04 12.42
CA ARG A 41 -1.83 -4.12 13.65
C ARG A 41 -2.07 -2.88 14.51
N GLY A 42 -2.87 -1.97 14.05
CA GLY A 42 -3.15 -0.74 14.82
C GLY A 42 -3.23 0.46 13.88
N ALA A 43 -2.82 0.30 12.64
CA ALA A 43 -2.88 1.46 11.69
C ALA A 43 -2.09 2.65 12.25
N GLY A 44 -1.69 3.55 11.40
CA GLY A 44 -0.93 4.73 11.90
C GLY A 44 0.56 4.60 11.54
N ASN A 45 0.86 4.05 10.39
CA ASN A 45 2.30 3.90 10.02
C ASN A 45 2.47 3.70 8.51
N CYS A 46 2.82 4.74 7.80
CA CYS A 46 3.03 4.61 6.33
C CYS A 46 4.02 3.46 6.06
N PRO A 47 3.78 2.76 4.99
CA PRO A 47 4.65 1.60 4.61
C PRO A 47 6.07 2.05 4.27
N GLU A 48 6.30 3.33 4.12
CA GLU A 48 7.69 3.80 3.78
C GLU A 48 8.13 5.04 4.59
N CYS A 49 7.23 5.78 5.17
CA CYS A 49 7.67 6.98 5.96
C CYS A 49 6.98 7.04 7.33
N GLY A 50 6.27 6.00 7.70
CA GLY A 50 5.58 6.02 9.03
C GLY A 50 4.94 7.38 9.28
N THR A 51 4.50 8.03 8.24
CA THR A 51 3.86 9.38 8.41
C THR A 51 2.79 9.29 9.52
N PRO A 52 2.45 10.44 10.04
CA PRO A 52 1.42 10.50 11.12
C PRO A 52 0.05 10.08 10.58
N LEU A 53 -0.12 8.83 10.27
CA LEU A 53 -1.43 8.36 9.75
C LEU A 53 -2.47 8.34 10.87
N ARG A 54 -3.67 8.76 10.59
CA ARG A 54 -4.71 8.77 11.67
C ARG A 54 -5.89 7.85 11.28
N LYS A 55 -5.80 7.19 10.17
CA LYS A 55 -6.91 6.28 9.77
C LYS A 55 -6.47 5.37 8.62
N SER A 56 -5.19 5.08 8.52
CA SER A 56 -4.71 4.18 7.44
C SER A 56 -4.91 4.83 6.06
N ASN A 57 -6.13 5.16 5.73
CA ASN A 57 -6.43 5.82 4.40
C ASN A 57 -5.55 5.30 3.26
N PHE A 58 -6.11 4.49 2.40
CA PHE A 58 -5.32 3.96 1.23
C PHE A 58 -6.10 4.20 -0.08
N ARG A 59 -5.65 5.10 -0.92
CA ARG A 59 -6.36 5.31 -2.21
C ARG A 59 -5.75 4.35 -3.23
N VAL A 60 -6.49 3.35 -3.62
CA VAL A 60 -5.93 2.33 -4.57
C VAL A 60 -6.10 2.72 -6.03
N GLN A 61 -5.20 2.25 -6.85
CA GLN A 61 -5.24 2.54 -8.31
C GLN A 61 -3.99 1.95 -8.97
N LEU A 62 -3.96 1.87 -10.27
CA LEU A 62 -2.76 1.29 -10.95
C LEU A 62 -2.98 1.23 -12.46
N PHE A 63 -4.08 0.67 -12.87
CA PHE A 63 -4.37 0.57 -14.35
C PHE A 63 -5.49 1.54 -14.73
N GLU A 64 -5.17 2.54 -15.51
CA GLU A 64 -6.21 3.52 -15.92
C GLU A 64 -7.18 2.87 -16.92
N ASP A 65 -7.84 1.82 -16.52
CA ASP A 65 -8.79 1.14 -17.45
C ASP A 65 -8.16 0.98 -18.82
ZN ZN B . 2.00 -5.60 0.33
ZN ZN C . 4.22 8.38 3.77
N MET A 1 6.07 -0.95 -10.13
CA MET A 1 7.27 -1.81 -10.37
C MET A 1 7.12 -3.13 -9.62
N ASP A 2 6.56 -4.12 -10.26
CA ASP A 2 6.39 -5.44 -9.58
C ASP A 2 7.67 -5.82 -8.83
N ASP A 3 8.80 -5.76 -9.48
CA ASP A 3 10.08 -6.12 -8.81
C ASP A 3 10.10 -5.56 -7.38
N GLN A 4 9.42 -4.47 -7.15
CA GLN A 4 9.39 -3.89 -5.78
C GLN A 4 7.95 -3.58 -5.38
N GLY A 5 7.43 -2.46 -5.85
CA GLY A 5 6.03 -2.11 -5.50
C GLY A 5 5.76 -2.40 -4.02
N CYS A 6 4.85 -3.30 -3.75
CA CYS A 6 4.55 -3.63 -2.34
C CYS A 6 5.83 -3.70 -1.48
N PRO A 7 5.91 -2.80 -0.54
CA PRO A 7 7.07 -2.75 0.38
C PRO A 7 6.83 -3.64 1.62
N ARG A 8 5.62 -4.08 1.84
CA ARG A 8 5.35 -4.93 3.04
C ARG A 8 5.16 -6.40 2.64
N CYS A 9 4.14 -6.71 1.89
CA CYS A 9 3.92 -8.15 1.49
C CYS A 9 4.43 -8.43 0.06
N LYS A 10 5.71 -8.35 -0.18
CA LYS A 10 6.20 -8.59 -1.57
C LYS A 10 5.49 -9.80 -2.21
N THR A 11 4.41 -9.53 -2.89
CA THR A 11 3.59 -10.61 -3.54
C THR A 11 2.30 -9.97 -4.04
N THR A 12 2.39 -8.83 -4.65
CA THR A 12 1.16 -8.13 -5.09
C THR A 12 1.16 -7.86 -6.60
N LYS A 13 1.04 -6.62 -7.00
CA LYS A 13 1.03 -6.35 -8.46
C LYS A 13 2.15 -7.15 -9.13
N TYR A 14 3.17 -7.49 -8.39
CA TYR A 14 4.27 -8.30 -8.96
C TYR A 14 3.81 -9.76 -9.03
N ARG A 15 3.34 -10.26 -7.93
CA ARG A 15 2.83 -11.66 -7.88
C ARG A 15 1.33 -11.66 -8.18
N ASN A 16 0.59 -10.96 -7.38
CA ASN A 16 -0.88 -10.84 -7.57
C ASN A 16 -1.18 -9.85 -8.71
N PRO A 17 -1.65 -10.38 -9.80
CA PRO A 17 -1.98 -9.52 -10.96
C PRO A 17 -3.25 -8.71 -10.70
N SER A 18 -4.30 -9.35 -10.26
CA SER A 18 -5.56 -8.62 -9.99
C SER A 18 -5.42 -7.82 -8.69
N LEU A 19 -4.43 -6.97 -8.60
CA LEU A 19 -4.24 -6.16 -7.37
C LEU A 19 -3.70 -4.77 -7.73
N LYS A 20 -3.82 -3.84 -6.82
CA LYS A 20 -3.30 -2.46 -7.10
C LYS A 20 -2.65 -1.89 -5.85
N LEU A 21 -2.07 -0.72 -5.95
CA LEU A 21 -1.40 -0.13 -4.76
C LEU A 21 -2.19 1.08 -4.25
N MET A 22 -2.24 1.27 -2.95
CA MET A 22 -3.00 2.44 -2.41
C MET A 22 -2.03 3.41 -1.75
N VAL A 23 -2.20 4.68 -2.00
CA VAL A 23 -1.30 5.71 -1.42
C VAL A 23 -2.03 6.51 -0.33
N ASN A 24 -1.29 7.15 0.53
CA ASN A 24 -1.94 7.94 1.63
C ASN A 24 -1.55 9.43 1.55
N VAL A 25 -2.13 10.22 2.41
CA VAL A 25 -1.85 11.70 2.41
C VAL A 25 -0.41 12.02 1.97
N CYS A 26 0.58 11.74 2.78
CA CYS A 26 1.99 12.07 2.38
C CYS A 26 2.22 11.68 0.92
N GLY A 27 1.49 10.70 0.44
CA GLY A 27 1.66 10.27 -0.97
C GLY A 27 2.90 9.39 -1.11
N HIS A 28 2.75 8.10 -1.01
CA HIS A 28 3.92 7.20 -1.15
C HIS A 28 3.54 5.89 -1.85
N THR A 29 3.35 4.82 -1.13
CA THR A 29 2.98 3.54 -1.80
C THR A 29 2.60 2.46 -0.79
N LEU A 30 1.52 1.77 -1.05
CA LEU A 30 1.07 0.68 -0.14
C LEU A 30 0.22 -0.30 -0.94
N CYS A 31 0.83 -1.32 -1.46
CA CYS A 31 0.07 -2.30 -2.28
C CYS A 31 -1.27 -2.61 -1.64
N GLU A 32 -2.15 -3.26 -2.36
CA GLU A 32 -3.46 -3.61 -1.76
C GLU A 32 -3.20 -4.53 -0.56
N SER A 33 -2.34 -5.50 -0.75
CA SER A 33 -2.01 -6.44 0.36
C SER A 33 -1.31 -5.72 1.51
N CYS A 34 -0.89 -4.48 1.35
CA CYS A 34 -0.24 -3.78 2.51
C CYS A 34 -1.32 -3.16 3.39
N VAL A 35 -2.19 -2.40 2.80
CA VAL A 35 -3.29 -1.77 3.58
C VAL A 35 -3.97 -2.84 4.47
N ASP A 36 -3.82 -4.10 4.14
CA ASP A 36 -4.45 -5.16 4.97
C ASP A 36 -3.54 -5.51 6.16
N LEU A 37 -2.30 -5.86 5.91
CA LEU A 37 -1.38 -6.21 7.04
C LEU A 37 -0.86 -4.94 7.73
N LEU A 38 -0.86 -3.84 7.04
CA LEU A 38 -0.37 -2.56 7.65
C LEU A 38 -1.31 -2.10 8.77
N PHE A 39 -2.60 -2.17 8.53
CA PHE A 39 -3.57 -1.70 9.57
C PHE A 39 -3.95 -2.81 10.54
N VAL A 40 -4.20 -3.99 10.06
CA VAL A 40 -4.59 -5.09 10.99
C VAL A 40 -3.52 -5.24 12.07
N ARG A 41 -2.35 -4.69 11.85
CA ARG A 41 -1.27 -4.81 12.87
C ARG A 41 -0.85 -3.43 13.39
N GLY A 42 -1.65 -2.42 13.19
CA GLY A 42 -1.28 -1.07 13.68
C GLY A 42 -2.22 -0.01 13.12
N ALA A 43 -2.27 0.14 11.82
CA ALA A 43 -3.19 1.16 11.22
C ALA A 43 -2.77 2.56 11.67
N GLY A 44 -2.13 3.31 10.82
CA GLY A 44 -1.72 4.69 11.20
C GLY A 44 -0.21 4.84 11.01
N ASN A 45 0.34 4.22 10.00
CA ASN A 45 1.80 4.33 9.75
C ASN A 45 2.11 4.10 8.27
N CYS A 46 2.70 5.08 7.62
CA CYS A 46 3.04 4.91 6.18
C CYS A 46 4.02 3.76 5.99
N PRO A 47 3.83 3.04 4.92
CA PRO A 47 4.72 1.89 4.60
C PRO A 47 6.14 2.38 4.31
N GLU A 48 6.34 3.67 4.23
CA GLU A 48 7.70 4.20 3.96
C GLU A 48 8.06 5.33 4.96
N CYS A 49 7.29 6.39 5.00
CA CYS A 49 7.62 7.50 5.95
C CYS A 49 6.73 7.43 7.20
N GLY A 50 6.50 6.23 7.69
CA GLY A 50 5.65 6.00 8.90
C GLY A 50 5.19 7.32 9.54
N THR A 51 4.25 7.98 8.94
CA THR A 51 3.76 9.27 9.50
C THR A 51 2.35 9.05 10.10
N PRO A 52 1.80 10.09 10.65
CA PRO A 52 0.45 9.98 11.26
C PRO A 52 -0.61 9.76 10.18
N LEU A 53 -0.81 8.54 9.79
CA LEU A 53 -1.82 8.24 8.73
C LEU A 53 -3.20 8.05 9.36
N ARG A 54 -3.49 8.74 10.42
CA ARG A 54 -4.82 8.60 11.08
C ARG A 54 -5.06 7.14 11.49
N LYS A 55 -5.39 6.29 10.56
CA LYS A 55 -5.63 4.87 10.90
C LYS A 55 -5.70 4.01 9.64
N SER A 56 -6.19 4.57 8.55
CA SER A 56 -6.28 3.77 7.28
C SER A 56 -6.64 4.69 6.11
N ASN A 57 -5.81 5.64 5.79
CA ASN A 57 -6.12 6.56 4.66
C ASN A 57 -5.26 6.21 3.45
N PHE A 58 -5.59 5.15 2.76
CA PHE A 58 -4.80 4.76 1.57
C PHE A 58 -5.73 4.58 0.37
N ARG A 59 -5.55 5.36 -0.66
CA ARG A 59 -6.44 5.24 -1.85
C ARG A 59 -5.84 4.24 -2.85
N VAL A 60 -6.46 3.11 -2.99
CA VAL A 60 -5.94 2.06 -3.91
C VAL A 60 -6.47 2.24 -5.33
N GLN A 61 -5.65 1.94 -6.30
CA GLN A 61 -6.05 2.08 -7.73
C GLN A 61 -4.90 1.67 -8.64
N LEU A 62 -5.16 1.49 -9.91
CA LEU A 62 -4.06 1.09 -10.84
C LEU A 62 -4.36 1.60 -12.25
N PHE A 63 -4.71 2.85 -12.39
CA PHE A 63 -5.00 3.40 -13.74
C PHE A 63 -4.55 4.86 -13.83
N GLU A 64 -3.28 5.08 -14.03
CA GLU A 64 -2.78 6.48 -14.13
C GLU A 64 -2.84 6.96 -15.58
N ASP A 65 -4.02 7.05 -16.14
CA ASP A 65 -4.14 7.52 -17.55
C ASP A 65 -5.58 7.96 -17.83
ZN ZN B . 2.00 -5.27 0.31
ZN ZN C . 4.59 8.38 3.43
N MET A 1 5.21 -1.64 -12.45
CA MET A 1 4.24 -1.77 -11.32
C MET A 1 4.81 -2.67 -10.23
N ASP A 2 4.98 -3.92 -10.52
CA ASP A 2 5.54 -4.86 -9.49
C ASP A 2 6.91 -4.36 -9.02
N ASP A 3 7.72 -5.24 -8.50
CA ASP A 3 9.06 -4.83 -8.01
C ASP A 3 8.95 -3.65 -7.03
N GLN A 4 8.89 -2.44 -7.53
CA GLN A 4 8.81 -1.26 -6.63
C GLN A 4 7.40 -1.14 -6.02
N GLY A 5 6.44 -1.80 -6.59
CA GLY A 5 5.06 -1.71 -6.03
C GLY A 5 5.03 -2.23 -4.60
N CYS A 6 4.16 -3.17 -4.31
CA CYS A 6 4.06 -3.75 -2.95
C CYS A 6 5.43 -3.78 -2.24
N PRO A 7 5.65 -2.79 -1.42
CA PRO A 7 6.92 -2.74 -0.64
C PRO A 7 6.84 -3.66 0.59
N ARG A 8 5.77 -3.58 1.34
CA ARG A 8 5.63 -4.44 2.57
C ARG A 8 5.68 -5.94 2.25
N CYS A 9 4.84 -6.44 1.37
CA CYS A 9 4.89 -7.92 1.07
C CYS A 9 5.39 -8.20 -0.34
N LYS A 10 6.25 -7.36 -0.89
CA LYS A 10 6.78 -7.54 -2.29
C LYS A 10 6.30 -8.83 -2.96
N THR A 11 5.03 -8.92 -3.29
CA THR A 11 4.54 -10.18 -3.94
C THR A 11 3.22 -9.95 -4.67
N THR A 12 2.27 -9.30 -4.04
CA THR A 12 0.94 -9.08 -4.68
C THR A 12 1.08 -8.71 -6.16
N LYS A 13 0.93 -7.45 -6.50
CA LYS A 13 1.01 -7.06 -7.94
C LYS A 13 2.10 -7.85 -8.68
N TYR A 14 3.12 -8.32 -8.00
CA TYR A 14 4.12 -9.14 -8.72
C TYR A 14 3.46 -10.48 -9.03
N ARG A 15 2.85 -11.07 -8.03
CA ARG A 15 2.10 -12.34 -8.23
C ARG A 15 0.65 -12.02 -8.58
N ASN A 16 -0.06 -11.47 -7.63
CA ASN A 16 -1.50 -11.11 -7.84
C ASN A 16 -1.63 -10.06 -8.95
N PRO A 17 -2.31 -10.43 -10.00
CA PRO A 17 -2.53 -9.49 -11.11
C PRO A 17 -3.70 -8.56 -10.76
N SER A 18 -4.86 -9.11 -10.49
CA SER A 18 -6.01 -8.26 -10.11
C SER A 18 -5.68 -7.62 -8.75
N LEU A 19 -4.82 -6.65 -8.76
CA LEU A 19 -4.39 -6.01 -7.48
C LEU A 19 -3.85 -4.59 -7.73
N LYS A 20 -3.78 -3.77 -6.70
CA LYS A 20 -3.23 -2.41 -6.90
C LYS A 20 -2.63 -1.88 -5.60
N LEU A 21 -1.95 -0.75 -5.68
CA LEU A 21 -1.32 -0.17 -4.47
C LEU A 21 -1.93 1.19 -4.17
N MET A 22 -2.12 1.51 -2.92
CA MET A 22 -2.72 2.83 -2.59
C MET A 22 -1.63 3.80 -2.13
N VAL A 23 -1.94 5.05 -2.14
CA VAL A 23 -0.97 6.08 -1.67
C VAL A 23 -1.61 6.85 -0.52
N ASN A 24 -0.91 7.74 0.11
CA ASN A 24 -1.52 8.47 1.25
C ASN A 24 -1.12 9.94 1.27
N VAL A 25 -1.73 10.69 2.15
CA VAL A 25 -1.42 12.14 2.26
C VAL A 25 0.09 12.39 2.17
N CYS A 26 0.89 11.50 2.69
CA CYS A 26 2.36 11.71 2.60
C CYS A 26 2.86 11.46 1.18
N GLY A 27 2.29 10.48 0.51
CA GLY A 27 2.71 10.20 -0.89
C GLY A 27 3.68 9.03 -0.95
N HIS A 28 3.18 7.82 -0.97
CA HIS A 28 4.09 6.64 -1.04
C HIS A 28 3.36 5.46 -1.69
N THR A 29 3.11 4.37 -1.00
CA THR A 29 2.40 3.23 -1.68
C THR A 29 2.10 2.09 -0.70
N LEU A 30 1.05 1.35 -0.97
CA LEU A 30 0.69 0.19 -0.09
C LEU A 30 -0.20 -0.79 -0.88
N CYS A 31 0.37 -1.84 -1.40
CA CYS A 31 -0.45 -2.82 -2.19
C CYS A 31 -1.61 -3.32 -1.37
N GLU A 32 -2.30 -4.28 -1.91
CA GLU A 32 -3.45 -4.87 -1.15
C GLU A 32 -2.87 -5.51 0.10
N SER A 33 -1.97 -6.42 -0.10
CA SER A 33 -1.30 -7.10 1.03
C SER A 33 -0.51 -6.11 1.90
N CYS A 34 -0.29 -4.89 1.46
CA CYS A 34 0.46 -3.93 2.32
C CYS A 34 -0.56 -3.22 3.20
N VAL A 35 -1.57 -2.66 2.60
CA VAL A 35 -2.63 -1.97 3.39
C VAL A 35 -3.08 -2.88 4.54
N ASP A 36 -3.73 -3.97 4.24
CA ASP A 36 -4.18 -4.89 5.33
C ASP A 36 -3.09 -5.02 6.41
N LEU A 37 -2.00 -5.65 6.10
CA LEU A 37 -0.91 -5.78 7.12
C LEU A 37 -0.68 -4.45 7.83
N LEU A 38 -0.60 -3.39 7.09
CA LEU A 38 -0.38 -2.05 7.73
C LEU A 38 -1.37 -1.82 8.87
N PHE A 39 -2.65 -1.96 8.61
CA PHE A 39 -3.68 -1.70 9.67
C PHE A 39 -4.00 -2.94 10.53
N VAL A 40 -3.86 -4.12 10.00
CA VAL A 40 -4.20 -5.31 10.84
C VAL A 40 -3.36 -5.29 12.13
N ARG A 41 -2.32 -4.52 12.17
CA ARG A 41 -1.48 -4.46 13.41
C ARG A 41 -1.82 -3.20 14.21
N GLY A 42 -2.26 -2.16 13.57
CA GLY A 42 -2.60 -0.91 14.32
C GLY A 42 -3.08 0.19 13.37
N ALA A 43 -2.61 0.20 12.14
CA ALA A 43 -3.05 1.27 11.19
C ALA A 43 -2.62 2.64 11.71
N GLY A 44 -2.08 3.46 10.83
CA GLY A 44 -1.63 4.82 11.26
C GLY A 44 -0.11 4.90 11.18
N ASN A 45 0.48 4.21 10.24
CA ASN A 45 1.97 4.27 10.11
C ASN A 45 2.40 3.92 8.68
N CYS A 46 2.57 4.92 7.84
CA CYS A 46 2.98 4.66 6.43
C CYS A 46 3.97 3.51 6.36
N PRO A 47 3.86 2.74 5.32
CA PRO A 47 4.74 1.56 5.10
C PRO A 47 6.21 1.99 4.98
N GLU A 48 6.47 3.26 4.86
CA GLU A 48 7.90 3.71 4.76
C GLU A 48 8.16 4.95 5.62
N CYS A 49 7.35 5.97 5.54
CA CYS A 49 7.60 7.18 6.36
C CYS A 49 6.57 7.28 7.50
N GLY A 50 6.20 6.14 8.04
CA GLY A 50 5.22 6.05 9.17
C GLY A 50 4.57 7.40 9.48
N THR A 51 3.69 7.88 8.63
CA THR A 51 3.02 9.18 8.90
C THR A 51 1.88 8.96 9.91
N PRO A 52 1.63 9.96 10.70
CA PRO A 52 0.54 9.87 11.72
C PRO A 52 -0.83 9.86 11.04
N LEU A 53 -1.24 8.73 10.53
CA LEU A 53 -2.57 8.67 9.85
C LEU A 53 -3.52 7.77 10.64
N ARG A 54 -4.02 8.25 11.75
CA ARG A 54 -4.94 7.43 12.58
C ARG A 54 -6.26 7.21 11.83
N LYS A 55 -6.20 6.61 10.68
CA LYS A 55 -7.45 6.36 9.89
C LYS A 55 -7.09 5.78 8.52
N SER A 56 -6.07 4.97 8.46
CA SER A 56 -5.66 4.38 7.16
C SER A 56 -5.35 5.49 6.14
N ASN A 57 -6.24 5.73 5.19
CA ASN A 57 -6.03 6.82 4.15
C ASN A 57 -5.24 6.28 2.95
N PHE A 58 -5.60 5.13 2.47
CA PHE A 58 -4.88 4.54 1.29
C PHE A 58 -5.78 4.50 0.06
N ARG A 59 -5.42 5.25 -0.96
CA ARG A 59 -6.24 5.27 -2.21
C ARG A 59 -5.58 4.35 -3.24
N VAL A 60 -6.08 3.15 -3.35
CA VAL A 60 -5.47 2.16 -4.28
C VAL A 60 -6.01 2.26 -5.70
N GLN A 61 -5.18 1.89 -6.64
CA GLN A 61 -5.57 1.94 -8.08
C GLN A 61 -4.42 1.38 -8.92
N LEU A 62 -4.66 1.05 -10.16
CA LEU A 62 -3.57 0.49 -11.01
C LEU A 62 -4.12 0.11 -12.39
N PHE A 63 -5.02 0.90 -12.92
CA PHE A 63 -5.59 0.58 -14.26
C PHE A 63 -6.39 1.77 -14.79
N GLU A 64 -5.81 2.93 -14.78
CA GLU A 64 -6.54 4.13 -15.29
C GLU A 64 -7.12 3.85 -16.68
N ASP A 65 -8.39 3.53 -16.75
CA ASP A 65 -9.01 3.24 -18.07
C ASP A 65 -9.67 4.50 -18.63
ZN ZN B . 2.26 -5.62 -0.22
ZN ZN C . 4.77 7.89 3.51
N MET A 1 3.58 0.44 -11.71
CA MET A 1 2.96 -0.87 -12.04
C MET A 1 3.50 -1.96 -11.12
N ASP A 2 3.57 -3.18 -11.58
CA ASP A 2 4.09 -4.29 -10.73
C ASP A 2 5.46 -3.90 -10.15
N ASP A 3 6.53 -4.36 -10.75
CA ASP A 3 7.88 -4.02 -10.22
C ASP A 3 7.90 -4.07 -8.69
N GLN A 4 8.71 -3.28 -8.07
CA GLN A 4 8.77 -3.28 -6.57
C GLN A 4 7.37 -3.09 -6.00
N GLY A 5 6.66 -2.08 -6.45
CA GLY A 5 5.28 -1.82 -5.95
C GLY A 5 5.20 -2.14 -4.46
N CYS A 6 4.37 -3.09 -4.09
CA CYS A 6 4.21 -3.46 -2.66
C CYS A 6 5.55 -3.35 -1.91
N PRO A 7 5.61 -2.45 -0.96
CA PRO A 7 6.82 -2.25 -0.14
C PRO A 7 6.80 -3.16 1.11
N ARG A 8 5.65 -3.68 1.47
CA ARG A 8 5.58 -4.55 2.69
C ARG A 8 5.55 -6.04 2.30
N CYS A 9 4.52 -6.49 1.65
CA CYS A 9 4.47 -7.94 1.25
C CYS A 9 4.99 -8.12 -0.17
N LYS A 10 6.08 -7.46 -0.52
CA LYS A 10 6.65 -7.55 -1.92
C LYS A 10 6.20 -8.83 -2.64
N THR A 11 5.06 -8.80 -3.25
CA THR A 11 4.57 -10.04 -3.94
C THR A 11 3.24 -9.76 -4.61
N THR A 12 2.41 -9.03 -3.94
CA THR A 12 1.05 -8.72 -4.46
C THR A 12 1.04 -8.38 -5.96
N LYS A 13 1.08 -7.12 -6.31
CA LYS A 13 1.03 -6.77 -7.77
C LYS A 13 2.05 -7.59 -8.56
N TYR A 14 3.03 -8.15 -7.92
CA TYR A 14 4.01 -9.00 -8.65
C TYR A 14 3.34 -10.34 -8.95
N ARG A 15 2.70 -10.90 -7.97
CA ARG A 15 1.95 -12.17 -8.17
C ARG A 15 0.52 -11.82 -8.58
N ASN A 16 -0.18 -11.18 -7.69
CA ASN A 16 -1.58 -10.76 -7.95
C ASN A 16 -1.62 -9.70 -9.06
N PRO A 17 -2.12 -10.08 -10.20
CA PRO A 17 -2.20 -9.13 -11.32
C PRO A 17 -3.47 -8.27 -11.20
N SER A 18 -4.44 -8.75 -10.48
CA SER A 18 -5.70 -7.97 -10.32
C SER A 18 -5.71 -7.22 -8.98
N LEU A 19 -4.70 -6.43 -8.74
CA LEU A 19 -4.63 -5.67 -7.45
C LEU A 19 -3.85 -4.37 -7.66
N LYS A 20 -3.70 -3.57 -6.63
CA LYS A 20 -2.94 -2.30 -6.82
C LYS A 20 -2.35 -1.81 -5.51
N LEU A 21 -1.75 -0.65 -5.55
CA LEU A 21 -1.13 -0.08 -4.34
C LEU A 21 -1.81 1.24 -3.98
N MET A 22 -2.14 1.44 -2.73
CA MET A 22 -2.83 2.70 -2.36
C MET A 22 -1.82 3.77 -1.98
N VAL A 23 -1.96 4.91 -2.56
CA VAL A 23 -1.06 6.04 -2.24
C VAL A 23 -1.64 6.79 -1.07
N ASN A 24 -0.94 7.69 -0.45
CA ASN A 24 -1.56 8.36 0.71
C ASN A 24 -0.96 9.71 1.03
N VAL A 25 -1.82 10.69 1.19
CA VAL A 25 -1.40 12.07 1.58
C VAL A 25 0.11 12.33 1.35
N CYS A 26 0.96 11.84 2.21
CA CYS A 26 2.42 12.06 2.01
C CYS A 26 2.90 11.50 0.66
N GLY A 27 2.08 10.73 0.01
CA GLY A 27 2.47 10.14 -1.29
C GLY A 27 2.73 8.64 -1.08
N HIS A 28 3.91 8.18 -1.41
CA HIS A 28 4.21 6.74 -1.18
C HIS A 28 3.08 5.86 -1.73
N THR A 29 3.03 4.61 -1.36
CA THR A 29 1.95 3.73 -1.91
C THR A 29 1.78 2.49 -1.04
N LEU A 30 0.77 1.70 -1.30
CA LEU A 30 0.57 0.48 -0.47
C LEU A 30 -0.26 -0.58 -1.20
N CYS A 31 0.38 -1.59 -1.71
CA CYS A 31 -0.35 -2.68 -2.41
C CYS A 31 -1.58 -3.10 -1.59
N GLU A 32 -2.38 -3.97 -2.12
CA GLU A 32 -3.57 -4.43 -1.36
C GLU A 32 -3.12 -5.26 -0.16
N SER A 33 -2.18 -6.15 -0.36
CA SER A 33 -1.68 -6.99 0.77
C SER A 33 -1.00 -6.15 1.84
N CYS A 34 -0.70 -4.90 1.60
CA CYS A 34 -0.05 -4.12 2.67
C CYS A 34 -1.11 -3.60 3.64
N VAL A 35 -2.07 -2.87 3.14
CA VAL A 35 -3.13 -2.32 4.01
C VAL A 35 -3.56 -3.38 5.05
N ASP A 36 -3.45 -4.64 4.73
CA ASP A 36 -3.85 -5.68 5.74
C ASP A 36 -2.79 -5.73 6.85
N LEU A 37 -1.66 -6.35 6.60
CA LEU A 37 -0.60 -6.42 7.65
C LEU A 37 -0.36 -5.05 8.25
N LEU A 38 -0.40 -4.03 7.44
CA LEU A 38 -0.16 -2.65 7.95
C LEU A 38 -1.15 -2.26 9.05
N PHE A 39 -2.42 -2.45 8.82
CA PHE A 39 -3.44 -2.02 9.84
C PHE A 39 -3.73 -3.13 10.86
N VAL A 40 -3.66 -4.37 10.49
CA VAL A 40 -3.98 -5.43 11.49
C VAL A 40 -3.10 -5.26 12.73
N ARG A 41 -1.98 -4.59 12.61
CA ARG A 41 -1.11 -4.39 13.81
C ARG A 41 -1.54 -3.12 14.54
N GLY A 42 -2.20 -2.22 13.86
CA GLY A 42 -2.64 -0.97 14.53
C GLY A 42 -3.24 0.02 13.53
N ALA A 43 -2.86 -0.04 12.27
CA ALA A 43 -3.43 0.93 11.29
C ALA A 43 -3.09 2.37 11.70
N GLY A 44 -2.46 3.12 10.84
CA GLY A 44 -2.11 4.52 11.19
C GLY A 44 -0.60 4.75 11.01
N ASN A 45 -0.02 4.16 10.01
CA ASN A 45 1.46 4.35 9.79
C ASN A 45 1.81 4.11 8.32
N CYS A 46 2.42 5.06 7.67
CA CYS A 46 2.78 4.87 6.24
C CYS A 46 3.71 3.68 6.08
N PRO A 47 3.51 2.97 5.01
CA PRO A 47 4.34 1.78 4.70
C PRO A 47 5.80 2.19 4.48
N GLU A 48 6.08 3.46 4.43
CA GLU A 48 7.49 3.88 4.21
C GLU A 48 7.90 5.05 5.13
N CYS A 49 7.28 6.19 5.01
CA CYS A 49 7.68 7.34 5.88
C CYS A 49 6.92 7.30 7.22
N GLY A 50 6.43 6.16 7.60
CA GLY A 50 5.72 6.00 8.91
C GLY A 50 5.06 7.30 9.36
N THR A 51 4.12 7.80 8.62
CA THR A 51 3.43 9.05 9.03
C THR A 51 2.29 8.69 9.99
N PRO A 52 1.96 9.61 10.85
CA PRO A 52 0.87 9.36 11.82
C PRO A 52 -0.49 9.34 11.12
N LEU A 53 -0.73 8.34 10.31
CA LEU A 53 -2.04 8.27 9.59
C LEU A 53 -3.17 8.28 10.62
N ARG A 54 -4.09 9.20 10.50
CA ARG A 54 -5.22 9.28 11.48
C ARG A 54 -6.18 8.10 11.31
N LYS A 55 -5.93 7.23 10.37
CA LYS A 55 -6.83 6.07 10.17
C LYS A 55 -6.38 5.31 8.91
N SER A 56 -7.00 4.21 8.62
CA SER A 56 -6.56 3.43 7.42
C SER A 56 -6.73 4.26 6.12
N ASN A 57 -5.92 5.26 5.92
CA ASN A 57 -6.02 6.08 4.67
C ASN A 57 -5.16 5.43 3.57
N PHE A 58 -5.78 4.82 2.59
CA PHE A 58 -4.98 4.16 1.48
C PHE A 58 -5.83 4.07 0.21
N ARG A 59 -5.60 4.95 -0.74
CA ARG A 59 -6.38 4.92 -2.01
C ARG A 59 -5.62 4.07 -3.03
N VAL A 60 -6.06 2.85 -3.18
CA VAL A 60 -5.36 1.90 -4.10
C VAL A 60 -5.81 2.03 -5.56
N GLN A 61 -4.86 2.30 -6.40
CA GLN A 61 -5.11 2.44 -7.86
C GLN A 61 -3.81 2.12 -8.60
N LEU A 62 -3.84 2.09 -9.91
CA LEU A 62 -2.58 1.79 -10.66
C LEU A 62 -2.68 2.26 -12.10
N PHE A 63 -2.59 3.55 -12.31
CA PHE A 63 -2.67 4.09 -13.70
C PHE A 63 -1.62 5.17 -13.91
N GLU A 64 -0.40 4.91 -13.51
CA GLU A 64 0.67 5.93 -13.68
C GLU A 64 0.57 6.59 -15.06
N ASP A 65 0.89 7.85 -15.15
CA ASP A 65 0.81 8.54 -16.46
C ASP A 65 2.08 9.37 -16.70
ZN ZN B . 2.08 -5.34 0.15
ZN ZN C . 4.45 8.28 3.46
N MET A 1 1.29 1.27 -9.86
CA MET A 1 2.55 0.74 -10.45
C MET A 1 2.92 -0.61 -9.81
N ASP A 2 4.10 -1.10 -10.05
CA ASP A 2 4.51 -2.40 -9.46
C ASP A 2 6.03 -2.40 -9.19
N ASP A 3 6.79 -3.18 -9.91
CA ASP A 3 8.27 -3.21 -9.69
C ASP A 3 8.57 -3.18 -8.18
N GLN A 4 8.81 -2.02 -7.63
CA GLN A 4 9.11 -1.94 -6.18
C GLN A 4 7.84 -1.59 -5.41
N GLY A 5 6.69 -2.01 -5.91
CA GLY A 5 5.42 -1.69 -5.22
C GLY A 5 5.37 -2.41 -3.87
N CYS A 6 4.20 -2.51 -3.29
CA CYS A 6 4.03 -3.18 -1.98
C CYS A 6 5.31 -3.09 -1.12
N PRO A 7 5.37 -2.05 -0.35
CA PRO A 7 6.54 -1.84 0.54
C PRO A 7 6.34 -2.61 1.86
N ARG A 8 5.29 -3.38 1.97
CA ARG A 8 5.05 -4.14 3.23
C ARG A 8 5.02 -5.65 2.97
N CYS A 9 4.11 -6.10 2.15
CA CYS A 9 4.03 -7.58 1.86
C CYS A 9 4.66 -7.92 0.50
N LYS A 10 5.77 -7.31 0.14
CA LYS A 10 6.41 -7.55 -1.19
C LYS A 10 5.98 -8.90 -1.81
N THR A 11 4.87 -8.88 -2.51
CA THR A 11 4.32 -10.11 -3.16
C THR A 11 2.95 -9.75 -3.74
N THR A 12 2.84 -8.62 -4.37
CA THR A 12 1.50 -8.19 -4.88
C THR A 12 1.50 -7.92 -6.38
N LYS A 13 1.09 -6.74 -6.79
CA LYS A 13 1.04 -6.44 -8.24
C LYS A 13 2.28 -7.03 -8.93
N TYR A 14 3.36 -7.19 -8.20
CA TYR A 14 4.56 -7.82 -8.81
C TYR A 14 4.33 -9.33 -8.85
N ARG A 15 3.88 -9.88 -7.76
CA ARG A 15 3.58 -11.35 -7.71
C ARG A 15 2.11 -11.53 -8.10
N ASN A 16 1.24 -11.01 -7.27
CA ASN A 16 -0.23 -11.07 -7.52
C ASN A 16 -0.60 -10.13 -8.68
N PRO A 17 -1.11 -10.72 -9.73
CA PRO A 17 -1.51 -9.91 -10.91
C PRO A 17 -2.79 -9.13 -10.61
N SER A 18 -3.85 -9.81 -10.26
CA SER A 18 -5.12 -9.08 -9.94
C SER A 18 -4.95 -8.29 -8.65
N LEU A 19 -4.00 -7.39 -8.61
CA LEU A 19 -3.78 -6.59 -7.38
C LEU A 19 -3.64 -5.11 -7.74
N LYS A 20 -3.83 -4.24 -6.79
CA LYS A 20 -3.70 -2.79 -7.06
C LYS A 20 -3.00 -2.11 -5.88
N LEU A 21 -2.47 -0.94 -6.09
CA LEU A 21 -1.75 -0.26 -4.99
C LEU A 21 -2.48 1.03 -4.58
N MET A 22 -2.68 1.22 -3.32
CA MET A 22 -3.38 2.45 -2.85
C MET A 22 -2.34 3.44 -2.31
N VAL A 23 -2.61 4.71 -2.36
CA VAL A 23 -1.61 5.71 -1.85
C VAL A 23 -2.33 6.80 -1.04
N ASN A 24 -1.58 7.60 -0.30
CA ASN A 24 -2.25 8.66 0.51
C ASN A 24 -1.23 9.61 1.16
N VAL A 25 -1.73 10.64 1.79
CA VAL A 25 -0.87 11.61 2.52
C VAL A 25 0.51 11.75 1.85
N CYS A 26 1.60 11.40 2.51
CA CYS A 26 2.95 11.54 1.87
C CYS A 26 2.89 11.09 0.41
N GLY A 27 1.96 10.23 0.06
CA GLY A 27 1.87 9.76 -1.34
C GLY A 27 2.96 8.73 -1.61
N HIS A 28 3.01 7.70 -0.80
CA HIS A 28 4.06 6.67 -1.01
C HIS A 28 3.53 5.53 -1.89
N THR A 29 2.93 4.54 -1.29
CA THR A 29 2.38 3.40 -2.09
C THR A 29 1.83 2.35 -1.13
N LEU A 30 0.78 1.69 -1.51
CA LEU A 30 0.19 0.66 -0.61
C LEU A 30 -0.49 -0.44 -1.41
N CYS A 31 0.19 -1.49 -1.70
CA CYS A 31 -0.47 -2.57 -2.47
C CYS A 31 -1.77 -2.94 -1.76
N GLU A 32 -2.66 -3.63 -2.41
CA GLU A 32 -3.92 -3.99 -1.70
C GLU A 32 -3.53 -4.81 -0.46
N SER A 33 -2.53 -5.64 -0.61
CA SER A 33 -2.05 -6.48 0.54
C SER A 33 -1.39 -5.61 1.62
N CYS A 34 -1.09 -4.36 1.36
CA CYS A 34 -0.48 -3.52 2.44
C CYS A 34 -1.60 -2.95 3.31
N VAL A 35 -2.46 -2.18 2.72
CA VAL A 35 -3.60 -1.61 3.49
C VAL A 35 -4.22 -2.73 4.35
N ASP A 36 -4.10 -3.96 3.91
CA ASP A 36 -4.71 -5.10 4.67
C ASP A 36 -3.84 -5.48 5.87
N LEU A 37 -2.55 -5.57 5.70
CA LEU A 37 -1.67 -5.96 6.84
C LEU A 37 -1.24 -4.71 7.63
N LEU A 38 -1.27 -3.59 6.99
CA LEU A 38 -0.87 -2.31 7.63
C LEU A 38 -1.78 -1.96 8.81
N PHE A 39 -3.06 -2.01 8.59
CA PHE A 39 -4.03 -1.62 9.67
C PHE A 39 -4.40 -2.79 10.56
N VAL A 40 -4.71 -3.90 9.98
CA VAL A 40 -5.13 -5.06 10.80
C VAL A 40 -4.28 -5.15 12.06
N ARG A 41 -3.03 -4.76 11.98
CA ARG A 41 -2.17 -4.86 13.20
C ARG A 41 -1.07 -3.80 13.22
N GLY A 42 -1.16 -2.79 12.39
CA GLY A 42 -0.11 -1.74 12.39
C GLY A 42 -0.67 -0.37 11.96
N ALA A 43 -1.97 -0.24 11.86
CA ALA A 43 -2.55 1.07 11.45
C ALA A 43 -1.96 2.21 12.28
N GLY A 44 -1.54 3.28 11.64
CA GLY A 44 -0.98 4.42 12.42
C GLY A 44 0.35 4.89 11.82
N ASN A 45 0.93 4.15 10.90
CA ASN A 45 2.23 4.60 10.32
C ASN A 45 2.46 4.02 8.92
N CYS A 46 2.76 4.88 7.98
CA CYS A 46 3.05 4.43 6.57
C CYS A 46 3.91 3.17 6.59
N PRO A 47 3.68 2.29 5.66
CA PRO A 47 4.47 1.04 5.56
C PRO A 47 5.90 1.36 5.15
N GLU A 48 6.17 2.59 4.83
CA GLU A 48 7.54 2.95 4.40
C GLU A 48 8.08 4.16 5.20
N CYS A 49 7.28 5.15 5.44
CA CYS A 49 7.78 6.33 6.21
C CYS A 49 6.97 6.54 7.49
N GLY A 50 6.31 5.52 7.95
CA GLY A 50 5.51 5.63 9.22
C GLY A 50 4.84 7.00 9.34
N THR A 51 4.56 7.66 8.25
CA THR A 51 3.90 8.99 8.36
C THR A 51 2.75 8.90 9.37
N PRO A 52 2.47 10.00 10.00
CA PRO A 52 1.40 10.05 11.02
C PRO A 52 0.02 9.88 10.39
N LEU A 53 -0.26 8.74 9.82
CA LEU A 53 -1.59 8.52 9.20
C LEU A 53 -2.66 8.57 10.30
N ARG A 54 -2.75 7.55 11.11
CA ARG A 54 -3.76 7.51 12.23
C ARG A 54 -5.16 7.20 11.72
N LYS A 55 -5.29 6.54 10.60
CA LYS A 55 -6.65 6.21 10.09
C LYS A 55 -6.56 5.38 8.80
N SER A 56 -5.50 4.64 8.63
CA SER A 56 -5.35 3.80 7.41
C SER A 56 -5.86 4.55 6.18
N ASN A 57 -5.30 5.69 5.88
CA ASN A 57 -5.75 6.47 4.70
C ASN A 57 -4.96 6.07 3.45
N PHE A 58 -5.60 5.44 2.50
CA PHE A 58 -4.90 5.02 1.25
C PHE A 58 -5.94 4.89 0.12
N ARG A 59 -5.65 5.38 -1.07
CA ARG A 59 -6.65 5.29 -2.18
C ARG A 59 -6.19 4.23 -3.16
N VAL A 60 -6.89 3.14 -3.22
CA VAL A 60 -6.49 2.03 -4.11
C VAL A 60 -7.04 2.18 -5.52
N GLN A 61 -6.25 1.80 -6.48
CA GLN A 61 -6.66 1.91 -7.91
C GLN A 61 -5.51 1.41 -8.79
N LEU A 62 -5.72 1.33 -10.08
CA LEU A 62 -4.62 0.86 -10.97
C LEU A 62 -4.82 1.39 -12.39
N PHE A 63 -3.80 1.97 -12.97
CA PHE A 63 -3.92 2.50 -14.35
C PHE A 63 -3.25 1.55 -15.35
N GLU A 64 -2.10 1.02 -14.99
CA GLU A 64 -1.40 0.09 -15.91
C GLU A 64 -1.36 0.67 -17.33
N ASP A 65 -0.61 1.72 -17.53
CA ASP A 65 -0.53 2.33 -18.89
C ASP A 65 0.58 1.66 -19.70
ZN ZN B . 1.81 -5.04 0.36
ZN ZN C . 4.80 7.56 3.53
N MET A 1 3.57 -0.13 -9.46
CA MET A 1 3.18 -1.04 -10.58
C MET A 1 3.83 -2.41 -10.39
N ASP A 2 3.26 -3.43 -10.97
CA ASP A 2 3.86 -4.79 -10.82
C ASP A 2 5.37 -4.73 -11.04
N ASP A 3 5.83 -3.76 -11.77
CA ASP A 3 7.30 -3.65 -12.02
C ASP A 3 8.04 -3.27 -10.74
N GLN A 4 7.40 -2.52 -9.87
CA GLN A 4 8.07 -2.12 -8.60
C GLN A 4 8.03 -3.27 -7.59
N GLY A 5 6.87 -3.59 -7.08
CA GLY A 5 6.78 -4.70 -6.10
C GLY A 5 6.42 -4.15 -4.72
N CYS A 6 5.26 -4.51 -4.20
CA CYS A 6 4.84 -4.03 -2.85
C CYS A 6 6.06 -3.82 -1.92
N PRO A 7 5.90 -2.91 -1.00
CA PRO A 7 6.95 -2.63 0.00
C PRO A 7 6.74 -3.47 1.27
N ARG A 8 5.57 -3.39 1.85
CA ARG A 8 5.28 -4.16 3.10
C ARG A 8 5.26 -5.67 2.83
N CYS A 9 4.25 -6.13 2.13
CA CYS A 9 4.14 -7.60 1.83
C CYS A 9 4.61 -7.91 0.41
N LYS A 10 5.80 -7.48 0.04
CA LYS A 10 6.30 -7.70 -1.36
C LYS A 10 5.77 -9.03 -1.93
N THR A 11 4.62 -8.99 -2.56
CA THR A 11 4.06 -10.25 -3.13
C THR A 11 2.70 -10.01 -3.82
N THR A 12 2.32 -8.79 -4.07
CA THR A 12 0.99 -8.57 -4.69
C THR A 12 1.15 -8.31 -6.19
N LYS A 13 0.74 -7.17 -6.68
CA LYS A 13 0.86 -6.91 -8.15
C LYS A 13 2.11 -7.58 -8.73
N TYR A 14 3.18 -7.68 -7.97
CA TYR A 14 4.40 -8.37 -8.49
C TYR A 14 4.03 -9.83 -8.71
N ARG A 15 3.48 -10.44 -7.71
CA ARG A 15 3.02 -11.85 -7.82
C ARG A 15 1.58 -11.82 -8.33
N ASN A 16 0.72 -11.25 -7.53
CA ASN A 16 -0.70 -11.09 -7.93
C ASN A 16 -0.74 -10.23 -9.20
N PRO A 17 -1.48 -10.67 -10.17
CA PRO A 17 -1.57 -9.90 -11.44
C PRO A 17 -2.58 -8.76 -11.31
N SER A 18 -3.86 -9.07 -11.32
CA SER A 18 -4.89 -8.00 -11.20
C SER A 18 -4.78 -7.34 -9.83
N LEU A 19 -3.69 -6.67 -9.56
CA LEU A 19 -3.50 -6.03 -8.24
C LEU A 19 -3.11 -4.56 -8.39
N LYS A 20 -3.42 -3.75 -7.42
CA LYS A 20 -3.04 -2.31 -7.52
C LYS A 20 -2.47 -1.81 -6.19
N LEU A 21 -1.92 -0.62 -6.19
CA LEU A 21 -1.32 -0.08 -4.94
C LEU A 21 -2.10 1.15 -4.47
N MET A 22 -2.45 1.19 -3.22
CA MET A 22 -3.20 2.38 -2.71
C MET A 22 -2.25 3.29 -1.95
N VAL A 23 -2.56 4.56 -1.88
CA VAL A 23 -1.66 5.50 -1.16
C VAL A 23 -2.34 6.01 0.11
N ASN A 24 -1.58 6.36 1.09
CA ASN A 24 -2.18 6.89 2.35
C ASN A 24 -1.75 8.33 2.56
N VAL A 25 -2.69 9.24 2.62
CA VAL A 25 -2.34 10.68 2.83
C VAL A 25 -1.02 11.02 2.11
N CYS A 26 0.10 10.98 2.78
CA CYS A 26 1.39 11.29 2.09
C CYS A 26 1.54 10.39 0.88
N GLY A 27 1.28 10.92 -0.27
CA GLY A 27 1.39 10.11 -1.52
C GLY A 27 2.59 9.17 -1.46
N HIS A 28 2.41 7.97 -0.99
CA HIS A 28 3.56 7.02 -0.92
C HIS A 28 3.23 5.72 -1.67
N THR A 29 2.93 4.64 -0.99
CA THR A 29 2.61 3.38 -1.73
C THR A 29 2.08 2.30 -0.77
N LEU A 30 1.00 1.65 -1.16
CA LEU A 30 0.42 0.57 -0.30
C LEU A 30 -0.22 -0.49 -1.18
N CYS A 31 0.50 -1.52 -1.53
CA CYS A 31 -0.10 -2.56 -2.41
C CYS A 31 -1.44 -3.03 -1.86
N GLU A 32 -2.05 -4.00 -2.47
CA GLU A 32 -3.37 -4.46 -1.92
C GLU A 32 -3.13 -5.09 -0.54
N SER A 33 -2.17 -5.96 -0.47
CA SER A 33 -1.87 -6.65 0.82
C SER A 33 -1.30 -5.70 1.88
N CYS A 34 -0.88 -4.51 1.51
CA CYS A 34 -0.35 -3.61 2.57
C CYS A 34 -1.52 -3.11 3.42
N VAL A 35 -2.49 -2.52 2.79
CA VAL A 35 -3.67 -2.01 3.54
C VAL A 35 -4.11 -3.04 4.61
N ASP A 36 -4.38 -4.24 4.20
CA ASP A 36 -4.85 -5.29 5.16
C ASP A 36 -3.92 -5.47 6.37
N LEU A 37 -2.68 -5.85 6.17
CA LEU A 37 -1.78 -6.09 7.35
C LEU A 37 -1.07 -4.83 7.82
N LEU A 38 -0.89 -3.86 6.98
CA LEU A 38 -0.18 -2.61 7.39
C LEU A 38 -0.92 -1.89 8.52
N PHE A 39 -2.17 -1.63 8.34
CA PHE A 39 -2.94 -0.88 9.38
C PHE A 39 -3.56 -1.79 10.44
N VAL A 40 -4.04 -2.95 10.08
CA VAL A 40 -4.65 -3.81 11.14
C VAL A 40 -3.72 -3.88 12.34
N ARG A 41 -2.44 -3.77 12.13
CA ARG A 41 -1.49 -3.82 13.28
C ARG A 41 -1.77 -2.62 14.19
N GLY A 42 -1.49 -1.43 13.72
CA GLY A 42 -1.74 -0.23 14.55
C GLY A 42 -2.34 0.89 13.68
N ALA A 43 -2.61 0.63 12.42
CA ALA A 43 -3.20 1.68 11.54
C ALA A 43 -2.59 3.05 11.85
N GLY A 44 -1.54 3.43 11.16
CA GLY A 44 -0.93 4.76 11.43
C GLY A 44 0.50 4.78 10.89
N ASN A 45 1.11 3.64 10.69
CA ASN A 45 2.50 3.62 10.17
C ASN A 45 2.51 3.50 8.65
N CYS A 46 2.81 4.57 7.96
CA CYS A 46 2.86 4.51 6.47
C CYS A 46 3.77 3.37 6.02
N PRO A 47 3.42 2.78 4.92
CA PRO A 47 4.22 1.67 4.36
C PRO A 47 5.65 2.11 4.02
N GLU A 48 5.95 3.37 4.10
CA GLU A 48 7.35 3.80 3.76
C GLU A 48 7.85 4.97 4.65
N CYS A 49 7.03 5.90 5.05
CA CYS A 49 7.55 7.02 5.90
C CYS A 49 6.94 6.97 7.30
N GLY A 50 6.26 5.91 7.64
CA GLY A 50 5.65 5.77 9.00
C GLY A 50 5.15 7.13 9.50
N THR A 51 4.34 7.80 8.73
CA THR A 51 3.82 9.13 9.17
C THR A 51 2.74 8.94 10.25
N PRO A 52 2.58 9.94 11.06
CA PRO A 52 1.57 9.88 12.14
C PRO A 52 0.16 9.92 11.54
N LEU A 53 -0.32 8.81 11.05
CA LEU A 53 -1.67 8.76 10.44
C LEU A 53 -2.74 8.75 11.53
N ARG A 54 -2.99 7.61 12.12
CA ARG A 54 -4.03 7.51 13.20
C ARG A 54 -5.43 7.51 12.58
N LYS A 55 -5.53 7.51 11.27
CA LYS A 55 -6.87 7.51 10.64
C LYS A 55 -6.98 6.37 9.61
N SER A 56 -5.88 5.85 9.16
CA SER A 56 -5.94 4.74 8.16
C SER A 56 -6.58 5.23 6.86
N ASN A 57 -5.79 5.41 5.83
CA ASN A 57 -6.36 5.88 4.54
C ASN A 57 -5.58 5.29 3.37
N PHE A 58 -6.26 4.69 2.42
CA PHE A 58 -5.53 4.09 1.25
C PHE A 58 -6.28 4.41 -0.04
N ARG A 59 -5.62 5.06 -0.95
CA ARG A 59 -6.26 5.39 -2.26
C ARG A 59 -5.71 4.43 -3.32
N VAL A 60 -6.45 3.41 -3.63
CA VAL A 60 -5.95 2.38 -4.60
C VAL A 60 -6.23 2.75 -6.05
N GLN A 61 -5.34 2.33 -6.92
CA GLN A 61 -5.47 2.61 -8.37
C GLN A 61 -4.23 2.08 -9.09
N LEU A 62 -4.33 1.73 -10.34
CA LEU A 62 -3.14 1.19 -11.06
C LEU A 62 -3.38 1.22 -12.57
N PHE A 63 -4.52 0.77 -13.00
CA PHE A 63 -4.82 0.77 -14.46
C PHE A 63 -4.92 2.20 -14.98
N GLU A 64 -3.82 2.90 -15.09
CA GLU A 64 -3.86 4.29 -15.59
C GLU A 64 -3.48 4.34 -17.07
N ASP A 65 -2.79 5.36 -17.49
CA ASP A 65 -2.39 5.46 -18.92
C ASP A 65 -3.57 5.09 -19.83
ZN ZN B . 2.04 -4.97 0.42
ZN ZN C . 4.13 8.16 3.84
N MET A 1 0.25 -3.81 -12.07
CA MET A 1 1.10 -4.83 -12.76
C MET A 1 2.56 -4.70 -12.31
N ASP A 2 2.87 -5.18 -11.14
CA ASP A 2 4.28 -5.09 -10.63
C ASP A 2 4.89 -3.74 -11.01
N ASP A 3 4.17 -2.66 -10.81
CA ASP A 3 4.71 -1.33 -11.17
C ASP A 3 5.51 -0.74 -9.99
N GLN A 4 4.89 0.07 -9.17
CA GLN A 4 5.63 0.66 -8.02
C GLN A 4 6.48 -0.41 -7.34
N GLY A 5 5.87 -1.28 -6.57
CA GLY A 5 6.67 -2.34 -5.91
C GLY A 5 6.30 -2.45 -4.42
N CYS A 6 5.23 -3.15 -4.10
CA CYS A 6 4.81 -3.31 -2.67
C CYS A 6 6.02 -3.21 -1.71
N PRO A 7 5.79 -2.55 -0.60
CA PRO A 7 6.84 -2.40 0.43
C PRO A 7 6.79 -3.50 1.52
N ARG A 8 5.80 -3.44 2.39
CA ARG A 8 5.69 -4.42 3.53
C ARG A 8 5.67 -5.88 3.08
N CYS A 9 4.89 -6.25 2.10
CA CYS A 9 4.84 -7.67 1.71
C CYS A 9 5.15 -7.87 0.22
N LYS A 10 6.29 -7.40 -0.22
CA LYS A 10 6.66 -7.50 -1.67
C LYS A 10 6.40 -8.93 -2.19
N THR A 11 5.39 -9.10 -2.99
CA THR A 11 5.06 -10.45 -3.53
C THR A 11 3.76 -10.37 -4.32
N THR A 12 2.90 -9.50 -3.89
CA THR A 12 1.56 -9.36 -4.48
C THR A 12 1.55 -9.03 -5.99
N LYS A 13 1.36 -7.78 -6.35
CA LYS A 13 1.27 -7.42 -7.79
C LYS A 13 2.21 -8.28 -8.65
N TYR A 14 3.38 -8.61 -8.16
CA TYR A 14 4.25 -9.50 -8.99
C TYR A 14 3.48 -10.79 -9.20
N ARG A 15 2.99 -11.36 -8.14
CA ARG A 15 2.15 -12.59 -8.22
C ARG A 15 0.70 -12.18 -8.38
N ASN A 16 0.12 -11.71 -7.31
CA ASN A 16 -1.29 -11.25 -7.32
C ASN A 16 -1.55 -10.32 -8.50
N PRO A 17 -2.16 -10.85 -9.52
CA PRO A 17 -2.49 -10.05 -10.72
C PRO A 17 -3.89 -9.44 -10.56
N SER A 18 -4.37 -9.29 -9.35
CA SER A 18 -5.74 -8.73 -9.16
C SER A 18 -5.73 -7.65 -8.06
N LEU A 19 -4.73 -6.82 -8.02
CA LEU A 19 -4.71 -5.74 -6.99
C LEU A 19 -3.86 -4.57 -7.45
N LYS A 20 -3.68 -3.60 -6.61
CA LYS A 20 -2.84 -2.43 -6.97
C LYS A 20 -2.24 -1.81 -5.70
N LEU A 21 -1.76 -0.61 -5.79
CA LEU A 21 -1.15 0.02 -4.59
C LEU A 21 -1.96 1.23 -4.16
N MET A 22 -2.23 1.36 -2.89
CA MET A 22 -3.03 2.53 -2.42
C MET A 22 -2.11 3.54 -1.75
N VAL A 23 -2.20 4.77 -2.18
CA VAL A 23 -1.33 5.84 -1.59
C VAL A 23 -2.01 6.47 -0.38
N ASN A 24 -1.32 7.34 0.32
CA ASN A 24 -1.95 7.97 1.52
C ASN A 24 -1.28 9.30 1.86
N VAL A 25 -2.07 10.34 1.93
CA VAL A 25 -1.57 11.70 2.29
C VAL A 25 -0.09 11.91 1.88
N CYS A 26 0.86 11.51 2.70
CA CYS A 26 2.29 11.73 2.35
C CYS A 26 2.68 10.90 1.14
N GLY A 27 2.03 11.13 0.04
CA GLY A 27 2.35 10.38 -1.22
C GLY A 27 2.72 8.94 -0.89
N HIS A 28 3.94 8.56 -1.12
CA HIS A 28 4.36 7.16 -0.83
C HIS A 28 3.32 6.19 -1.39
N THR A 29 3.19 5.02 -0.84
CA THR A 29 2.19 4.06 -1.39
C THR A 29 2.21 2.74 -0.64
N LEU A 30 1.20 1.95 -0.83
CA LEU A 30 1.16 0.62 -0.15
C LEU A 30 0.35 -0.37 -1.00
N CYS A 31 0.98 -1.40 -1.47
CA CYS A 31 0.26 -2.39 -2.30
C CYS A 31 -1.06 -2.78 -1.65
N GLU A 32 -1.86 -3.58 -2.28
CA GLU A 32 -3.15 -3.97 -1.62
C GLU A 32 -2.84 -5.00 -0.53
N SER A 33 -1.93 -5.90 -0.78
CA SER A 33 -1.60 -6.91 0.24
C SER A 33 -1.00 -6.23 1.47
N CYS A 34 -0.61 -4.98 1.37
CA CYS A 34 -0.06 -4.32 2.58
C CYS A 34 -1.19 -3.68 3.39
N VAL A 35 -2.00 -2.89 2.74
CA VAL A 35 -3.13 -2.26 3.47
C VAL A 35 -3.82 -3.31 4.35
N ASP A 36 -3.64 -4.57 4.03
CA ASP A 36 -4.25 -5.66 4.85
C ASP A 36 -3.42 -5.90 6.13
N LEU A 37 -2.14 -6.12 6.03
CA LEU A 37 -1.33 -6.36 7.27
C LEU A 37 -0.85 -5.06 7.88
N LEU A 38 -0.80 -4.01 7.11
CA LEU A 38 -0.33 -2.71 7.65
C LEU A 38 -1.33 -2.18 8.68
N PHE A 39 -2.58 -2.27 8.38
CA PHE A 39 -3.62 -1.72 9.30
C PHE A 39 -4.10 -2.75 10.32
N VAL A 40 -4.37 -3.95 9.90
CA VAL A 40 -4.85 -4.98 10.88
C VAL A 40 -3.92 -5.00 12.09
N ARG A 41 -2.71 -4.53 11.92
CA ARG A 41 -1.75 -4.52 13.08
C ARG A 41 -1.83 -3.20 13.83
N GLY A 42 -2.21 -2.13 13.17
CA GLY A 42 -2.29 -0.81 13.89
C GLY A 42 -3.08 0.21 13.07
N ALA A 43 -2.90 0.22 11.77
CA ALA A 43 -3.64 1.21 10.92
C ALA A 43 -3.11 2.63 11.20
N GLY A 44 -2.68 3.31 10.17
CA GLY A 44 -2.16 4.69 10.36
C GLY A 44 -0.62 4.65 10.40
N ASN A 45 -0.01 3.93 9.49
CA ASN A 45 1.48 3.86 9.48
C ASN A 45 1.99 3.64 8.06
N CYS A 46 2.65 4.62 7.50
CA CYS A 46 3.18 4.47 6.11
C CYS A 46 4.08 3.25 6.02
N PRO A 47 4.00 2.59 4.90
CA PRO A 47 4.85 1.39 4.67
C PRO A 47 6.31 1.82 4.52
N GLU A 48 6.56 3.09 4.48
CA GLU A 48 7.98 3.57 4.33
C GLU A 48 8.30 4.73 5.28
N CYS A 49 7.44 5.72 5.39
CA CYS A 49 7.75 6.86 6.30
C CYS A 49 6.85 6.83 7.55
N GLY A 50 6.32 5.68 7.87
CA GLY A 50 5.43 5.57 9.06
C GLY A 50 4.43 6.74 9.06
N THR A 51 4.77 7.81 9.72
CA THR A 51 3.85 8.99 9.78
C THR A 51 2.50 8.58 10.36
N PRO A 52 1.93 9.47 11.13
CA PRO A 52 0.62 9.20 11.75
C PRO A 52 -0.48 9.28 10.70
N LEU A 53 -0.66 8.25 9.92
CA LEU A 53 -1.72 8.28 8.87
C LEU A 53 -3.10 8.32 9.51
N ARG A 54 -3.37 9.33 10.29
CA ARG A 54 -4.70 9.42 10.97
C ARG A 54 -5.15 8.05 11.48
N LYS A 55 -5.89 7.33 10.68
CA LYS A 55 -6.36 5.99 11.12
C LYS A 55 -6.34 5.00 9.95
N SER A 56 -5.86 5.42 8.81
CA SER A 56 -5.81 4.52 7.63
C SER A 56 -5.60 5.31 6.32
N ASN A 57 -6.67 5.74 5.71
CA ASN A 57 -6.60 6.52 4.42
C ASN A 57 -5.58 5.93 3.43
N PHE A 58 -6.04 5.06 2.55
CA PHE A 58 -5.15 4.46 1.50
C PHE A 58 -5.90 4.50 0.17
N ARG A 59 -5.43 5.31 -0.75
CA ARG A 59 -6.14 5.42 -2.07
C ARG A 59 -5.54 4.45 -3.08
N VAL A 60 -6.23 3.37 -3.33
CA VAL A 60 -5.71 2.34 -4.28
C VAL A 60 -6.10 2.65 -5.73
N GLN A 61 -5.17 2.44 -6.63
CA GLN A 61 -5.43 2.72 -8.07
C GLN A 61 -4.36 2.02 -8.92
N LEU A 62 -4.53 2.00 -10.22
CA LEU A 62 -3.52 1.34 -11.11
C LEU A 62 -4.01 1.32 -12.55
N PHE A 63 -4.98 0.49 -12.84
CA PHE A 63 -5.51 0.41 -14.24
C PHE A 63 -6.36 1.64 -14.56
N GLU A 64 -6.74 1.79 -15.81
CA GLU A 64 -7.57 2.96 -16.19
C GLU A 64 -6.92 4.26 -15.72
N ASP A 65 -7.21 4.67 -14.52
CA ASP A 65 -6.60 5.93 -13.99
C ASP A 65 -5.69 5.63 -12.80
ZN ZN B . 2.43 -5.49 0.08
ZN ZN C . 4.56 8.36 3.96
N MET A 1 3.45 -2.04 -12.65
CA MET A 1 4.45 -2.17 -11.54
C MET A 1 4.56 -3.63 -11.10
N ASP A 2 5.59 -3.96 -10.36
CA ASP A 2 5.74 -5.38 -9.90
C ASP A 2 7.06 -5.53 -9.15
N ASP A 3 8.10 -4.90 -9.60
CA ASP A 3 9.42 -5.01 -8.91
C ASP A 3 9.62 -3.82 -7.97
N GLN A 4 9.21 -2.66 -8.37
CA GLN A 4 9.38 -1.47 -7.50
C GLN A 4 8.00 -0.92 -7.07
N GLY A 5 7.15 -1.78 -6.59
CA GLY A 5 5.79 -1.32 -6.17
C GLY A 5 5.57 -1.70 -4.70
N CYS A 6 4.89 -2.78 -4.45
CA CYS A 6 4.62 -3.20 -3.05
C CYS A 6 5.91 -3.12 -2.21
N PRO A 7 5.89 -2.28 -1.22
CA PRO A 7 7.07 -2.10 -0.32
C PRO A 7 7.03 -2.97 0.94
N ARG A 8 5.89 -3.18 1.55
CA ARG A 8 5.86 -3.98 2.82
C ARG A 8 5.66 -5.48 2.57
N CYS A 9 4.88 -5.88 1.60
CA CYS A 9 4.68 -7.35 1.39
C CYS A 9 4.88 -7.72 -0.09
N LYS A 10 6.10 -7.60 -0.55
CA LYS A 10 6.46 -7.87 -1.99
C LYS A 10 5.41 -8.67 -2.79
N THR A 11 4.78 -9.65 -2.21
CA THR A 11 3.77 -10.46 -2.99
C THR A 11 2.96 -9.57 -3.95
N THR A 12 1.81 -9.13 -3.52
CA THR A 12 0.93 -8.26 -4.34
C THR A 12 1.07 -8.50 -5.86
N LYS A 13 0.93 -7.46 -6.61
CA LYS A 13 0.99 -7.57 -8.10
C LYS A 13 2.10 -8.52 -8.56
N TYR A 14 3.26 -8.50 -7.99
CA TYR A 14 4.28 -9.49 -8.45
C TYR A 14 3.68 -10.89 -8.23
N ARG A 15 3.16 -11.12 -7.06
CA ARG A 15 2.48 -12.42 -6.77
C ARG A 15 1.00 -12.26 -7.12
N ASN A 16 0.29 -11.61 -6.25
CA ASN A 16 -1.15 -11.32 -6.46
C ASN A 16 -1.38 -10.78 -7.87
N PRO A 17 -2.53 -11.08 -8.42
CA PRO A 17 -2.88 -10.61 -9.77
C PRO A 17 -3.80 -9.38 -9.72
N SER A 18 -4.95 -9.50 -9.11
CA SER A 18 -5.90 -8.34 -9.08
C SER A 18 -5.65 -7.43 -7.87
N LEU A 19 -4.56 -6.72 -7.87
CA LEU A 19 -4.28 -5.80 -6.72
C LEU A 19 -4.14 -4.35 -7.20
N LYS A 20 -3.33 -3.57 -6.53
CA LYS A 20 -3.10 -2.17 -6.94
C LYS A 20 -2.32 -1.45 -5.83
N LEU A 21 -2.00 -0.20 -6.01
CA LEU A 21 -1.22 0.50 -4.95
C LEU A 21 -1.94 1.78 -4.51
N MET A 22 -2.12 1.98 -3.23
CA MET A 22 -2.81 3.22 -2.77
C MET A 22 -1.79 4.31 -2.52
N VAL A 23 -2.25 5.48 -2.20
CA VAL A 23 -1.33 6.61 -1.92
C VAL A 23 -1.80 7.31 -0.65
N ASN A 24 -0.91 7.74 0.19
CA ASN A 24 -1.37 8.41 1.45
C ASN A 24 -0.94 9.88 1.51
N VAL A 25 -1.43 10.58 2.48
CA VAL A 25 -1.12 12.02 2.64
C VAL A 25 0.32 12.36 2.21
N CYS A 26 1.31 11.89 2.90
CA CYS A 26 2.72 12.24 2.49
C CYS A 26 2.89 12.05 0.98
N GLY A 27 2.50 10.92 0.44
CA GLY A 27 2.64 10.73 -1.03
C GLY A 27 3.11 9.30 -1.35
N HIS A 28 3.59 8.58 -0.37
CA HIS A 28 4.05 7.19 -0.65
C HIS A 28 2.89 6.34 -1.18
N THR A 29 2.82 5.08 -0.82
CA THR A 29 1.70 4.26 -1.34
C THR A 29 1.67 2.87 -0.68
N LEU A 30 0.61 2.14 -0.91
CA LEU A 30 0.51 0.76 -0.30
C LEU A 30 -0.13 -0.21 -1.28
N CYS A 31 0.62 -1.18 -1.74
CA CYS A 31 0.04 -2.17 -2.70
C CYS A 31 -1.27 -2.71 -2.09
N GLU A 32 -1.96 -3.59 -2.78
CA GLU A 32 -3.21 -4.11 -2.16
C GLU A 32 -2.83 -5.05 -1.01
N SER A 33 -1.86 -5.89 -1.25
CA SER A 33 -1.42 -6.86 -0.22
C SER A 33 -0.77 -6.15 1.00
N CYS A 34 -0.47 -4.87 0.92
CA CYS A 34 0.16 -4.20 2.12
C CYS A 34 -0.95 -3.69 3.03
N VAL A 35 -1.78 -2.82 2.53
CA VAL A 35 -2.89 -2.28 3.36
C VAL A 35 -3.51 -3.40 4.19
N ASP A 36 -3.40 -4.62 3.75
CA ASP A 36 -3.97 -5.76 4.52
C ASP A 36 -3.13 -6.04 5.77
N LEU A 37 -1.83 -6.12 5.65
CA LEU A 37 -0.98 -6.39 6.85
C LEU A 37 -0.63 -5.09 7.57
N LEU A 38 -0.59 -4.01 6.86
CA LEU A 38 -0.24 -2.72 7.49
C LEU A 38 -1.28 -2.33 8.56
N PHE A 39 -2.53 -2.46 8.24
CA PHE A 39 -3.60 -2.06 9.20
C PHE A 39 -4.01 -3.20 10.14
N VAL A 40 -4.17 -4.39 9.63
CA VAL A 40 -4.60 -5.49 10.52
C VAL A 40 -3.74 -5.50 11.79
N ARG A 41 -2.57 -4.93 11.72
CA ARG A 41 -1.69 -4.93 12.93
C ARG A 41 -1.81 -3.59 13.68
N GLY A 42 -2.45 -2.60 13.10
CA GLY A 42 -2.58 -1.30 13.83
C GLY A 42 -3.23 -0.24 12.94
N ALA A 43 -2.90 -0.18 11.68
CA ALA A 43 -3.52 0.86 10.80
C ALA A 43 -3.04 2.25 11.21
N GLY A 44 -2.79 3.11 10.26
CA GLY A 44 -2.31 4.48 10.61
C GLY A 44 -0.79 4.49 10.57
N ASN A 45 -0.18 3.87 9.60
CA ASN A 45 1.31 3.86 9.52
C ASN A 45 1.79 3.62 8.08
N CYS A 46 2.53 4.55 7.54
CA CYS A 46 3.05 4.38 6.14
C CYS A 46 3.98 3.16 6.07
N PRO A 47 3.98 2.51 4.94
CA PRO A 47 4.86 1.32 4.76
C PRO A 47 6.33 1.74 4.78
N GLU A 48 6.58 3.02 4.79
CA GLU A 48 7.99 3.49 4.78
C GLU A 48 8.22 4.68 5.72
N CYS A 49 7.44 5.73 5.59
CA CYS A 49 7.66 6.92 6.48
C CYS A 49 6.70 6.90 7.69
N GLY A 50 6.09 5.77 7.95
CA GLY A 50 5.15 5.69 9.11
C GLY A 50 4.16 6.86 9.05
N THR A 51 4.51 7.98 9.63
CA THR A 51 3.61 9.16 9.62
C THR A 51 2.26 8.80 10.27
N PRO A 52 1.72 9.74 10.98
CA PRO A 52 0.43 9.53 11.67
C PRO A 52 -0.71 9.50 10.65
N LEU A 53 -1.02 8.33 10.13
CA LEU A 53 -2.12 8.24 9.13
C LEU A 53 -3.48 8.30 9.85
N ARG A 54 -3.46 8.49 11.15
CA ARG A 54 -4.73 8.60 11.92
C ARG A 54 -5.57 7.32 11.80
N LYS A 55 -6.37 7.23 10.77
CA LYS A 55 -7.22 6.01 10.60
C LYS A 55 -6.78 5.22 9.38
N SER A 56 -5.53 5.33 9.02
CA SER A 56 -5.02 4.60 7.84
C SER A 56 -5.58 5.21 6.54
N ASN A 57 -4.76 5.90 5.79
CA ASN A 57 -5.26 6.52 4.52
C ASN A 57 -4.53 5.93 3.31
N PHE A 58 -5.23 5.15 2.51
CA PHE A 58 -4.59 4.53 1.31
C PHE A 58 -5.62 4.44 0.17
N ARG A 59 -5.41 5.20 -0.87
CA ARG A 59 -6.36 5.17 -2.03
C ARG A 59 -5.74 4.35 -3.16
N VAL A 60 -6.07 3.10 -3.23
CA VAL A 60 -5.48 2.21 -4.28
C VAL A 60 -6.29 2.23 -5.58
N GLN A 61 -5.61 2.02 -6.68
CA GLN A 61 -6.29 2.02 -8.00
C GLN A 61 -5.36 1.34 -9.02
N LEU A 62 -5.87 1.00 -10.17
CA LEU A 62 -5.01 0.33 -11.19
C LEU A 62 -5.63 0.47 -12.59
N PHE A 63 -4.89 1.05 -13.51
CA PHE A 63 -5.43 1.22 -14.89
C PHE A 63 -4.36 1.79 -15.81
N GLU A 64 -3.16 1.29 -15.71
CA GLU A 64 -2.06 1.81 -16.58
C GLU A 64 -2.18 1.24 -17.98
N ASP A 65 -3.03 0.26 -18.17
CA ASP A 65 -3.20 -0.34 -19.53
C ASP A 65 -4.59 -0.03 -20.08
ZN ZN B . 2.40 -5.26 -0.42
ZN ZN C . 4.63 8.15 3.79
N MET A 1 2.82 -1.09 -10.32
CA MET A 1 3.66 -2.03 -11.12
C MET A 1 4.27 -3.10 -10.23
N ASP A 2 4.71 -4.19 -10.80
CA ASP A 2 5.31 -5.28 -9.97
C ASP A 2 6.73 -4.89 -9.52
N ASP A 3 7.16 -3.70 -9.88
CA ASP A 3 8.53 -3.27 -9.47
C ASP A 3 8.45 -2.00 -8.61
N GLN A 4 9.13 -1.99 -7.50
CA GLN A 4 9.09 -0.78 -6.62
C GLN A 4 7.67 -0.51 -6.13
N GLY A 5 6.80 -1.49 -6.24
CA GLY A 5 5.40 -1.29 -5.77
C GLY A 5 5.28 -1.73 -4.31
N CYS A 6 4.52 -2.75 -4.04
CA CYS A 6 4.36 -3.22 -2.64
C CYS A 6 5.67 -3.13 -1.87
N PRO A 7 5.76 -2.15 -1.02
CA PRO A 7 6.97 -1.95 -0.19
C PRO A 7 6.88 -2.76 1.13
N ARG A 8 5.71 -3.26 1.46
CA ARG A 8 5.58 -4.04 2.74
C ARG A 8 5.64 -5.55 2.47
N CYS A 9 4.73 -6.06 1.67
CA CYS A 9 4.74 -7.53 1.38
C CYS A 9 5.23 -7.83 -0.04
N LYS A 10 6.29 -7.16 -0.48
CA LYS A 10 6.82 -7.36 -1.87
C LYS A 10 6.36 -8.70 -2.47
N THR A 11 5.20 -8.72 -3.07
CA THR A 11 4.70 -10.01 -3.64
C THR A 11 3.33 -9.81 -4.29
N THR A 12 2.47 -9.07 -3.66
CA THR A 12 1.10 -8.86 -4.20
C THR A 12 1.08 -8.71 -5.71
N LYS A 13 1.00 -7.50 -6.22
CA LYS A 13 0.93 -7.33 -7.69
C LYS A 13 1.92 -8.27 -8.40
N TYR A 14 3.07 -8.50 -7.83
CA TYR A 14 3.99 -9.46 -8.50
C TYR A 14 3.24 -10.78 -8.63
N ARG A 15 2.61 -11.20 -7.56
CA ARG A 15 1.77 -12.44 -7.60
C ARG A 15 0.34 -12.05 -7.98
N ASN A 16 -0.36 -11.48 -7.04
CA ASN A 16 -1.76 -11.03 -7.26
C ASN A 16 -1.84 -10.16 -8.52
N PRO A 17 -2.42 -10.70 -9.55
CA PRO A 17 -2.57 -9.94 -10.80
C PRO A 17 -3.74 -8.95 -10.70
N SER A 18 -4.63 -9.18 -9.78
CA SER A 18 -5.80 -8.26 -9.61
C SER A 18 -5.64 -7.46 -8.32
N LEU A 19 -4.72 -6.54 -8.30
CA LEU A 19 -4.52 -5.72 -7.06
C LEU A 19 -3.99 -4.32 -7.41
N LYS A 20 -3.61 -3.55 -6.43
CA LYS A 20 -3.06 -2.20 -6.73
C LYS A 20 -2.44 -1.59 -5.47
N LEU A 21 -1.78 -0.47 -5.61
CA LEU A 21 -1.11 0.16 -4.44
C LEU A 21 -1.76 1.51 -4.12
N MET A 22 -2.02 1.78 -2.86
CA MET A 22 -2.65 3.10 -2.52
C MET A 22 -1.60 4.09 -2.02
N VAL A 23 -1.97 5.34 -1.99
CA VAL A 23 -1.03 6.38 -1.50
C VAL A 23 -1.72 7.17 -0.40
N ASN A 24 -1.26 7.06 0.80
CA ASN A 24 -1.93 7.78 1.93
C ASN A 24 -1.37 9.17 2.13
N VAL A 25 -1.95 9.88 3.07
CA VAL A 25 -1.54 11.28 3.38
C VAL A 25 -0.02 11.40 3.64
N CYS A 26 0.76 11.27 2.61
CA CYS A 26 2.25 11.40 2.73
C CYS A 26 2.88 11.28 1.35
N GLY A 27 2.36 10.40 0.52
CA GLY A 27 2.90 10.24 -0.86
C GLY A 27 3.86 9.05 -0.92
N HIS A 28 3.35 7.87 -1.14
CA HIS A 28 4.24 6.69 -1.23
C HIS A 28 3.57 5.55 -2.01
N THR A 29 3.18 4.48 -1.37
CA THR A 29 2.52 3.36 -2.13
C THR A 29 2.09 2.26 -1.16
N LEU A 30 0.96 1.65 -1.41
CA LEU A 30 0.48 0.57 -0.50
C LEU A 30 -0.30 -0.49 -1.29
N CYS A 31 0.36 -1.54 -1.68
CA CYS A 31 -0.32 -2.62 -2.45
C CYS A 31 -1.56 -3.12 -1.70
N GLU A 32 -2.27 -4.06 -2.26
CA GLU A 32 -3.45 -4.59 -1.52
C GLU A 32 -2.93 -5.25 -0.23
N SER A 33 -1.96 -6.11 -0.38
CA SER A 33 -1.37 -6.80 0.81
C SER A 33 -0.72 -5.80 1.77
N CYS A 34 -0.56 -4.55 1.40
CA CYS A 34 0.07 -3.61 2.37
C CYS A 34 -1.04 -3.04 3.27
N VAL A 35 -2.09 -2.49 2.70
CA VAL A 35 -3.21 -1.96 3.54
C VAL A 35 -3.49 -2.92 4.71
N ASP A 36 -3.88 -4.13 4.39
CA ASP A 36 -4.17 -5.14 5.45
C ASP A 36 -3.00 -5.25 6.45
N LEU A 37 -1.88 -5.78 6.02
CA LEU A 37 -0.72 -5.92 6.95
C LEU A 37 -0.41 -4.60 7.66
N LEU A 38 -0.51 -3.51 6.97
CA LEU A 38 -0.21 -2.20 7.60
C LEU A 38 -1.19 -1.93 8.74
N PHE A 39 -2.44 -2.24 8.55
CA PHE A 39 -3.46 -1.97 9.60
C PHE A 39 -3.61 -3.14 10.58
N VAL A 40 -3.56 -4.35 10.10
CA VAL A 40 -3.69 -5.51 11.02
C VAL A 40 -2.68 -5.38 12.16
N ARG A 41 -1.67 -4.56 11.97
CA ARG A 41 -0.65 -4.38 13.02
C ARG A 41 -0.93 -3.12 13.84
N GLY A 42 -1.63 -2.16 13.28
CA GLY A 42 -1.92 -0.92 14.05
C GLY A 42 -2.78 0.06 13.24
N ALA A 43 -2.63 0.07 11.94
CA ALA A 43 -3.46 1.03 11.12
C ALA A 43 -3.00 2.47 11.41
N GLY A 44 -2.53 3.16 10.42
CA GLY A 44 -2.08 4.56 10.63
C GLY A 44 -0.55 4.62 10.53
N ASN A 45 0.05 3.68 9.85
CA ASN A 45 1.53 3.68 9.72
C ASN A 45 1.94 3.36 8.28
N CYS A 46 2.13 4.38 7.47
CA CYS A 46 2.54 4.15 6.04
C CYS A 46 3.54 3.00 5.95
N PRO A 47 3.42 2.26 4.89
CA PRO A 47 4.33 1.09 4.64
C PRO A 47 5.75 1.55 4.37
N GLU A 48 5.98 2.82 4.38
CA GLU A 48 7.34 3.34 4.12
C GLU A 48 7.73 4.41 5.15
N CYS A 49 7.04 5.52 5.19
CA CYS A 49 7.40 6.57 6.19
C CYS A 49 6.51 6.47 7.44
N GLY A 50 5.77 5.40 7.54
CA GLY A 50 4.90 5.17 8.73
C GLY A 50 4.31 6.49 9.24
N THR A 51 4.12 7.46 8.40
CA THR A 51 3.54 8.74 8.87
C THR A 51 2.30 8.43 9.72
N PRO A 52 2.02 9.30 10.66
CA PRO A 52 0.85 9.11 11.54
C PRO A 52 -0.44 9.32 10.74
N LEU A 53 -0.76 8.40 9.85
CA LEU A 53 -2.00 8.55 9.04
C LEU A 53 -3.22 8.64 9.97
N ARG A 54 -4.01 9.67 9.82
CA ARG A 54 -5.22 9.81 10.69
C ARG A 54 -5.90 8.45 10.89
N LYS A 55 -5.76 7.56 9.95
CA LYS A 55 -6.40 6.23 10.09
C LYS A 55 -6.06 5.38 8.87
N SER A 56 -6.91 4.48 8.49
CA SER A 56 -6.62 3.64 7.30
C SER A 56 -6.98 4.40 6.02
N ASN A 57 -6.22 5.41 5.68
CA ASN A 57 -6.52 6.20 4.45
C ASN A 57 -5.56 5.81 3.32
N PHE A 58 -5.95 4.86 2.49
CA PHE A 58 -5.05 4.42 1.39
C PHE A 58 -5.82 4.43 0.05
N ARG A 59 -5.51 5.37 -0.81
CA ARG A 59 -6.22 5.46 -2.12
C ARG A 59 -5.49 4.63 -3.17
N VAL A 60 -5.99 3.45 -3.41
CA VAL A 60 -5.33 2.52 -4.36
C VAL A 60 -5.81 2.73 -5.80
N GLN A 61 -5.01 2.28 -6.73
CA GLN A 61 -5.34 2.41 -8.17
C GLN A 61 -4.27 1.70 -9.00
N LEU A 62 -4.46 1.60 -10.29
CA LEU A 62 -3.44 0.91 -11.13
C LEU A 62 -3.64 1.30 -12.61
N PHE A 63 -3.68 2.56 -12.89
CA PHE A 63 -3.87 3.00 -14.30
C PHE A 63 -2.63 3.76 -14.78
N GLU A 64 -1.60 3.05 -15.18
CA GLU A 64 -0.37 3.74 -15.65
C GLU A 64 -0.72 4.93 -16.54
N ASP A 65 -0.66 6.12 -16.00
CA ASP A 65 -0.99 7.32 -16.82
C ASP A 65 0.29 7.96 -17.36
ZN ZN B . 2.27 -5.10 0.06
ZN ZN C . 4.56 7.50 3.44
N MET A 1 1.56 -1.45 -12.29
CA MET A 1 2.94 -1.75 -12.79
C MET A 1 3.75 -2.45 -11.70
N ASP A 2 4.04 -3.71 -11.89
CA ASP A 2 4.82 -4.46 -10.87
C ASP A 2 6.13 -3.73 -10.54
N ASP A 3 6.53 -2.80 -11.38
CA ASP A 3 7.80 -2.05 -11.12
C ASP A 3 7.94 -1.76 -9.62
N GLN A 4 7.09 -0.94 -9.08
CA GLN A 4 7.18 -0.63 -7.63
C GLN A 4 6.43 -1.72 -6.85
N GLY A 5 6.72 -2.96 -7.15
CA GLY A 5 6.04 -4.09 -6.45
C GLY A 5 5.86 -3.78 -4.97
N CYS A 6 4.77 -4.23 -4.40
CA CYS A 6 4.48 -3.98 -2.96
C CYS A 6 5.78 -3.86 -2.13
N PRO A 7 5.72 -3.00 -1.14
CA PRO A 7 6.86 -2.79 -0.24
C PRO A 7 6.78 -3.73 0.99
N ARG A 8 5.63 -3.79 1.61
CA ARG A 8 5.47 -4.66 2.83
C ARG A 8 5.35 -6.14 2.44
N CYS A 9 4.26 -6.54 1.85
CA CYS A 9 4.09 -7.98 1.45
C CYS A 9 4.58 -8.20 0.02
N LYS A 10 5.87 -8.08 -0.22
CA LYS A 10 6.38 -8.26 -1.61
C LYS A 10 5.73 -9.48 -2.30
N THR A 11 4.59 -9.28 -2.89
CA THR A 11 3.88 -10.40 -3.57
C THR A 11 2.52 -9.89 -4.04
N THR A 12 2.49 -8.75 -4.68
CA THR A 12 1.19 -8.18 -5.12
C THR A 12 1.17 -7.91 -6.62
N LYS A 13 0.84 -6.72 -7.04
CA LYS A 13 0.81 -6.46 -8.50
C LYS A 13 2.09 -7.04 -9.13
N TYR A 14 3.14 -7.18 -8.37
CA TYR A 14 4.37 -7.80 -8.92
C TYR A 14 4.16 -9.31 -9.02
N ARG A 15 3.74 -9.91 -7.94
CA ARG A 15 3.47 -11.38 -7.92
C ARG A 15 2.00 -11.59 -8.31
N ASN A 16 1.13 -11.07 -7.49
CA ASN A 16 -0.33 -11.16 -7.73
C ASN A 16 -0.70 -10.25 -8.91
N PRO A 17 -1.07 -10.87 -10.00
CA PRO A 17 -1.46 -10.10 -11.21
C PRO A 17 -2.91 -9.63 -11.13
N SER A 18 -3.40 -9.36 -9.95
CA SER A 18 -4.80 -8.89 -9.79
C SER A 18 -4.90 -8.02 -8.54
N LEU A 19 -3.85 -7.31 -8.23
CA LEU A 19 -3.85 -6.46 -7.01
C LEU A 19 -3.56 -5.00 -7.39
N LYS A 20 -3.96 -4.08 -6.56
CA LYS A 20 -3.71 -2.64 -6.87
C LYS A 20 -2.99 -1.97 -5.69
N LEU A 21 -2.25 -0.94 -5.94
CA LEU A 21 -1.52 -0.25 -4.83
C LEU A 21 -2.24 1.03 -4.44
N MET A 22 -2.33 1.32 -3.16
CA MET A 22 -3.01 2.57 -2.74
C MET A 22 -2.01 3.58 -2.21
N VAL A 23 -2.19 4.83 -2.53
CA VAL A 23 -1.26 5.88 -2.05
C VAL A 23 -1.88 6.62 -0.86
N ASN A 24 -1.15 7.49 -0.24
CA ASN A 24 -1.74 8.22 0.93
C ASN A 24 -1.23 9.66 1.03
N VAL A 25 -1.74 10.38 1.98
CA VAL A 25 -1.35 11.81 2.18
C VAL A 25 0.14 12.04 1.87
N CYS A 26 1.03 11.39 2.56
CA CYS A 26 2.49 11.63 2.29
C CYS A 26 2.88 11.04 0.93
N GLY A 27 1.97 10.38 0.27
CA GLY A 27 2.29 9.80 -1.07
C GLY A 27 2.82 8.38 -0.90
N HIS A 28 4.09 8.18 -1.11
CA HIS A 28 4.67 6.82 -0.97
C HIS A 28 3.79 5.80 -1.69
N THR A 29 3.51 4.67 -1.10
CA THR A 29 2.67 3.66 -1.81
C THR A 29 2.39 2.46 -0.92
N LEU A 30 1.21 1.92 -0.99
CA LEU A 30 0.86 0.74 -0.15
C LEU A 30 0.06 -0.29 -0.98
N CYS A 31 0.69 -1.33 -1.44
CA CYS A 31 -0.06 -2.33 -2.26
C CYS A 31 -1.39 -2.65 -1.59
N GLU A 32 -2.25 -3.36 -2.26
CA GLU A 32 -3.55 -3.69 -1.62
C GLU A 32 -3.27 -4.62 -0.42
N SER A 33 -2.40 -5.57 -0.62
CA SER A 33 -2.05 -6.52 0.49
C SER A 33 -1.35 -5.78 1.64
N CYS A 34 -0.96 -4.53 1.47
CA CYS A 34 -0.29 -3.83 2.60
C CYS A 34 -1.35 -3.23 3.52
N VAL A 35 -2.20 -2.40 3.00
CA VAL A 35 -3.27 -1.78 3.84
C VAL A 35 -3.87 -2.85 4.77
N ASP A 36 -3.80 -4.09 4.38
CA ASP A 36 -4.34 -5.17 5.26
C ASP A 36 -3.42 -5.39 6.46
N LEU A 37 -2.17 -5.69 6.24
CA LEU A 37 -1.25 -5.91 7.39
C LEU A 37 -0.83 -4.57 8.00
N LEU A 38 -0.68 -3.58 7.19
CA LEU A 38 -0.26 -2.25 7.70
C LEU A 38 -1.17 -1.76 8.83
N PHE A 39 -2.46 -1.76 8.61
CA PHE A 39 -3.39 -1.23 9.66
C PHE A 39 -3.84 -2.30 10.65
N VAL A 40 -3.93 -3.54 10.26
CA VAL A 40 -4.40 -4.55 11.26
C VAL A 40 -3.49 -4.53 12.49
N ARG A 41 -2.32 -3.95 12.39
CA ARG A 41 -1.42 -3.90 13.59
C ARG A 41 -1.44 -2.50 14.22
N GLY A 42 -1.37 -1.47 13.41
CA GLY A 42 -1.37 -0.08 13.99
C GLY A 42 -2.28 0.84 13.18
N ALA A 43 -2.25 0.77 11.88
CA ALA A 43 -3.12 1.68 11.06
C ALA A 43 -2.65 3.13 11.19
N GLY A 44 -1.78 3.56 10.31
CA GLY A 44 -1.30 4.96 10.37
C GLY A 44 0.23 4.99 10.46
N ASN A 45 0.90 4.29 9.59
CA ASN A 45 2.40 4.29 9.64
C ASN A 45 3.00 4.08 8.23
N CYS A 46 2.19 4.13 7.20
CA CYS A 46 2.73 3.95 5.83
C CYS A 46 3.55 2.65 5.76
N PRO A 47 3.80 2.16 4.57
CA PRO A 47 4.61 0.94 4.42
C PRO A 47 6.07 1.34 4.36
N GLU A 48 6.34 2.58 4.65
CA GLU A 48 7.74 3.08 4.60
C GLU A 48 7.92 4.23 5.62
N CYS A 49 7.00 5.16 5.69
CA CYS A 49 7.14 6.26 6.68
C CYS A 49 6.02 6.17 7.74
N GLY A 50 6.38 5.77 8.92
CA GLY A 50 5.38 5.63 10.03
C GLY A 50 4.76 6.99 10.36
N THR A 51 4.14 7.64 9.42
CA THR A 51 3.50 8.94 9.73
C THR A 51 2.37 8.72 10.73
N PRO A 52 2.24 9.66 11.63
CA PRO A 52 1.20 9.55 12.68
C PRO A 52 -0.20 9.69 12.09
N LEU A 53 -0.66 8.70 11.37
CA LEU A 53 -2.03 8.79 10.79
C LEU A 53 -3.03 8.21 11.78
N ARG A 54 -4.28 8.10 11.41
CA ARG A 54 -5.29 7.54 12.37
C ARG A 54 -6.62 7.23 11.67
N LYS A 55 -6.56 6.63 10.51
CA LYS A 55 -7.83 6.31 9.80
C LYS A 55 -7.54 5.59 8.46
N SER A 56 -6.41 4.93 8.37
CA SER A 56 -6.07 4.21 7.11
C SER A 56 -6.48 5.05 5.89
N ASN A 57 -5.66 5.99 5.49
CA ASN A 57 -6.01 6.83 4.31
C ASN A 57 -5.19 6.39 3.10
N PHE A 58 -5.53 5.27 2.52
CA PHE A 58 -4.75 4.78 1.35
C PHE A 58 -5.70 4.60 0.16
N ARG A 59 -5.56 5.45 -0.83
CA ARG A 59 -6.47 5.36 -2.01
C ARG A 59 -5.89 4.37 -3.01
N VAL A 60 -6.55 3.25 -3.15
CA VAL A 60 -6.06 2.18 -4.05
C VAL A 60 -6.60 2.32 -5.47
N GLN A 61 -5.84 1.85 -6.42
CA GLN A 61 -6.24 1.93 -7.86
C GLN A 61 -5.13 1.30 -8.71
N LEU A 62 -5.34 1.17 -10.00
CA LEU A 62 -4.29 0.57 -10.85
C LEU A 62 -4.74 0.51 -12.31
N PHE A 63 -5.73 -0.29 -12.61
CA PHE A 63 -6.21 -0.38 -14.02
C PHE A 63 -6.28 1.01 -14.66
N GLU A 64 -5.26 1.41 -15.35
CA GLU A 64 -5.25 2.75 -15.99
C GLU A 64 -6.01 2.70 -17.33
N ASP A 65 -6.22 3.83 -17.95
CA ASP A 65 -6.95 3.85 -19.24
C ASP A 65 -6.04 3.34 -20.37
ZN ZN B . 1.98 -5.18 0.33
ZN ZN C . 4.46 7.83 3.81
N MET A 1 6.63 -6.11 -11.50
CA MET A 1 7.81 -6.20 -10.60
C MET A 1 7.44 -5.71 -9.19
N ASP A 2 7.69 -6.52 -8.19
CA ASP A 2 7.35 -6.10 -6.80
C ASP A 2 8.45 -5.19 -6.24
N ASP A 3 9.55 -5.09 -6.92
CA ASP A 3 10.66 -4.21 -6.43
C ASP A 3 10.14 -2.79 -6.17
N GLN A 4 9.92 -2.04 -7.21
CA GLN A 4 9.41 -0.64 -7.02
C GLN A 4 7.93 -0.68 -6.65
N GLY A 5 7.27 -1.78 -6.90
CA GLY A 5 5.82 -1.89 -6.56
C GLY A 5 5.65 -1.88 -5.04
N CYS A 6 4.81 -2.75 -4.53
CA CYS A 6 4.59 -2.80 -3.05
C CYS A 6 5.87 -2.45 -2.27
N PRO A 7 5.73 -1.59 -1.31
CA PRO A 7 6.85 -1.19 -0.44
C PRO A 7 6.94 -2.10 0.79
N ARG A 8 5.82 -2.53 1.31
CA ARG A 8 5.83 -3.40 2.52
C ARG A 8 6.02 -4.88 2.15
N CYS A 9 5.03 -5.48 1.55
CA CYS A 9 5.13 -6.93 1.16
C CYS A 9 5.43 -7.11 -0.33
N LYS A 10 6.51 -6.55 -0.83
CA LYS A 10 6.80 -6.65 -2.30
C LYS A 10 6.35 -8.01 -2.84
N THR A 11 5.19 -8.08 -3.42
CA THR A 11 4.72 -9.40 -3.92
C THR A 11 3.29 -9.35 -4.49
N THR A 12 2.39 -8.84 -3.72
CA THR A 12 0.96 -8.81 -4.09
C THR A 12 0.68 -8.75 -5.61
N LYS A 13 1.04 -7.72 -6.34
CA LYS A 13 0.70 -7.74 -7.78
C LYS A 13 1.63 -8.71 -8.51
N TYR A 14 2.85 -8.83 -8.07
CA TYR A 14 3.75 -9.81 -8.72
C TYR A 14 3.13 -11.18 -8.51
N ARG A 15 2.53 -11.35 -7.36
CA ARG A 15 1.84 -12.62 -7.00
C ARG A 15 0.38 -12.55 -7.45
N ASN A 16 -0.41 -11.87 -6.66
CA ASN A 16 -1.85 -11.68 -6.99
C ASN A 16 -1.95 -10.93 -8.32
N PRO A 17 -2.79 -11.39 -9.20
CA PRO A 17 -2.95 -10.75 -10.52
C PRO A 17 -4.15 -9.80 -10.54
N SER A 18 -5.00 -9.83 -9.55
CA SER A 18 -6.19 -8.93 -9.58
C SER A 18 -6.18 -7.94 -8.40
N LEU A 19 -5.24 -7.03 -8.37
CA LEU A 19 -5.23 -6.05 -7.25
C LEU A 19 -4.80 -4.65 -7.74
N LYS A 20 -4.22 -3.86 -6.87
CA LYS A 20 -3.75 -2.49 -7.27
C LYS A 20 -3.15 -1.77 -6.05
N LEU A 21 -2.15 -0.96 -6.26
CA LEU A 21 -1.50 -0.27 -5.11
C LEU A 21 -2.17 1.07 -4.77
N MET A 22 -2.23 1.40 -3.52
CA MET A 22 -2.86 2.68 -3.10
C MET A 22 -1.82 3.60 -2.45
N VAL A 23 -2.20 4.82 -2.17
CA VAL A 23 -1.23 5.77 -1.55
C VAL A 23 -1.89 6.45 -0.35
N ASN A 24 -1.15 7.23 0.39
CA ASN A 24 -1.72 7.92 1.58
C ASN A 24 -1.36 9.41 1.57
N VAL A 25 -1.87 10.15 2.51
CA VAL A 25 -1.58 11.61 2.59
C VAL A 25 -0.16 11.91 2.08
N CYS A 26 0.82 11.20 2.58
CA CYS A 26 2.21 11.42 2.09
C CYS A 26 2.42 10.63 0.82
N GLY A 27 2.47 11.31 -0.28
CA GLY A 27 2.65 10.64 -1.60
C GLY A 27 3.62 9.46 -1.47
N HIS A 28 3.13 8.29 -1.18
CA HIS A 28 4.03 7.11 -1.06
C HIS A 28 3.39 5.90 -1.74
N THR A 29 3.00 4.87 -1.02
CA THR A 29 2.40 3.69 -1.71
C THR A 29 1.97 2.61 -0.70
N LEU A 30 1.08 1.75 -1.11
CA LEU A 30 0.60 0.65 -0.22
C LEU A 30 -0.14 -0.38 -1.08
N CYS A 31 0.51 -1.45 -1.43
CA CYS A 31 -0.15 -2.45 -2.30
C CYS A 31 -1.33 -3.13 -1.62
N GLU A 32 -2.10 -3.79 -2.42
CA GLU A 32 -3.26 -4.56 -1.89
C GLU A 32 -2.83 -5.33 -0.63
N SER A 33 -1.73 -6.03 -0.70
CA SER A 33 -1.24 -6.80 0.49
C SER A 33 -0.73 -5.86 1.58
N CYS A 34 -0.48 -4.60 1.29
CA CYS A 34 0.01 -3.71 2.38
C CYS A 34 -1.19 -3.33 3.25
N VAL A 35 -2.23 -2.85 2.64
CA VAL A 35 -3.45 -2.48 3.40
C VAL A 35 -3.84 -3.64 4.33
N ASP A 36 -3.39 -4.84 4.04
CA ASP A 36 -3.75 -5.99 4.91
C ASP A 36 -2.83 -6.04 6.14
N LEU A 37 -1.55 -6.21 5.99
CA LEU A 37 -0.66 -6.28 7.19
C LEU A 37 -0.50 -4.90 7.82
N LEU A 38 -0.37 -3.90 7.02
CA LEU A 38 -0.23 -2.53 7.55
C LEU A 38 -1.29 -2.25 8.60
N PHE A 39 -2.53 -2.44 8.25
CA PHE A 39 -3.65 -2.12 9.19
C PHE A 39 -4.10 -3.28 10.07
N VAL A 40 -3.91 -4.51 9.68
CA VAL A 40 -4.37 -5.60 10.61
C VAL A 40 -3.80 -5.30 12.00
N ARG A 41 -2.70 -4.59 12.04
CA ARG A 41 -2.11 -4.22 13.36
C ARG A 41 -2.93 -3.10 13.99
N GLY A 42 -3.51 -2.26 13.17
CA GLY A 42 -4.34 -1.16 13.73
C GLY A 42 -4.07 0.17 12.99
N ALA A 43 -3.34 0.17 11.91
CA ALA A 43 -3.11 1.48 11.20
C ALA A 43 -2.44 2.47 12.16
N GLY A 44 -1.82 3.49 11.64
CA GLY A 44 -1.16 4.49 12.52
C GLY A 44 0.22 4.86 11.96
N ASN A 45 0.61 4.25 10.86
CA ASN A 45 1.95 4.59 10.28
C ASN A 45 1.95 4.37 8.77
N CYS A 46 3.05 4.68 8.14
CA CYS A 46 3.15 4.51 6.66
C CYS A 46 3.96 3.25 6.33
N PRO A 47 3.61 2.63 5.24
CA PRO A 47 4.35 1.43 4.78
C PRO A 47 5.82 1.78 4.52
N GLU A 48 6.15 3.05 4.52
CA GLU A 48 7.57 3.44 4.27
C GLU A 48 8.02 4.62 5.17
N CYS A 49 7.14 5.53 5.55
CA CYS A 49 7.55 6.66 6.42
C CYS A 49 6.67 6.72 7.68
N GLY A 50 7.08 6.06 8.72
CA GLY A 50 6.27 6.06 9.98
C GLY A 50 5.78 7.47 10.28
N THR A 51 4.58 7.79 9.85
CA THR A 51 4.04 9.15 10.10
C THR A 51 2.72 9.04 10.90
N PRO A 52 2.19 10.18 11.28
CA PRO A 52 0.93 10.20 12.06
C PRO A 52 -0.25 9.79 11.18
N LEU A 53 -0.56 8.52 11.15
CA LEU A 53 -1.69 8.04 10.31
C LEU A 53 -2.71 7.30 11.18
N ARG A 54 -3.34 7.99 12.09
CA ARG A 54 -4.35 7.33 12.98
C ARG A 54 -5.72 7.30 12.29
N LYS A 55 -5.77 6.84 11.06
CA LYS A 55 -7.08 6.78 10.35
C LYS A 55 -6.91 6.15 8.97
N SER A 56 -5.96 5.27 8.82
CA SER A 56 -5.74 4.62 7.49
C SER A 56 -5.69 5.70 6.39
N ASN A 57 -5.89 5.31 5.14
CA ASN A 57 -5.88 6.26 3.95
C ASN A 57 -5.20 5.58 2.76
N PHE A 58 -5.93 4.89 1.92
CA PHE A 58 -5.26 4.20 0.76
C PHE A 58 -6.04 4.46 -0.53
N ARG A 59 -5.46 5.22 -1.43
CA ARG A 59 -6.13 5.48 -2.75
C ARG A 59 -5.52 4.53 -3.77
N VAL A 60 -6.17 3.43 -4.01
CA VAL A 60 -5.60 2.41 -4.95
C VAL A 60 -5.96 2.66 -6.41
N GLN A 61 -5.16 2.10 -7.28
CA GLN A 61 -5.38 2.24 -8.74
C GLN A 61 -4.26 1.49 -9.48
N LEU A 62 -4.34 1.38 -10.77
CA LEU A 62 -3.28 0.65 -11.51
C LEU A 62 -3.35 1.00 -13.00
N PHE A 63 -3.02 2.21 -13.36
CA PHE A 63 -3.07 2.61 -14.80
C PHE A 63 -1.65 2.85 -15.32
N GLU A 64 -1.07 1.85 -15.93
CA GLU A 64 0.31 2.00 -16.47
C GLU A 64 0.41 3.27 -17.33
N ASP A 65 1.54 3.51 -17.92
CA ASP A 65 1.69 4.73 -18.77
C ASP A 65 1.53 5.99 -17.92
ZN ZN B . 2.51 -4.66 0.09
ZN ZN C . 4.61 7.93 3.83
N MET A 1 5.53 0.36 -10.27
CA MET A 1 4.71 -0.69 -10.94
C MET A 1 4.90 -2.03 -10.23
N ASP A 2 4.91 -3.11 -10.97
CA ASP A 2 5.08 -4.45 -10.33
C ASP A 2 6.57 -4.78 -10.18
N ASP A 3 7.40 -3.78 -10.09
CA ASP A 3 8.86 -4.04 -9.94
C ASP A 3 9.25 -3.93 -8.46
N GLN A 4 8.91 -4.90 -7.66
CA GLN A 4 9.26 -4.85 -6.22
C GLN A 4 8.51 -3.70 -5.54
N GLY A 5 7.37 -3.33 -6.07
CA GLY A 5 6.60 -2.22 -5.45
C GLY A 5 6.30 -2.53 -3.99
N CYS A 6 5.30 -3.35 -3.74
CA CYS A 6 4.95 -3.70 -2.33
C CYS A 6 6.20 -3.80 -1.44
N PRO A 7 6.22 -2.97 -0.41
CA PRO A 7 7.34 -2.98 0.55
C PRO A 7 7.03 -3.92 1.73
N ARG A 8 5.78 -4.22 1.98
CA ARG A 8 5.44 -5.11 3.13
C ARG A 8 5.34 -6.58 2.68
N CYS A 9 4.39 -6.90 1.84
CA CYS A 9 4.25 -8.33 1.38
C CYS A 9 4.71 -8.52 -0.05
N LYS A 10 5.96 -8.28 -0.37
CA LYS A 10 6.41 -8.44 -1.78
C LYS A 10 5.80 -9.71 -2.38
N THR A 11 4.68 -9.57 -3.05
CA THR A 11 3.99 -10.75 -3.64
C THR A 11 2.68 -10.32 -4.29
N THR A 12 2.59 -9.13 -4.79
CA THR A 12 1.28 -8.72 -5.35
C THR A 12 1.35 -8.42 -6.84
N LYS A 13 0.99 -7.25 -7.26
CA LYS A 13 1.02 -6.91 -8.70
C LYS A 13 2.22 -7.58 -9.38
N TYR A 14 3.28 -7.79 -8.65
CA TYR A 14 4.43 -8.52 -9.23
C TYR A 14 4.06 -10.00 -9.29
N ARG A 15 3.63 -10.53 -8.18
CA ARG A 15 3.20 -11.95 -8.11
C ARG A 15 1.68 -12.03 -8.36
N ASN A 16 0.91 -11.43 -7.50
CA ASN A 16 -0.58 -11.41 -7.65
C ASN A 16 -0.95 -10.57 -8.88
N PRO A 17 -1.46 -11.22 -9.88
CA PRO A 17 -1.86 -10.51 -11.11
C PRO A 17 -3.19 -9.77 -10.89
N SER A 18 -3.23 -8.87 -9.94
CA SER A 18 -4.50 -8.12 -9.69
C SER A 18 -4.40 -7.26 -8.43
N LEU A 19 -3.33 -6.52 -8.28
CA LEU A 19 -3.19 -5.67 -7.06
C LEU A 19 -3.45 -4.20 -7.40
N LYS A 20 -3.77 -3.44 -6.40
CA LYS A 20 -3.93 -1.98 -6.59
C LYS A 20 -3.12 -1.30 -5.49
N LEU A 21 -2.54 -0.16 -5.76
CA LEU A 21 -1.70 0.50 -4.70
C LEU A 21 -2.35 1.80 -4.23
N MET A 22 -2.38 2.02 -2.94
CA MET A 22 -3.01 3.27 -2.44
C MET A 22 -1.94 4.26 -1.99
N VAL A 23 -2.24 5.51 -2.06
CA VAL A 23 -1.28 6.56 -1.61
C VAL A 23 -1.79 7.15 -0.30
N ASN A 24 -1.04 8.02 0.32
CA ASN A 24 -1.51 8.59 1.61
C ASN A 24 -1.36 10.12 1.65
N VAL A 25 -1.80 10.72 2.71
CA VAL A 25 -1.69 12.20 2.86
C VAL A 25 -0.30 12.71 2.47
N CYS A 26 0.69 11.85 2.45
CA CYS A 26 2.06 12.32 2.07
C CYS A 26 2.31 11.97 0.61
N GLY A 27 1.50 11.13 0.04
CA GLY A 27 1.67 10.75 -1.39
C GLY A 27 2.71 9.64 -1.50
N HIS A 28 2.51 8.54 -0.82
CA HIS A 28 3.50 7.43 -0.91
C HIS A 28 2.91 6.28 -1.73
N THR A 29 2.59 5.16 -1.12
CA THR A 29 2.00 4.03 -1.93
C THR A 29 1.96 2.75 -1.09
N LEU A 30 0.94 1.97 -1.28
CA LEU A 30 0.86 0.68 -0.54
C LEU A 30 0.18 -0.38 -1.39
N CYS A 31 0.84 -1.47 -1.61
CA CYS A 31 0.27 -2.56 -2.45
C CYS A 31 -1.08 -3.01 -1.88
N GLU A 32 -1.85 -3.73 -2.65
CA GLU A 32 -3.17 -4.19 -2.11
C GLU A 32 -2.92 -5.08 -0.90
N SER A 33 -1.99 -5.99 -1.01
CA SER A 33 -1.68 -6.90 0.12
C SER A 33 -1.07 -6.14 1.30
N CYS A 34 -0.70 -4.89 1.15
CA CYS A 34 -0.10 -4.18 2.33
C CYS A 34 -1.19 -3.63 3.24
N VAL A 35 -1.99 -2.75 2.73
CA VAL A 35 -3.08 -2.16 3.58
C VAL A 35 -3.73 -3.27 4.42
N ASP A 36 -3.67 -4.50 3.97
CA ASP A 36 -4.28 -5.60 4.76
C ASP A 36 -3.47 -5.87 6.03
N LEU A 37 -2.18 -6.04 5.94
CA LEU A 37 -1.39 -6.30 7.18
C LEU A 37 -0.98 -4.99 7.84
N LEU A 38 -0.85 -3.95 7.07
CA LEU A 38 -0.44 -2.64 7.64
C LEU A 38 -1.39 -2.18 8.76
N PHE A 39 -2.67 -2.16 8.50
CA PHE A 39 -3.64 -1.67 9.53
C PHE A 39 -4.14 -2.77 10.47
N VAL A 40 -4.26 -3.98 10.01
CA VAL A 40 -4.77 -5.04 10.93
C VAL A 40 -3.93 -5.12 12.20
N ARG A 41 -2.71 -4.61 12.17
CA ARG A 41 -1.87 -4.66 13.41
C ARG A 41 -1.98 -3.34 14.18
N GLY A 42 -2.12 -2.23 13.48
CA GLY A 42 -2.21 -0.93 14.19
C GLY A 42 -2.98 0.10 13.35
N ALA A 43 -2.80 0.11 12.06
CA ALA A 43 -3.54 1.12 11.24
C ALA A 43 -3.13 2.54 11.64
N GLY A 44 -2.24 3.15 10.90
CA GLY A 44 -1.81 4.53 11.26
C GLY A 44 -0.29 4.64 11.09
N ASN A 45 0.26 4.03 10.07
CA ASN A 45 1.73 4.12 9.87
C ASN A 45 2.08 3.88 8.40
N CYS A 46 2.52 4.91 7.71
CA CYS A 46 2.87 4.74 6.27
C CYS A 46 3.88 3.60 6.11
N PRO A 47 3.71 2.88 5.04
CA PRO A 47 4.59 1.72 4.72
C PRO A 47 6.02 2.18 4.39
N GLU A 48 6.23 3.45 4.16
CA GLU A 48 7.63 3.91 3.82
C GLU A 48 8.07 5.14 4.63
N CYS A 49 7.15 5.92 5.17
CA CYS A 49 7.59 7.12 5.96
C CYS A 49 6.92 7.11 7.34
N GLY A 50 6.33 6.00 7.70
CA GLY A 50 5.66 5.88 9.03
C GLY A 50 4.98 7.20 9.44
N THR A 51 4.53 7.98 8.49
CA THR A 51 3.84 9.25 8.88
C THR A 51 2.61 8.90 9.73
N PRO A 52 2.26 9.81 10.60
CA PRO A 52 1.09 9.59 11.49
C PRO A 52 -0.21 9.57 10.71
N LEU A 53 -0.55 8.46 10.12
CA LEU A 53 -1.82 8.38 9.34
C LEU A 53 -3.01 8.38 10.31
N ARG A 54 -4.04 9.10 9.99
CA ARG A 54 -5.23 9.15 10.90
C ARG A 54 -5.54 7.75 11.43
N LYS A 55 -5.34 6.75 10.62
CA LYS A 55 -5.62 5.34 11.07
C LYS A 55 -5.62 4.40 9.86
N SER A 56 -5.88 4.91 8.69
CA SER A 56 -5.90 4.06 7.47
C SER A 56 -6.45 4.87 6.29
N ASN A 57 -5.70 5.83 5.82
CA ASN A 57 -6.18 6.65 4.66
C ASN A 57 -5.39 6.28 3.41
N PHE A 58 -5.52 5.06 2.96
CA PHE A 58 -4.78 4.62 1.74
C PHE A 58 -5.72 4.68 0.53
N ARG A 59 -5.49 5.62 -0.35
CA ARG A 59 -6.37 5.75 -1.55
C ARG A 59 -5.83 4.89 -2.68
N VAL A 60 -6.39 3.72 -2.82
CA VAL A 60 -5.92 2.77 -3.87
C VAL A 60 -6.65 2.97 -5.20
N GLN A 61 -6.00 2.59 -6.26
CA GLN A 61 -6.61 2.73 -7.62
C GLN A 61 -5.96 1.72 -8.57
N LEU A 62 -6.57 1.48 -9.69
CA LEU A 62 -5.99 0.50 -10.66
C LEU A 62 -6.64 0.66 -12.03
N PHE A 63 -6.19 1.61 -12.81
CA PHE A 63 -6.79 1.82 -14.15
C PHE A 63 -5.80 1.38 -15.24
N GLU A 64 -6.15 0.37 -16.00
CA GLU A 64 -5.24 -0.11 -17.08
C GLU A 64 -5.13 0.94 -18.19
N ASP A 65 -3.95 1.41 -18.47
CA ASP A 65 -3.79 2.42 -19.55
C ASP A 65 -2.55 2.12 -20.39
ZN ZN B . 2.27 -5.52 0.16
ZN ZN C . 4.11 8.52 3.76
N MET A 1 3.46 -2.25 -10.89
CA MET A 1 4.92 -2.19 -11.16
C MET A 1 5.58 -3.54 -10.87
N ASP A 2 5.12 -4.22 -9.85
CA ASP A 2 5.70 -5.55 -9.50
C ASP A 2 7.16 -5.39 -9.04
N ASP A 3 8.00 -4.84 -9.88
CA ASP A 3 9.43 -4.67 -9.49
C ASP A 3 9.58 -3.46 -8.57
N GLN A 4 8.52 -2.74 -8.33
CA GLN A 4 8.61 -1.54 -7.44
C GLN A 4 7.22 -1.14 -6.94
N GLY A 5 6.49 -2.07 -6.36
CA GLY A 5 5.13 -1.74 -5.86
C GLY A 5 5.06 -2.06 -4.36
N CYS A 6 4.26 -3.04 -3.99
CA CYS A 6 4.14 -3.40 -2.56
C CYS A 6 5.51 -3.32 -1.84
N PRO A 7 5.59 -2.40 -0.91
CA PRO A 7 6.83 -2.23 -0.11
C PRO A 7 6.77 -3.10 1.16
N ARG A 8 5.61 -3.57 1.54
CA ARG A 8 5.51 -4.40 2.79
C ARG A 8 5.44 -5.90 2.44
N CYS A 9 4.40 -6.35 1.81
CA CYS A 9 4.31 -7.81 1.45
C CYS A 9 4.81 -8.04 0.03
N LYS A 10 5.89 -7.38 -0.33
CA LYS A 10 6.46 -7.48 -1.72
C LYS A 10 6.09 -8.79 -2.44
N THR A 11 4.91 -8.87 -3.01
CA THR A 11 4.54 -10.14 -3.71
C THR A 11 3.29 -9.95 -4.56
N THR A 12 2.33 -9.26 -4.02
CA THR A 12 1.04 -9.06 -4.72
C THR A 12 1.18 -8.64 -6.18
N LYS A 13 1.04 -7.38 -6.49
CA LYS A 13 1.11 -6.93 -7.91
C LYS A 13 2.21 -7.67 -8.66
N TYR A 14 3.21 -8.15 -7.97
CA TYR A 14 4.27 -8.92 -8.68
C TYR A 14 3.71 -10.30 -9.00
N ARG A 15 3.09 -10.93 -8.03
CA ARG A 15 2.45 -12.27 -8.28
C ARG A 15 1.01 -12.03 -8.73
N ASN A 16 0.24 -11.43 -7.87
CA ASN A 16 -1.19 -11.13 -8.18
C ASN A 16 -1.24 -9.98 -9.21
N PRO A 17 -1.80 -10.26 -10.36
CA PRO A 17 -1.88 -9.25 -11.44
C PRO A 17 -2.95 -8.18 -11.17
N SER A 18 -4.22 -8.48 -11.37
CA SER A 18 -5.29 -7.46 -11.10
C SER A 18 -4.89 -6.64 -9.88
N LEU A 19 -4.23 -7.29 -8.99
CA LEU A 19 -3.69 -6.67 -7.75
C LEU A 19 -3.43 -5.16 -7.94
N LYS A 20 -3.60 -4.35 -6.92
CA LYS A 20 -3.31 -2.91 -7.11
C LYS A 20 -2.80 -2.29 -5.80
N LEU A 21 -2.10 -1.21 -5.89
CA LEU A 21 -1.55 -0.59 -4.65
C LEU A 21 -2.26 0.72 -4.33
N MET A 22 -2.38 1.02 -3.08
CA MET A 22 -3.05 2.28 -2.68
C MET A 22 -2.04 3.22 -2.03
N VAL A 23 -2.20 4.49 -2.22
CA VAL A 23 -1.23 5.47 -1.62
C VAL A 23 -1.95 6.33 -0.58
N ASN A 24 -1.23 6.86 0.37
CA ASN A 24 -1.89 7.69 1.42
C ASN A 24 -1.36 9.13 1.43
N VAL A 25 -1.93 9.95 2.26
CA VAL A 25 -1.54 11.39 2.38
C VAL A 25 -0.07 11.63 1.94
N CYS A 26 0.89 11.39 2.81
CA CYS A 26 2.32 11.63 2.43
C CYS A 26 2.56 11.22 0.97
N GLY A 27 1.81 10.27 0.48
CA GLY A 27 1.99 9.82 -0.94
C GLY A 27 3.22 8.92 -1.05
N HIS A 28 3.03 7.63 -0.88
CA HIS A 28 4.20 6.71 -0.98
C HIS A 28 3.79 5.43 -1.73
N THR A 29 3.51 4.36 -1.03
CA THR A 29 3.11 3.11 -1.71
C THR A 29 2.59 2.08 -0.70
N LEU A 30 1.43 1.56 -0.94
CA LEU A 30 0.85 0.55 -0.01
C LEU A 30 -0.04 -0.39 -0.81
N CYS A 31 0.49 -1.50 -1.24
CA CYS A 31 -0.29 -2.45 -2.08
C CYS A 31 -1.59 -2.87 -1.38
N GLU A 32 -2.52 -3.40 -2.13
CA GLU A 32 -3.79 -3.88 -1.51
C GLU A 32 -3.47 -4.76 -0.30
N SER A 33 -2.45 -5.60 -0.41
CA SER A 33 -2.06 -6.48 0.72
C SER A 33 -1.32 -5.67 1.80
N CYS A 34 -0.93 -4.45 1.52
CA CYS A 34 -0.24 -3.66 2.58
C CYS A 34 -1.33 -3.03 3.48
N VAL A 35 -2.27 -2.34 2.89
CA VAL A 35 -3.36 -1.74 3.71
C VAL A 35 -3.84 -2.78 4.74
N ASP A 36 -3.69 -4.03 4.46
CA ASP A 36 -4.12 -5.08 5.43
C ASP A 36 -3.09 -5.25 6.56
N LEU A 37 -1.87 -5.58 6.23
CA LEU A 37 -0.85 -5.76 7.30
C LEU A 37 -0.51 -4.41 7.95
N LEU A 38 -0.59 -3.36 7.20
CA LEU A 38 -0.26 -2.02 7.76
C LEU A 38 -1.19 -1.68 8.93
N PHE A 39 -2.47 -1.86 8.76
CA PHE A 39 -3.44 -1.49 9.84
C PHE A 39 -3.68 -2.64 10.82
N VAL A 40 -3.76 -3.85 10.36
CA VAL A 40 -4.02 -4.96 11.32
C VAL A 40 -3.02 -4.87 12.48
N ARG A 41 -1.93 -4.20 12.27
CA ARG A 41 -0.91 -4.07 13.34
C ARG A 41 -1.20 -2.82 14.19
N GLY A 42 -1.85 -1.84 13.62
CA GLY A 42 -2.15 -0.61 14.41
C GLY A 42 -2.92 0.41 13.55
N ALA A 43 -2.70 0.43 12.26
CA ALA A 43 -3.42 1.43 11.41
C ALA A 43 -2.92 2.84 11.72
N GLY A 44 -2.22 3.44 10.80
CA GLY A 44 -1.70 4.82 11.04
C GLY A 44 -0.19 4.81 10.91
N ASN A 45 0.35 3.91 10.11
CA ASN A 45 1.83 3.85 9.95
C ASN A 45 2.19 3.54 8.49
N CYS A 46 2.40 4.56 7.70
CA CYS A 46 2.77 4.33 6.27
C CYS A 46 3.74 3.16 6.14
N PRO A 47 3.59 2.41 5.10
CA PRO A 47 4.47 1.24 4.86
C PRO A 47 5.92 1.69 4.58
N GLU A 48 6.15 2.97 4.50
CA GLU A 48 7.55 3.43 4.22
C GLU A 48 7.97 4.62 5.12
N CYS A 49 7.08 5.52 5.48
CA CYS A 49 7.50 6.66 6.35
C CYS A 49 6.65 6.71 7.62
N GLY A 50 5.94 5.65 7.91
CA GLY A 50 5.09 5.58 9.14
C GLY A 50 4.53 6.96 9.51
N THR A 51 4.13 7.74 8.55
CA THR A 51 3.57 9.09 8.87
C THR A 51 2.35 8.91 9.78
N PRO A 52 2.13 9.88 10.63
CA PRO A 52 0.98 9.83 11.56
C PRO A 52 -0.33 9.96 10.78
N LEU A 53 -0.79 8.88 10.21
CA LEU A 53 -2.06 8.92 9.43
C LEU A 53 -3.26 9.00 10.37
N ARG A 54 -3.20 8.33 11.49
CA ARG A 54 -4.33 8.35 12.45
C ARG A 54 -5.56 7.67 11.86
N LYS A 55 -5.41 7.04 10.72
CA LYS A 55 -6.57 6.35 10.09
C LYS A 55 -6.15 5.66 8.80
N SER A 56 -6.75 4.56 8.48
CA SER A 56 -6.38 3.83 7.22
C SER A 56 -6.72 4.71 6.00
N ASN A 57 -5.89 5.67 5.68
CA ASN A 57 -6.19 6.55 4.50
C ASN A 57 -5.33 6.17 3.30
N PHE A 58 -5.71 5.17 2.56
CA PHE A 58 -4.91 4.75 1.37
C PHE A 58 -5.81 4.62 0.14
N ARG A 59 -5.57 5.39 -0.88
CA ARG A 59 -6.41 5.30 -2.11
C ARG A 59 -5.82 4.26 -3.05
N VAL A 60 -6.53 3.20 -3.27
CA VAL A 60 -6.00 2.10 -4.12
C VAL A 60 -6.32 2.29 -5.61
N GLN A 61 -5.41 1.86 -6.44
CA GLN A 61 -5.59 1.99 -7.91
C GLN A 61 -4.36 1.41 -8.62
N LEU A 62 -4.47 1.04 -9.86
CA LEU A 62 -3.29 0.46 -10.57
C LEU A 62 -3.32 0.85 -12.06
N PHE A 63 -2.69 1.94 -12.40
CA PHE A 63 -2.67 2.38 -13.83
C PHE A 63 -1.86 3.66 -13.97
N GLU A 64 -0.59 3.61 -13.67
CA GLU A 64 0.27 4.82 -13.79
C GLU A 64 0.63 5.06 -15.26
N ASP A 65 0.57 6.30 -15.69
CA ASP A 65 0.91 6.60 -17.11
C ASP A 65 1.34 8.07 -17.25
ZN ZN B . 2.02 -5.17 0.32
ZN ZN C . 4.59 7.75 3.63
#